data_3A51
#
_entry.id   3A51
#
_cell.length_a   77.173
_cell.length_b   171.800
_cell.length_c   189.143
_cell.angle_alpha   90.00
_cell.angle_beta   90.00
_cell.angle_gamma   90.00
#
_symmetry.space_group_name_H-M   'P 21 21 21'
#
loop_
_entity.id
_entity.type
_entity.pdbx_description
1 polymer 'Vitamin D hydroxylase'
2 non-polymer 'PROTOPORPHYRIN IX CONTAINING FE'
3 non-polymer 3-{2-[1-(5-HYDROXY-1,5-DIMETHYL-HEXYL)-7A-METHYL-OCTAHYDRO-INDEN-4-YLIDENE]-ETHYLIDENE}-4-METHYLENE-CYCLOHEXANOL
4 non-polymer 'CALCIUM ION'
5 non-polymer GLYCEROL
6 non-polymer 'ACETATE ION'
7 water water
#
_entity_poly.entity_id   1
_entity_poly.type   'polypeptide(L)'
_entity_poly.pdbx_seq_one_letter_code
;MALTTTGTEQHDLFSGTFWQNPHPAYAALRAEDPVRKLALPDGPVWLLTRYADVREAFVDPRLSKDWRHRLPEDQRADMP
ATPTPMMILMDPPDHTRLRKLVGRSFTVRRMNELEPRITEIADGLLAGLPTDGPVDLMREYAFQIPVQVICELLGLPAED
RDDFSAWSSVLVDDSPADDKNAAMGKLHGYLSDLLERKRTEPDDALLSSLLAVSDMDGDRLSQEELVAMAMLLLIAGHET
TVNLIGNGVLALLTHPDQRKLLAEDPSLISSAVEEFLRFDSPVSQAPIRFTAEDVTYSGVTIPAGEMVMLGLAAANRDAD
WMPEPDRLDITRDASGGVFFGHGIHFCLGAQLARLEGRVAIGRLFADRPELALAVGLDELVYRRSTLVRGLSRMPVTMGP
RSALEHHHHHH
;
_entity_poly.pdbx_strand_id   A,B,C,D,E
#
loop_
_chem_comp.id
_chem_comp.type
_chem_comp.name
_chem_comp.formula
ACT non-polymer 'ACETATE ION' 'C2 H3 O2 -1'
CA non-polymer 'CALCIUM ION' 'Ca 2'
GOL non-polymer GLYCEROL 'C3 H8 O3'
HEM non-polymer 'PROTOPORPHYRIN IX CONTAINING FE' 'C34 H32 Fe N4 O4'
VDY non-polymer 3-{2-[1-(5-HYDROXY-1,5-DIMETHYL-HEXYL)-7A-METHYL-OCTAHYDRO-INDEN-4-YLIDENE]-ETHYLIDENE}-4-METHYLENE-CYCLOHEXANOL 'C27 H44 O2'
#
# COMPACT_ATOMS: atom_id res chain seq x y z
N ALA A 2 -36.77 42.09 28.70
CA ALA A 2 -36.50 40.73 28.14
C ALA A 2 -35.00 40.55 27.91
N LEU A 3 -34.63 39.36 27.42
CA LEU A 3 -33.25 39.00 27.23
C LEU A 3 -32.82 39.25 25.80
N THR A 4 -31.58 39.68 25.61
CA THR A 4 -31.05 39.81 24.26
C THR A 4 -29.60 39.37 24.26
N THR A 5 -29.08 39.06 23.08
CA THR A 5 -27.67 38.68 22.92
C THR A 5 -26.79 39.90 23.10
N THR A 6 -25.68 39.71 23.81
CA THR A 6 -24.69 40.77 23.99
C THR A 6 -23.77 40.78 22.80
N GLY A 7 -23.09 41.90 22.62
CA GLY A 7 -22.02 41.99 21.63
C GLY A 7 -22.46 42.90 20.50
N THR A 8 -21.98 42.61 19.31
CA THR A 8 -22.17 43.46 18.16
C THR A 8 -23.62 43.47 17.65
N GLU A 9 -24.36 42.36 17.86
CA GLU A 9 -25.77 42.27 17.43
C GLU A 9 -26.70 41.92 18.57
N GLN A 10 -27.78 42.67 18.71
CA GLN A 10 -28.78 42.39 19.73
C GLN A 10 -29.99 41.68 19.12
N HIS A 11 -30.21 40.44 19.57
CA HIS A 11 -31.38 39.61 19.16
C HIS A 11 -32.08 39.13 20.41
N ASP A 12 -33.41 39.09 20.35
CA ASP A 12 -34.21 38.60 21.45
C ASP A 12 -33.87 37.14 21.74
N LEU A 13 -33.93 36.81 23.02
CA LEU A 13 -33.66 35.46 23.49
C LEU A 13 -34.83 34.95 24.28
N PHE A 14 -35.45 33.89 23.77
CA PHE A 14 -36.54 33.19 24.43
C PHE A 14 -37.72 34.15 24.74
N SER A 15 -37.93 35.09 23.81
CA SER A 15 -39.04 36.06 23.83
C SER A 15 -38.96 36.75 22.49
N GLY A 16 -39.97 37.55 22.17
CA GLY A 16 -39.95 38.39 20.99
C GLY A 16 -39.74 37.66 19.68
N THR A 17 -38.73 38.07 18.93
CA THR A 17 -38.47 37.51 17.63
C THR A 17 -37.91 36.09 17.68
N PHE A 18 -37.41 35.67 18.85
CA PHE A 18 -36.69 34.37 18.98
C PHE A 18 -37.58 33.21 18.57
N TRP A 19 -38.87 33.27 18.88
CA TRP A 19 -39.76 32.12 18.60
C TRP A 19 -39.99 31.85 17.13
N GLN A 20 -40.05 32.93 16.34
CA GLN A 20 -40.19 32.86 14.91
C GLN A 20 -38.95 32.32 14.21
N ASN A 21 -37.77 32.82 14.59
CA ASN A 21 -36.54 32.39 14.00
C ASN A 21 -35.40 32.63 14.98
N PRO A 22 -34.99 31.56 15.69
CA PRO A 22 -33.94 31.70 16.73
C PRO A 22 -32.53 31.66 16.18
N HIS A 23 -32.40 31.38 14.88
CA HIS A 23 -31.09 31.05 14.35
C HIS A 23 -30.11 32.21 14.33
N PRO A 24 -30.57 33.43 13.97
CA PRO A 24 -29.65 34.55 14.17
C PRO A 24 -29.16 34.72 15.61
N ALA A 25 -30.04 34.60 16.61
CA ALA A 25 -29.66 34.69 18.04
C ALA A 25 -28.60 33.64 18.40
N TYR A 26 -28.85 32.39 18.01
CA TYR A 26 -27.89 31.31 18.22
C TYR A 26 -26.52 31.63 17.64
N ALA A 27 -26.50 32.23 16.45
CA ALA A 27 -25.24 32.54 15.80
C ALA A 27 -24.47 33.63 16.56
N ALA A 28 -25.21 34.59 17.08
CA ALA A 28 -24.62 35.68 17.87
C ALA A 28 -24.12 35.15 19.24
N LEU A 29 -24.86 34.21 19.83
CA LEU A 29 -24.36 33.44 20.99
C LEU A 29 -23.09 32.64 20.66
N ARG A 30 -23.08 31.87 19.58
CA ARG A 30 -21.88 31.15 19.24
C ARG A 30 -20.68 32.10 19.06
N ALA A 31 -20.89 33.22 18.36
CA ALA A 31 -19.79 34.10 17.95
C ALA A 31 -19.25 34.81 19.19
N GLU A 32 -20.17 35.30 20.02
CA GLU A 32 -19.80 36.26 21.03
C GLU A 32 -20.17 35.96 22.48
N ASP A 33 -20.94 34.89 22.73
CA ASP A 33 -21.31 34.56 24.11
C ASP A 33 -21.64 33.05 24.23
N PRO A 34 -20.67 32.18 23.95
CA PRO A 34 -20.99 30.75 23.76
C PRO A 34 -21.36 29.98 25.01
N VAL A 35 -21.14 30.57 26.19
CA VAL A 35 -21.56 30.00 27.44
C VAL A 35 -22.33 31.06 28.21
N ARG A 36 -23.63 31.12 27.95
CA ARG A 36 -24.46 32.26 28.34
C ARG A 36 -25.38 31.89 29.50
N LYS A 37 -25.38 32.70 30.55
CA LYS A 37 -26.36 32.56 31.62
C LYS A 37 -27.61 33.35 31.25
N LEU A 38 -28.74 32.65 31.21
CA LEU A 38 -30.00 33.26 30.83
C LEU A 38 -30.83 33.52 32.09
N ALA A 39 -31.14 34.78 32.34
CA ALA A 39 -31.91 35.12 33.55
C ALA A 39 -33.37 34.90 33.23
N LEU A 40 -33.80 33.64 33.18
CA LEU A 40 -35.18 33.35 32.81
C LEU A 40 -36.12 33.49 34.02
N PRO A 41 -37.45 33.64 33.78
CA PRO A 41 -38.44 33.83 34.85
C PRO A 41 -38.40 32.79 35.97
N ASP A 42 -38.41 31.50 35.64
CA ASP A 42 -38.33 30.43 36.63
C ASP A 42 -36.93 30.26 37.25
N GLY A 43 -35.95 31.11 36.89
CA GLY A 43 -34.60 30.97 37.46
C GLY A 43 -33.54 30.86 36.37
N PRO A 44 -32.24 31.11 36.70
CA PRO A 44 -31.24 31.17 35.65
C PRO A 44 -30.90 29.80 35.05
N VAL A 45 -30.71 29.78 33.73
CA VAL A 45 -30.29 28.57 33.04
C VAL A 45 -29.17 29.00 32.07
N TRP A 46 -28.09 28.23 32.06
CA TRP A 46 -26.99 28.45 31.14
C TRP A 46 -27.22 27.78 29.80
N LEU A 47 -26.60 28.31 28.76
CA LEU A 47 -26.82 27.78 27.44
C LEU A 47 -25.47 27.70 26.73
N LEU A 48 -25.07 26.49 26.35
CA LEU A 48 -23.87 26.25 25.50
C LEU A 48 -24.29 26.09 24.07
N THR A 49 -23.66 26.85 23.16
CA THR A 49 -24.04 26.84 21.75
C THR A 49 -22.95 26.39 20.76
N ARG A 50 -21.68 26.31 21.18
CA ARG A 50 -20.63 25.85 20.22
C ARG A 50 -20.58 24.34 20.12
N TYR A 51 -20.38 23.84 18.91
CA TYR A 51 -20.51 22.39 18.63
C TYR A 51 -19.54 21.57 19.46
N ALA A 52 -18.27 21.98 19.50
CA ALA A 52 -17.25 21.26 20.32
C ALA A 52 -17.57 21.26 21.80
N ASP A 53 -18.11 22.36 22.31
CA ASP A 53 -18.52 22.38 23.73
C ASP A 53 -19.72 21.46 23.96
N VAL A 54 -20.75 21.62 23.15
CA VAL A 54 -21.97 20.80 23.26
C VAL A 54 -21.66 19.30 23.18
N ARG A 55 -20.96 18.87 22.14
CA ARG A 55 -20.69 17.45 21.95
C ARG A 55 -19.93 16.88 23.17
N GLU A 56 -18.86 17.56 23.61
CA GLU A 56 -18.12 17.05 24.78
C GLU A 56 -18.92 17.10 26.09
N ALA A 57 -19.72 18.16 26.28
CA ALA A 57 -20.57 18.26 27.47
C ALA A 57 -21.46 17.04 27.69
N PHE A 58 -21.93 16.45 26.58
CA PHE A 58 -22.81 15.28 26.64
C PHE A 58 -22.12 14.07 27.30
N VAL A 59 -20.80 14.04 27.29
CA VAL A 59 -20.07 12.92 27.93
C VAL A 59 -19.29 13.37 29.18
N ASP A 60 -19.64 14.53 29.71
CA ASP A 60 -18.97 15.09 30.89
C ASP A 60 -19.87 14.77 32.08
N PRO A 61 -19.42 13.85 32.96
CA PRO A 61 -20.29 13.42 34.06
C PRO A 61 -20.57 14.52 35.10
N ARG A 62 -19.81 15.61 35.07
CA ARG A 62 -20.03 16.79 35.94
C ARG A 62 -21.31 17.50 35.57
N LEU A 63 -21.75 17.26 34.35
CA LEU A 63 -23.07 17.71 33.87
C LEU A 63 -24.06 16.57 34.00
N SER A 64 -24.66 16.52 35.19
CA SER A 64 -25.45 15.40 35.68
C SER A 64 -26.94 15.60 35.38
N LYS A 65 -27.73 14.53 35.37
CA LYS A 65 -29.19 14.63 35.29
C LYS A 65 -29.86 14.70 36.67
N ASP A 66 -29.05 14.58 37.72
CA ASP A 66 -29.58 14.55 39.08
C ASP A 66 -29.85 15.99 39.58
N TRP A 67 -31.14 16.32 39.64
CA TRP A 67 -31.60 17.65 40.04
C TRP A 67 -31.27 18.03 41.48
N ARG A 68 -30.84 17.07 42.29
CA ARG A 68 -30.41 17.34 43.66
C ARG A 68 -29.11 18.15 43.74
N HIS A 69 -28.37 18.21 42.62
CA HIS A 69 -27.20 19.06 42.59
C HIS A 69 -27.50 20.57 42.74
N ARG A 70 -28.74 20.97 42.49
CA ARG A 70 -29.16 22.36 42.75
C ARG A 70 -29.16 22.71 44.25
N LEU A 71 -29.30 21.69 45.08
CA LEU A 71 -29.42 21.81 46.55
C LEU A 71 -28.09 21.80 47.26
N PRO A 72 -28.00 22.47 48.43
CA PRO A 72 -26.77 22.24 49.19
C PRO A 72 -26.79 20.77 49.64
N GLU A 73 -25.64 20.16 49.87
CA GLU A 73 -25.57 18.79 50.42
C GLU A 73 -26.54 18.60 51.59
N ASP A 74 -26.60 19.60 52.48
CA ASP A 74 -27.57 19.69 53.61
C ASP A 74 -29.01 19.26 53.33
N GLN A 75 -29.39 19.18 52.04
CA GLN A 75 -30.78 18.98 51.66
C GLN A 75 -31.00 17.83 50.70
N ARG A 76 -29.94 17.12 50.33
CA ARG A 76 -30.05 16.19 49.21
C ARG A 76 -30.54 14.84 49.71
N ALA A 77 -30.20 14.56 50.98
CA ALA A 77 -30.41 13.26 51.64
C ALA A 77 -31.85 12.76 51.55
N ASP A 78 -32.78 13.65 51.89
CA ASP A 78 -34.17 13.32 52.04
C ASP A 78 -34.95 13.33 50.72
N MET A 79 -34.29 13.78 49.66
CA MET A 79 -34.98 14.15 48.42
C MET A 79 -34.94 13.02 47.38
N PRO A 80 -36.03 12.85 46.59
CA PRO A 80 -35.96 11.80 45.59
C PRO A 80 -35.01 12.18 44.44
N ALA A 81 -34.50 11.16 43.73
CA ALA A 81 -33.52 11.36 42.69
C ALA A 81 -34.08 12.08 41.47
N THR A 82 -35.39 12.00 41.31
CA THR A 82 -36.10 12.54 40.14
C THR A 82 -37.50 13.02 40.56
N PRO A 83 -38.11 13.93 39.76
CA PRO A 83 -39.54 14.24 39.97
C PRO A 83 -40.47 13.11 39.53
N THR A 84 -39.99 12.29 38.59
CA THR A 84 -40.67 11.11 38.08
C THR A 84 -39.52 10.21 37.62
N PRO A 85 -39.55 8.90 37.99
CA PRO A 85 -38.37 8.08 37.72
C PRO A 85 -38.13 7.67 36.25
N MET A 86 -37.96 8.66 35.36
CA MET A 86 -37.72 8.43 33.94
C MET A 86 -36.21 8.35 33.76
N MET A 87 -35.74 7.48 32.86
CA MET A 87 -34.30 7.31 32.69
C MET A 87 -33.59 8.57 32.17
N ILE A 88 -34.30 9.41 31.44
CA ILE A 88 -33.71 10.66 30.91
C ILE A 88 -33.38 11.65 32.04
N LEU A 89 -33.89 11.37 33.25
CA LEU A 89 -33.64 12.23 34.42
C LEU A 89 -32.67 11.60 35.42
N MET A 90 -31.94 10.57 34.97
CA MET A 90 -31.09 9.78 35.82
C MET A 90 -29.68 9.70 35.29
N ASP A 91 -28.77 9.47 36.23
CA ASP A 91 -27.38 9.13 35.94
C ASP A 91 -27.21 7.60 36.12
N PRO A 92 -26.05 7.07 35.72
CA PRO A 92 -25.73 5.68 36.05
C PRO A 92 -25.61 5.57 37.59
N PRO A 93 -25.83 4.38 38.16
CA PRO A 93 -26.21 3.11 37.52
C PRO A 93 -27.67 2.95 37.15
N ASP A 94 -28.61 3.72 37.72
CA ASP A 94 -30.01 3.45 37.40
C ASP A 94 -30.30 3.73 35.93
N HIS A 95 -29.65 4.75 35.37
CA HIS A 95 -29.84 5.02 33.93
C HIS A 95 -29.41 3.80 33.12
N THR A 96 -28.23 3.27 33.44
CA THR A 96 -27.68 2.15 32.69
C THR A 96 -28.65 0.95 32.63
N ARG A 97 -29.22 0.64 33.77
CA ARG A 97 -30.12 -0.50 33.91
C ARG A 97 -31.38 -0.36 33.07
N LEU A 98 -32.05 0.78 33.23
CA LEU A 98 -33.31 1.02 32.56
C LEU A 98 -33.09 1.13 31.05
N ARG A 99 -32.00 1.78 30.63
CA ARG A 99 -31.71 1.94 29.18
C ARG A 99 -31.40 0.58 28.53
N LYS A 100 -30.59 -0.22 29.20
CA LYS A 100 -30.27 -1.56 28.74
C LYS A 100 -31.56 -2.35 28.56
N LEU A 101 -32.48 -2.19 29.51
CA LEU A 101 -33.71 -2.96 29.56
C LEU A 101 -34.58 -2.59 28.35
N VAL A 102 -34.89 -1.32 28.20
CA VAL A 102 -35.79 -0.90 27.11
C VAL A 102 -35.12 -0.92 25.72
N GLY A 103 -33.80 -0.78 25.71
CA GLY A 103 -33.04 -0.80 24.49
C GLY A 103 -33.26 -2.11 23.76
N ARG A 104 -33.57 -3.16 24.54
CA ARG A 104 -33.83 -4.54 24.03
C ARG A 104 -35.06 -4.61 23.12
N SER A 105 -35.96 -3.62 23.20
CA SER A 105 -37.20 -3.53 22.39
C SER A 105 -37.11 -2.54 21.23
N PHE A 106 -35.98 -1.83 21.15
CA PHE A 106 -35.79 -0.88 20.05
C PHE A 106 -34.59 -1.37 19.19
N THR A 107 -34.43 -2.71 19.07
CA THR A 107 -33.33 -3.33 18.26
C THR A 107 -33.54 -2.99 16.78
N VAL A 108 -32.47 -3.02 16.01
CA VAL A 108 -32.48 -2.56 14.59
C VAL A 108 -33.56 -3.23 13.72
N ARG A 109 -33.69 -4.56 13.82
CA ARG A 109 -34.72 -5.28 13.08
C ARG A 109 -36.14 -4.87 13.50
N ARG A 110 -36.34 -4.55 14.78
CA ARG A 110 -37.67 -4.23 15.29
C ARG A 110 -38.24 -2.97 14.68
N MET A 111 -37.48 -1.89 14.65
CA MET A 111 -38.09 -0.68 14.14
C MET A 111 -38.36 -0.78 12.62
N ASN A 112 -37.44 -1.35 11.88
CA ASN A 112 -37.64 -1.47 10.44
C ASN A 112 -38.84 -2.31 10.08
N GLU A 113 -39.17 -3.30 10.91
CA GLU A 113 -40.31 -4.14 10.62
C GLU A 113 -41.60 -3.34 10.74
N LEU A 114 -41.49 -2.10 11.23
CA LEU A 114 -42.63 -1.17 11.26
C LEU A 114 -42.83 -0.41 9.96
N GLU A 115 -41.87 -0.44 9.05
CA GLU A 115 -42.01 0.37 7.84
C GLU A 115 -43.33 0.14 7.09
N PRO A 116 -43.68 -1.14 6.85
CA PRO A 116 -44.97 -1.36 6.17
C PRO A 116 -46.17 -0.67 6.82
N ARG A 117 -46.34 -0.81 8.13
CA ARG A 117 -47.46 -0.16 8.80
C ARG A 117 -47.33 1.39 8.79
N ILE A 118 -46.13 1.90 9.01
CA ILE A 118 -45.96 3.38 9.01
C ILE A 118 -46.37 3.96 7.64
N THR A 119 -45.93 3.29 6.59
CA THR A 119 -46.33 3.65 5.23
C THR A 119 -47.84 3.60 4.98
N GLU A 120 -48.52 2.56 5.45
CA GLU A 120 -49.98 2.47 5.36
C GLU A 120 -50.64 3.62 6.10
N ILE A 121 -50.13 3.95 7.31
CA ILE A 121 -50.69 5.07 8.05
C ILE A 121 -50.52 6.38 7.28
N ALA A 122 -49.31 6.64 6.81
CA ALA A 122 -49.04 7.85 6.02
C ALA A 122 -49.92 7.91 4.75
N ASP A 123 -49.95 6.82 3.99
CA ASP A 123 -50.76 6.76 2.74
C ASP A 123 -52.25 7.00 2.99
N GLY A 124 -52.76 6.43 4.07
CA GLY A 124 -54.16 6.66 4.50
C GLY A 124 -54.45 8.11 4.81
N LEU A 125 -53.59 8.72 5.63
CA LEU A 125 -53.69 10.15 5.87
C LEU A 125 -53.67 10.98 4.60
N LEU A 126 -52.72 10.72 3.70
CA LEU A 126 -52.63 11.48 2.44
C LEU A 126 -53.90 11.32 1.56
N ALA A 127 -54.42 10.10 1.50
CA ALA A 127 -55.64 9.86 0.72
C ALA A 127 -56.83 10.62 1.31
N GLY A 128 -56.85 10.81 2.63
CA GLY A 128 -57.92 11.62 3.26
C GLY A 128 -57.80 13.12 3.23
N LEU A 129 -56.70 13.66 2.73
CA LEU A 129 -56.51 15.12 2.67
C LEU A 129 -57.13 15.68 1.39
N PRO A 130 -57.78 16.84 1.50
CA PRO A 130 -58.49 17.48 0.40
C PRO A 130 -57.54 18.16 -0.57
N THR A 131 -58.00 18.37 -1.81
CA THR A 131 -57.17 18.96 -2.86
C THR A 131 -56.92 20.43 -2.69
N ASP A 132 -57.91 21.22 -2.29
CA ASP A 132 -57.60 22.63 -2.08
C ASP A 132 -58.21 23.35 -0.88
N GLY A 133 -59.20 22.76 -0.20
CA GLY A 133 -59.66 23.33 1.06
C GLY A 133 -58.51 23.46 2.06
N PRO A 134 -58.73 24.22 3.16
CA PRO A 134 -57.67 24.41 4.16
C PRO A 134 -57.22 23.13 4.88
N VAL A 135 -55.91 22.99 5.00
CA VAL A 135 -55.30 21.91 5.76
C VAL A 135 -54.23 22.52 6.69
N ASP A 136 -54.35 22.22 7.98
CA ASP A 136 -53.24 22.41 8.92
C ASP A 136 -52.38 21.14 8.83
N LEU A 137 -51.25 21.23 8.14
CA LEU A 137 -50.42 20.05 7.95
C LEU A 137 -49.85 19.49 9.26
N MET A 138 -49.75 20.33 10.30
CA MET A 138 -49.32 19.85 11.63
C MET A 138 -50.39 18.90 12.21
N ARG A 139 -51.56 19.42 12.57
CA ARG A 139 -52.58 18.57 13.19
C ARG A 139 -53.01 17.39 12.34
N GLU A 140 -53.07 17.59 11.02
CA GLU A 140 -53.66 16.60 10.11
C GLU A 140 -52.70 15.60 9.48
N TYR A 141 -51.40 15.78 9.69
CA TYR A 141 -50.47 14.85 9.08
C TYR A 141 -49.22 14.61 9.91
N ALA A 142 -48.46 15.69 10.16
CA ALA A 142 -47.18 15.62 10.87
C ALA A 142 -47.34 15.13 12.30
N PHE A 143 -48.36 15.61 12.99
CA PHE A 143 -48.72 15.14 14.33
C PHE A 143 -49.25 13.71 14.34
N GLN A 144 -50.07 13.39 13.35
CA GLN A 144 -50.85 12.12 13.35
C GLN A 144 -49.99 10.89 13.18
N ILE A 145 -49.03 10.95 12.25
CA ILE A 145 -48.16 9.78 12.01
C ILE A 145 -47.43 9.28 13.27
N PRO A 146 -46.63 10.14 13.93
CA PRO A 146 -45.92 9.63 15.11
C PRO A 146 -46.84 9.19 16.27
N VAL A 147 -47.96 9.87 16.42
CA VAL A 147 -48.89 9.58 17.53
C VAL A 147 -49.54 8.22 17.29
N GLN A 148 -49.99 7.96 16.05
CA GLN A 148 -50.54 6.64 15.72
C GLN A 148 -49.51 5.52 15.91
N VAL A 149 -48.28 5.78 15.51
CA VAL A 149 -47.22 4.80 15.64
C VAL A 149 -46.96 4.54 17.12
N ILE A 150 -46.88 5.59 17.93
CA ILE A 150 -46.55 5.37 19.33
C ILE A 150 -47.68 4.63 20.05
N CYS A 151 -48.92 4.96 19.69
CA CYS A 151 -50.09 4.30 20.29
C CYS A 151 -50.06 2.79 19.97
N GLU A 152 -49.77 2.45 18.72
CA GLU A 152 -49.64 1.05 18.30
C GLU A 152 -48.45 0.33 18.90
N LEU A 153 -47.30 1.00 18.98
CA LEU A 153 -46.11 0.40 19.58
C LEU A 153 -46.30 0.11 21.08
N LEU A 154 -46.90 1.05 21.80
CA LEU A 154 -47.10 0.90 23.24
C LEU A 154 -48.36 0.10 23.62
N GLY A 155 -49.38 0.20 22.77
CA GLY A 155 -50.72 -0.34 23.05
C GLY A 155 -51.56 0.67 23.83
N LEU A 156 -51.65 1.89 23.31
CA LEU A 156 -52.46 2.95 23.93
C LEU A 156 -53.81 2.97 23.24
N PRO A 157 -54.91 2.92 24.03
CA PRO A 157 -56.26 2.99 23.45
C PRO A 157 -56.45 4.27 22.62
N ALA A 158 -56.87 4.08 21.38
CA ALA A 158 -57.21 5.18 20.45
C ALA A 158 -58.26 6.13 21.03
N GLU A 159 -59.23 5.58 21.74
CA GLU A 159 -60.29 6.39 22.33
C GLU A 159 -59.79 7.42 23.37
N ASP A 160 -58.56 7.23 23.86
CA ASP A 160 -58.03 8.10 24.91
C ASP A 160 -57.03 9.15 24.40
N ARG A 161 -56.78 9.15 23.10
CA ARG A 161 -55.77 10.00 22.48
C ARG A 161 -55.94 11.49 22.76
N ASP A 162 -57.17 11.98 22.71
CA ASP A 162 -57.41 13.41 22.98
C ASP A 162 -57.02 13.81 24.39
N ASP A 163 -57.24 12.91 25.34
CA ASP A 163 -56.88 13.19 26.72
C ASP A 163 -55.37 13.24 26.88
N PHE A 164 -54.65 12.16 26.52
CA PHE A 164 -53.19 12.15 26.78
C PHE A 164 -52.36 13.04 25.85
N SER A 165 -52.87 13.33 24.64
CA SER A 165 -52.18 14.31 23.80
C SER A 165 -52.18 15.70 24.45
N ALA A 166 -53.25 16.04 25.15
CA ALA A 166 -53.31 17.31 25.86
C ALA A 166 -52.33 17.40 27.03
N TRP A 167 -52.19 16.32 27.80
CA TRP A 167 -51.29 16.30 28.95
C TRP A 167 -49.84 16.36 28.45
N SER A 168 -49.56 15.56 27.43
CA SER A 168 -48.25 15.59 26.77
C SER A 168 -47.79 17.00 26.34
N SER A 169 -48.65 17.78 25.69
CA SER A 169 -48.15 19.06 25.13
C SER A 169 -47.78 20.07 26.19
N VAL A 170 -48.51 20.06 27.31
CA VAL A 170 -48.28 20.99 28.43
C VAL A 170 -46.89 20.77 29.02
N LEU A 171 -46.43 19.51 29.00
CA LEU A 171 -45.15 19.15 29.63
C LEU A 171 -43.91 19.64 28.86
N VAL A 172 -44.10 20.00 27.61
CA VAL A 172 -42.97 20.23 26.71
C VAL A 172 -42.83 21.73 26.33
N ASP A 173 -43.82 22.54 26.68
CA ASP A 173 -43.76 23.96 26.34
C ASP A 173 -43.67 24.84 27.56
N ASP A 174 -43.85 26.15 27.38
CA ASP A 174 -43.68 27.13 28.45
C ASP A 174 -44.85 27.22 29.45
N SER A 175 -45.65 26.15 29.57
CA SER A 175 -46.77 26.11 30.51
C SER A 175 -46.31 26.33 31.97
N PRO A 176 -47.15 27.00 32.80
CA PRO A 176 -46.84 27.17 34.22
C PRO A 176 -46.52 25.86 34.94
N ALA A 177 -45.63 25.95 35.94
CA ALA A 177 -45.18 24.80 36.70
C ALA A 177 -46.34 24.07 37.35
N ASP A 178 -47.35 24.82 37.80
CA ASP A 178 -48.54 24.20 38.36
C ASP A 178 -49.23 23.36 37.31
N ASP A 179 -49.36 23.88 36.08
CA ASP A 179 -50.03 23.18 34.97
C ASP A 179 -49.31 21.90 34.56
N LYS A 180 -47.99 21.97 34.54
CA LYS A 180 -47.17 20.83 34.23
C LYS A 180 -47.34 19.76 35.30
N ASN A 181 -47.30 20.15 36.57
CA ASN A 181 -47.53 19.20 37.66
C ASN A 181 -48.88 18.50 37.59
N ALA A 182 -49.94 19.23 37.25
CA ALA A 182 -51.27 18.64 37.05
C ALA A 182 -51.32 17.65 35.87
N ALA A 183 -50.78 18.07 34.72
CA ALA A 183 -50.66 17.20 33.53
C ALA A 183 -49.93 15.88 33.83
N MET A 184 -48.79 15.96 34.50
CA MET A 184 -48.03 14.75 34.87
C MET A 184 -48.85 13.84 35.79
N GLY A 185 -49.59 14.45 36.73
CA GLY A 185 -50.48 13.74 37.64
C GLY A 185 -51.55 12.97 36.88
N LYS A 186 -52.20 13.62 35.92
CA LYS A 186 -53.23 12.98 35.11
C LYS A 186 -52.67 11.86 34.23
N LEU A 187 -51.46 12.09 33.71
CA LEU A 187 -50.77 11.10 32.91
C LEU A 187 -50.31 9.93 33.76
N HIS A 188 -49.79 10.21 34.93
CA HIS A 188 -49.39 9.12 35.82
C HIS A 188 -50.60 8.24 36.17
N GLY A 189 -51.70 8.87 36.61
CA GLY A 189 -52.95 8.15 36.89
C GLY A 189 -53.52 7.34 35.74
N TYR A 190 -53.58 7.96 34.56
CA TYR A 190 -54.06 7.30 33.36
C TYR A 190 -53.27 6.04 33.06
N LEU A 191 -51.96 6.16 33.13
CA LEU A 191 -51.09 5.07 32.70
C LEU A 191 -51.02 4.00 33.76
N SER A 192 -51.13 4.40 35.02
CA SER A 192 -51.19 3.47 36.14
C SER A 192 -52.45 2.60 36.00
N ASP A 193 -53.58 3.25 35.75
CA ASP A 193 -54.85 2.54 35.56
C ASP A 193 -54.78 1.64 34.34
N LEU A 194 -54.26 2.17 33.23
CA LEU A 194 -54.09 1.37 32.01
C LEU A 194 -53.25 0.11 32.24
N LEU A 195 -52.16 0.23 32.99
CA LEU A 195 -51.31 -0.95 33.26
C LEU A 195 -52.04 -2.01 34.12
N GLU A 196 -52.80 -1.53 35.11
CA GLU A 196 -53.70 -2.40 35.90
C GLU A 196 -54.63 -3.20 35.02
N ARG A 197 -55.25 -2.55 34.02
CA ARG A 197 -56.09 -3.25 33.05
C ARG A 197 -55.33 -4.22 32.14
N LYS A 198 -54.13 -3.83 31.69
CA LYS A 198 -53.29 -4.73 30.89
C LYS A 198 -52.87 -6.00 31.63
N ARG A 199 -52.68 -5.93 32.93
CA ARG A 199 -52.32 -7.15 33.68
C ARG A 199 -53.38 -8.26 33.42
N THR A 200 -54.65 -7.86 33.50
CA THR A 200 -55.81 -8.74 33.32
C THR A 200 -56.03 -9.13 31.87
N GLU A 201 -55.90 -8.17 30.96
CA GLU A 201 -55.86 -8.51 29.53
C GLU A 201 -54.66 -7.94 28.81
N PRO A 202 -53.56 -8.71 28.78
CA PRO A 202 -52.34 -8.32 28.09
C PRO A 202 -52.53 -8.25 26.58
N ASP A 203 -51.65 -7.52 25.92
CA ASP A 203 -51.56 -7.57 24.48
C ASP A 203 -50.11 -7.82 24.09
N ASP A 204 -49.81 -7.78 22.80
CA ASP A 204 -48.46 -8.04 22.40
C ASP A 204 -47.57 -6.79 22.25
N ALA A 205 -48.09 -5.63 22.67
CA ALA A 205 -47.40 -4.37 22.46
C ALA A 205 -46.47 -4.12 23.65
N LEU A 206 -45.74 -3.01 23.63
CA LEU A 206 -44.62 -2.80 24.56
C LEU A 206 -44.94 -2.70 26.05
N LEU A 207 -46.02 -2.00 26.40
CA LEU A 207 -46.37 -1.79 27.81
C LEU A 207 -46.72 -3.13 28.51
N SER A 208 -47.41 -4.04 27.82
CA SER A 208 -47.61 -5.41 28.34
C SER A 208 -46.30 -6.15 28.51
N SER A 209 -45.40 -6.06 27.53
CA SER A 209 -44.13 -6.75 27.65
C SER A 209 -43.34 -6.21 28.83
N LEU A 210 -43.31 -4.90 28.98
CA LEU A 210 -42.58 -4.33 30.11
C LEU A 210 -43.26 -4.60 31.46
N LEU A 211 -44.59 -4.67 31.48
CA LEU A 211 -45.32 -4.94 32.72
C LEU A 211 -44.96 -6.36 33.19
N ALA A 212 -44.80 -7.28 32.24
CA ALA A 212 -44.42 -8.67 32.51
C ALA A 212 -43.00 -8.74 33.07
N VAL A 213 -42.07 -7.98 32.48
CA VAL A 213 -40.71 -7.89 33.00
C VAL A 213 -40.70 -7.43 34.46
N SER A 214 -41.45 -6.36 34.71
CA SER A 214 -41.59 -5.78 36.04
C SER A 214 -42.20 -6.75 37.07
N ASP A 215 -43.25 -7.44 36.64
CA ASP A 215 -43.89 -8.51 37.41
C ASP A 215 -42.92 -9.64 37.77
N MET A 216 -42.08 -10.03 36.81
CA MET A 216 -41.07 -11.06 37.02
C MET A 216 -39.87 -10.64 37.86
N ASP A 217 -39.46 -9.38 37.76
CA ASP A 217 -38.22 -8.96 38.42
C ASP A 217 -38.30 -7.47 38.66
N GLY A 218 -38.87 -7.11 39.82
CA GLY A 218 -39.10 -5.73 40.20
C GLY A 218 -37.86 -4.90 40.53
N ASP A 219 -36.71 -5.55 40.73
CA ASP A 219 -35.43 -4.85 40.84
C ASP A 219 -34.84 -4.48 39.47
N ARG A 220 -35.22 -5.19 38.43
CA ARG A 220 -34.89 -4.78 37.07
C ARG A 220 -35.81 -3.60 36.64
N LEU A 221 -37.10 -3.68 36.95
CA LEU A 221 -38.02 -2.61 36.62
C LEU A 221 -39.12 -2.50 37.68
N SER A 222 -39.11 -1.43 38.44
CA SER A 222 -40.12 -1.22 39.46
C SER A 222 -41.42 -0.72 38.83
N GLN A 223 -42.51 -0.83 39.56
CA GLN A 223 -43.80 -0.40 39.05
C GLN A 223 -43.79 1.10 38.73
N GLU A 224 -43.17 1.87 39.60
CA GLU A 224 -43.10 3.32 39.39
C GLU A 224 -42.20 3.66 38.19
N GLU A 225 -41.09 2.94 38.05
CA GLU A 225 -40.20 3.07 36.86
C GLU A 225 -40.94 2.69 35.58
N LEU A 226 -41.76 1.65 35.68
CA LEU A 226 -42.57 1.20 34.56
C LEU A 226 -43.55 2.29 34.06
N VAL A 227 -44.25 2.94 34.98
CA VAL A 227 -45.19 4.00 34.63
C VAL A 227 -44.43 5.22 34.05
N ALA A 228 -43.28 5.53 34.66
CA ALA A 228 -42.47 6.68 34.21
C ALA A 228 -41.89 6.41 32.82
N MET A 229 -41.46 5.18 32.55
CA MET A 229 -41.06 4.79 31.20
C MET A 229 -42.19 4.94 30.16
N ALA A 230 -43.39 4.46 30.51
CA ALA A 230 -44.52 4.62 29.63
C ALA A 230 -44.78 6.09 29.37
N MET A 231 -44.69 6.91 30.40
CA MET A 231 -44.93 8.34 30.24
CA MET A 231 -44.92 8.36 30.29
C MET A 231 -43.91 9.00 29.33
N LEU A 232 -42.63 8.67 29.54
CA LEU A 232 -41.57 9.21 28.70
C LEU A 232 -41.73 8.83 27.22
N LEU A 233 -42.05 7.56 26.96
CA LEU A 233 -42.22 7.05 25.61
C LEU A 233 -43.44 7.67 24.95
N LEU A 234 -44.51 7.88 25.70
CA LEU A 234 -45.70 8.50 25.16
C LEU A 234 -45.40 9.96 24.73
N ILE A 235 -44.74 10.71 25.61
CA ILE A 235 -44.49 12.13 25.35
C ILE A 235 -43.52 12.28 24.17
N ALA A 236 -42.44 11.50 24.17
CA ALA A 236 -41.54 11.42 22.99
C ALA A 236 -42.31 11.09 21.73
N GLY A 237 -43.32 10.24 21.82
CA GLY A 237 -44.10 9.88 20.65
C GLY A 237 -45.01 10.99 20.15
N HIS A 238 -45.32 11.98 20.98
CA HIS A 238 -46.20 13.11 20.64
C HIS A 238 -45.48 14.39 20.25
N GLU A 239 -44.25 14.58 20.73
CA GLU A 239 -43.64 15.92 20.74
C GLU A 239 -42.29 16.06 20.03
N THR A 240 -41.86 15.06 19.30
CA THR A 240 -40.52 15.11 18.69
C THR A 240 -40.60 15.00 17.17
N THR A 241 -40.89 13.79 16.71
CA THR A 241 -40.91 13.48 15.27
C THR A 241 -41.84 14.41 14.50
N VAL A 242 -42.93 14.80 15.13
CA VAL A 242 -43.88 15.77 14.56
C VAL A 242 -43.16 17.03 14.01
N ASN A 243 -42.11 17.46 14.70
CA ASN A 243 -41.35 18.65 14.31
C ASN A 243 -40.22 18.42 13.37
N LEU A 244 -39.72 17.18 13.31
CA LEU A 244 -38.92 16.77 12.16
C LEU A 244 -39.76 16.84 10.87
N ILE A 245 -40.94 16.26 10.91
CA ILE A 245 -41.84 16.32 9.76
C ILE A 245 -42.16 17.78 9.40
N GLY A 246 -42.63 18.57 10.35
CA GLY A 246 -43.01 19.94 10.11
C GLY A 246 -41.86 20.82 9.64
N ASN A 247 -40.73 20.75 10.37
CA ASN A 247 -39.56 21.57 10.03
C ASN A 247 -38.95 21.15 8.71
N GLY A 248 -38.95 19.84 8.44
CA GLY A 248 -38.41 19.31 7.19
C GLY A 248 -39.29 19.64 6.00
N VAL A 249 -40.58 19.41 6.13
CA VAL A 249 -41.53 19.91 5.12
C VAL A 249 -41.32 21.41 4.84
N LEU A 250 -41.34 22.25 5.87
CA LEU A 250 -41.10 23.72 5.71
C LEU A 250 -39.78 24.06 4.98
N ALA A 251 -38.69 23.38 5.33
CA ALA A 251 -37.40 23.52 4.64
C ALA A 251 -37.52 23.28 3.12
N LEU A 252 -38.20 22.19 2.71
CA LEU A 252 -38.45 21.95 1.29
C LEU A 252 -39.35 23.01 0.67
N LEU A 253 -40.39 23.42 1.40
CA LEU A 253 -41.32 24.43 0.92
C LEU A 253 -40.65 25.77 0.69
N THR A 254 -39.72 26.12 1.58
CA THR A 254 -38.97 27.35 1.46
C THR A 254 -37.68 27.27 0.63
N HIS A 255 -37.29 26.08 0.14
CA HIS A 255 -36.09 25.91 -0.70
C HIS A 255 -36.36 25.07 -1.96
N PRO A 256 -36.92 25.70 -3.01
CA PRO A 256 -37.30 25.04 -4.30
C PRO A 256 -36.21 24.22 -4.93
N ASP A 257 -34.98 24.70 -4.85
CA ASP A 257 -33.84 24.01 -5.38
C ASP A 257 -33.70 22.62 -4.70
N GLN A 258 -33.91 22.57 -3.38
CA GLN A 258 -33.70 21.29 -2.65
C GLN A 258 -34.91 20.38 -2.87
N ARG A 259 -36.08 20.99 -2.88
CA ARG A 259 -37.30 20.25 -3.23
C ARG A 259 -37.21 19.60 -4.63
N LYS A 260 -36.66 20.35 -5.60
CA LYS A 260 -36.44 19.83 -6.95
C LYS A 260 -35.46 18.64 -6.98
N LEU A 261 -34.37 18.74 -6.21
CA LEU A 261 -33.43 17.63 -6.11
C LEU A 261 -34.08 16.35 -5.53
N LEU A 262 -34.90 16.53 -4.51
CA LEU A 262 -35.62 15.39 -3.94
C LEU A 262 -36.64 14.80 -4.96
N ALA A 263 -37.36 15.66 -5.67
CA ALA A 263 -38.32 15.19 -6.66
C ALA A 263 -37.61 14.37 -7.77
N GLU A 264 -36.39 14.79 -8.12
CA GLU A 264 -35.61 14.15 -9.17
C GLU A 264 -34.90 12.86 -8.72
N ASP A 265 -34.59 12.77 -7.43
CA ASP A 265 -34.04 11.55 -6.84
C ASP A 265 -34.71 11.38 -5.47
N PRO A 266 -35.89 10.74 -5.45
CA PRO A 266 -36.58 10.44 -4.19
C PRO A 266 -35.72 9.68 -3.19
N SER A 267 -34.72 8.96 -3.65
CA SER A 267 -33.83 8.21 -2.76
C SER A 267 -32.93 9.13 -1.91
N LEU A 268 -32.91 10.43 -2.20
CA LEU A 268 -32.18 11.39 -1.35
C LEU A 268 -32.87 11.55 -0.01
N ILE A 269 -34.07 11.01 0.14
CA ILE A 269 -34.87 11.27 1.37
C ILE A 269 -34.16 10.97 2.70
N SER A 270 -33.40 9.88 2.80
CA SER A 270 -32.73 9.64 4.10
C SER A 270 -31.59 10.61 4.36
N SER A 271 -30.80 10.95 3.33
CA SER A 271 -29.83 12.05 3.45
C SER A 271 -30.53 13.36 3.80
N ALA A 272 -31.69 13.62 3.18
CA ALA A 272 -32.49 14.83 3.41
C ALA A 272 -32.94 14.91 4.86
N VAL A 273 -33.44 13.80 5.39
CA VAL A 273 -33.84 13.76 6.80
C VAL A 273 -32.66 14.11 7.75
N GLU A 274 -31.46 13.58 7.51
CA GLU A 274 -30.31 13.94 8.37
C GLU A 274 -30.08 15.45 8.27
N GLU A 275 -30.27 16.00 7.07
CA GLU A 275 -30.07 17.44 6.88
C GLU A 275 -31.12 18.30 7.54
N PHE A 276 -32.41 17.88 7.52
CA PHE A 276 -33.45 18.61 8.24
C PHE A 276 -33.20 18.63 9.75
N LEU A 277 -32.73 17.50 10.27
CA LEU A 277 -32.43 17.36 11.71
C LEU A 277 -31.34 18.33 12.12
N ARG A 278 -30.34 18.48 11.25
CA ARG A 278 -29.25 19.48 11.43
C ARG A 278 -29.72 20.93 11.28
N PHE A 279 -30.39 21.20 10.16
CA PHE A 279 -30.71 22.58 9.71
C PHE A 279 -31.72 23.30 10.59
N ASP A 280 -32.66 22.55 11.19
CA ASP A 280 -33.71 23.16 12.01
C ASP A 280 -34.10 22.11 13.07
N SER A 281 -33.18 21.89 14.01
CA SER A 281 -33.27 20.78 14.94
C SER A 281 -34.55 20.83 15.77
N PRO A 282 -35.38 19.74 15.71
CA PRO A 282 -36.69 19.67 16.42
C PRO A 282 -36.56 19.74 17.95
N VAL A 283 -35.48 19.21 18.50
CA VAL A 283 -35.14 19.43 19.92
C VAL A 283 -34.04 20.47 19.93
N SER A 284 -34.48 21.68 20.27
CA SER A 284 -33.70 22.90 20.10
C SER A 284 -32.62 22.99 21.18
N GLN A 285 -33.01 22.71 22.42
CA GLN A 285 -32.08 22.60 23.54
C GLN A 285 -32.33 21.24 24.22
N ALA A 286 -31.26 20.52 24.53
CA ALA A 286 -31.42 19.28 25.28
C ALA A 286 -32.08 19.59 26.63
N PRO A 287 -32.89 18.65 27.13
CA PRO A 287 -33.35 18.85 28.50
C PRO A 287 -32.19 19.06 29.48
N ILE A 288 -32.49 19.80 30.55
CA ILE A 288 -31.51 20.35 31.48
C ILE A 288 -30.53 19.32 32.13
N ARG A 289 -29.28 19.76 32.30
CA ARG A 289 -28.27 19.09 33.10
C ARG A 289 -27.95 19.99 34.27
N PHE A 290 -27.33 19.41 35.30
CA PHE A 290 -27.04 20.15 36.52
C PHE A 290 -25.55 19.99 36.79
N THR A 291 -24.86 21.09 37.06
CA THR A 291 -23.44 21.02 37.42
C THR A 291 -23.25 20.45 38.83
N ALA A 292 -22.56 19.32 38.88
CA ALA A 292 -22.29 18.62 40.14
C ALA A 292 -21.00 19.24 40.73
N GLU A 293 -20.19 19.87 39.88
CA GLU A 293 -19.06 20.69 40.30
C GLU A 293 -18.88 21.77 39.27
N ASP A 294 -17.98 22.72 39.54
CA ASP A 294 -17.65 23.76 38.56
C ASP A 294 -17.18 23.14 37.26
N VAL A 295 -17.64 23.68 36.13
CA VAL A 295 -17.13 23.21 34.84
C VAL A 295 -16.75 24.41 34.02
N THR A 296 -15.76 24.24 33.14
CA THR A 296 -15.28 25.33 32.30
C THR A 296 -15.34 25.01 30.80
N TYR A 297 -16.03 25.85 30.03
CA TYR A 297 -16.17 25.64 28.59
C TYR A 297 -15.95 27.01 27.95
N SER A 298 -15.14 27.05 26.91
CA SER A 298 -14.82 28.30 26.20
C SER A 298 -14.40 29.43 27.14
N GLY A 299 -13.64 29.10 28.18
CA GLY A 299 -13.07 30.14 29.06
C GLY A 299 -14.02 30.61 30.14
N VAL A 300 -15.22 30.03 30.20
CA VAL A 300 -16.28 30.48 31.10
C VAL A 300 -16.56 29.34 32.10
N THR A 301 -16.50 29.65 33.39
CA THR A 301 -16.75 28.65 34.42
C THR A 301 -18.19 28.76 34.93
N ILE A 302 -18.92 27.67 34.78
CA ILE A 302 -20.26 27.58 35.34
C ILE A 302 -20.14 26.93 36.72
N PRO A 303 -20.61 27.63 37.78
CA PRO A 303 -20.44 27.03 39.11
C PRO A 303 -21.28 25.79 39.35
N ALA A 304 -20.85 24.95 40.28
CA ALA A 304 -21.69 23.87 40.81
C ALA A 304 -23.11 24.37 41.15
N GLY A 305 -24.10 23.53 40.91
CA GLY A 305 -25.47 23.82 41.37
C GLY A 305 -26.34 24.52 40.35
N GLU A 306 -25.83 24.62 39.12
CA GLU A 306 -26.51 25.40 38.07
C GLU A 306 -27.19 24.49 37.05
N MET A 307 -28.20 25.05 36.38
CA MET A 307 -28.94 24.36 35.34
C MET A 307 -28.36 24.75 33.98
N VAL A 308 -28.20 23.76 33.11
CA VAL A 308 -27.49 23.92 31.84
C VAL A 308 -28.23 23.22 30.69
N MET A 309 -28.55 23.99 29.66
CA MET A 309 -29.07 23.47 28.39
C MET A 309 -27.95 23.37 27.37
N LEU A 310 -27.92 22.24 26.66
CA LEU A 310 -26.98 22.09 25.54
C LEU A 310 -27.74 22.51 24.30
N GLY A 311 -27.21 23.51 23.58
CA GLY A 311 -27.93 24.16 22.49
C GLY A 311 -27.76 23.37 21.23
N LEU A 312 -28.67 22.43 20.97
CA LEU A 312 -28.52 21.54 19.80
C LEU A 312 -28.76 22.23 18.45
N ALA A 313 -29.84 23.04 18.36
CA ALA A 313 -30.14 23.77 17.10
C ALA A 313 -28.97 24.72 16.75
N ALA A 314 -28.41 25.34 17.79
CA ALA A 314 -27.28 26.23 17.66
C ALA A 314 -26.03 25.51 17.20
N ALA A 315 -25.62 24.45 17.93
CA ALA A 315 -24.40 23.70 17.60
C ALA A 315 -24.44 23.11 16.20
N ASN A 316 -25.63 22.65 15.77
CA ASN A 316 -25.76 22.02 14.43
C ASN A 316 -25.64 23.00 13.27
N ARG A 317 -25.67 24.31 13.57
CA ARG A 317 -25.27 25.29 12.54
C ARG A 317 -23.91 25.96 12.83
N ASP A 318 -23.03 25.28 13.58
CA ASP A 318 -21.70 25.88 13.91
C ASP A 318 -20.77 25.69 12.72
N ALA A 319 -20.36 26.80 12.10
CA ALA A 319 -19.47 26.78 10.93
C ALA A 319 -18.13 26.13 11.20
N ASP A 320 -17.72 26.12 12.47
CA ASP A 320 -16.49 25.42 12.87
C ASP A 320 -16.65 23.94 12.66
N TRP A 321 -17.88 23.44 12.74
CA TRP A 321 -18.14 22.01 12.50
C TRP A 321 -18.60 21.71 11.06
N MET A 322 -19.57 22.49 10.56
CA MET A 322 -20.23 22.25 9.26
C MET A 322 -19.94 23.45 8.35
N PRO A 323 -19.24 23.24 7.23
CA PRO A 323 -19.09 24.34 6.30
C PRO A 323 -20.43 24.85 5.76
N GLU A 324 -20.55 26.17 5.65
CA GLU A 324 -21.71 26.80 5.10
C GLU A 324 -22.93 26.24 5.84
N PRO A 325 -22.98 26.40 7.18
CA PRO A 325 -24.00 25.73 8.01
C PRO A 325 -25.39 26.26 7.80
N ASP A 326 -25.50 27.47 7.25
CA ASP A 326 -26.79 28.08 6.99
C ASP A 326 -27.42 27.67 5.66
N ARG A 327 -26.67 26.94 4.85
CA ARG A 327 -27.17 26.40 3.58
C ARG A 327 -27.88 25.05 3.80
N LEU A 328 -29.09 24.92 3.28
CA LEU A 328 -29.78 23.63 3.30
C LEU A 328 -29.25 22.84 2.12
N ASP A 329 -28.62 21.69 2.40
CA ASP A 329 -28.11 20.86 1.33
C ASP A 329 -28.40 19.39 1.62
N ILE A 330 -29.48 18.88 1.04
CA ILE A 330 -29.91 17.50 1.27
C ILE A 330 -28.98 16.44 0.74
N THR A 331 -27.97 16.84 -0.02
CA THR A 331 -26.96 15.90 -0.56
C THR A 331 -25.72 15.72 0.34
N ARG A 332 -25.60 16.51 1.42
CA ARG A 332 -24.46 16.35 2.35
C ARG A 332 -24.34 14.89 2.81
N ASP A 333 -23.11 14.39 2.89
CA ASP A 333 -22.88 13.10 3.50
C ASP A 333 -22.80 13.33 5.00
N ALA A 334 -23.90 13.04 5.69
CA ALA A 334 -24.06 13.42 7.10
C ALA A 334 -23.12 12.61 8.01
N SER A 335 -22.57 13.26 9.04
CA SER A 335 -21.89 12.59 10.15
C SER A 335 -21.71 13.53 11.34
N GLY A 336 -21.86 13.02 12.54
CA GLY A 336 -21.76 13.85 13.72
C GLY A 336 -23.16 14.36 13.90
N GLY A 337 -23.32 15.57 14.39
CA GLY A 337 -24.71 16.07 14.50
C GLY A 337 -25.11 15.79 15.93
N VAL A 338 -25.72 16.74 16.61
CA VAL A 338 -26.08 16.50 18.00
C VAL A 338 -27.59 16.58 18.20
N PHE A 339 -28.34 16.47 17.10
CA PHE A 339 -29.80 16.60 17.15
C PHE A 339 -30.48 15.45 17.91
N PHE A 340 -29.81 14.29 17.97
CA PHE A 340 -30.31 13.15 18.80
C PHE A 340 -29.53 13.04 20.10
N GLY A 341 -28.72 14.04 20.42
CA GLY A 341 -27.87 13.99 21.61
C GLY A 341 -26.60 13.24 21.35
N HIS A 342 -25.99 12.70 22.40
CA HIS A 342 -24.66 12.08 22.24
C HIS A 342 -24.31 11.38 23.56
N GLY A 343 -23.75 10.19 23.49
CA GLY A 343 -23.31 9.50 24.69
C GLY A 343 -24.43 8.66 25.25
N ILE A 344 -24.48 8.53 26.56
CA ILE A 344 -25.34 7.52 27.18
C ILE A 344 -26.85 7.78 27.05
N HIS A 345 -27.27 9.05 26.99
CA HIS A 345 -28.67 9.37 26.75
C HIS A 345 -29.04 9.53 25.27
N PHE A 346 -28.16 9.12 24.36
CA PHE A 346 -28.44 9.28 22.93
C PHE A 346 -29.84 8.77 22.58
N CYS A 347 -30.58 9.54 21.81
CA CYS A 347 -31.97 9.21 21.50
C CYS A 347 -32.28 7.71 21.29
N LEU A 348 -33.07 7.18 22.22
CA LEU A 348 -33.58 5.82 22.13
C LEU A 348 -34.42 5.64 20.88
N GLY A 349 -35.13 6.69 20.51
CA GLY A 349 -36.01 6.60 19.34
C GLY A 349 -35.39 7.08 18.03
N ALA A 350 -34.07 7.17 17.92
CA ALA A 350 -33.42 7.78 16.72
C ALA A 350 -33.77 7.05 15.41
N GLN A 351 -33.71 5.73 15.43
CA GLN A 351 -34.06 4.91 14.24
C GLN A 351 -35.54 5.06 13.87
N LEU A 352 -36.39 5.03 14.89
CA LEU A 352 -37.82 5.18 14.68
C LEU A 352 -38.17 6.57 14.11
N ALA A 353 -37.60 7.64 14.68
CA ALA A 353 -37.85 9.01 14.18
C ALA A 353 -37.35 9.19 12.74
N ARG A 354 -36.20 8.61 12.42
CA ARG A 354 -35.64 8.71 11.08
C ARG A 354 -36.56 8.02 10.06
N LEU A 355 -37.04 6.84 10.45
CA LEU A 355 -37.94 6.03 9.62
C LEU A 355 -39.28 6.75 9.47
N GLU A 356 -39.90 7.17 10.58
CA GLU A 356 -41.11 8.00 10.50
C GLU A 356 -40.92 9.23 9.62
N GLY A 357 -39.79 9.94 9.79
CA GLY A 357 -39.49 11.15 9.01
C GLY A 357 -39.41 10.94 7.51
N ARG A 358 -38.64 9.93 7.09
CA ARG A 358 -38.46 9.66 5.63
C ARG A 358 -39.75 9.15 4.99
N VAL A 359 -40.49 8.28 5.69
CA VAL A 359 -41.83 7.87 5.23
C VAL A 359 -42.80 9.05 5.14
N ALA A 360 -42.96 9.82 6.21
CA ALA A 360 -43.92 10.91 6.20
C ALA A 360 -43.58 11.95 5.12
N ILE A 361 -42.32 12.43 5.12
CA ILE A 361 -41.94 13.49 4.16
C ILE A 361 -41.83 12.94 2.75
N GLY A 362 -41.20 11.78 2.59
CA GLY A 362 -41.02 11.14 1.27
C GLY A 362 -42.37 10.94 0.55
N ARG A 363 -43.32 10.32 1.25
CA ARG A 363 -44.65 9.99 0.67
C ARG A 363 -45.50 11.22 0.42
N LEU A 364 -45.37 12.21 1.32
CA LEU A 364 -46.10 13.45 1.14
C LEU A 364 -45.77 14.15 -0.19
N PHE A 365 -44.48 14.43 -0.40
CA PHE A 365 -43.99 15.07 -1.62
C PHE A 365 -44.21 14.22 -2.89
N ALA A 366 -44.12 12.90 -2.77
CA ALA A 366 -44.49 11.99 -3.86
C ALA A 366 -45.98 12.07 -4.23
N ASP A 367 -46.84 12.03 -3.21
CA ASP A 367 -48.30 12.07 -3.41
C ASP A 367 -48.80 13.43 -3.84
N ARG A 368 -48.23 14.50 -3.27
CA ARG A 368 -48.72 15.85 -3.50
C ARG A 368 -47.58 16.76 -3.98
N PRO A 369 -47.11 16.55 -5.22
CA PRO A 369 -45.92 17.31 -5.60
C PRO A 369 -46.16 18.83 -5.78
N GLU A 370 -47.42 19.26 -5.79
CA GLU A 370 -47.75 20.70 -5.81
C GLU A 370 -48.02 21.30 -4.44
N LEU A 371 -47.70 20.59 -3.36
CA LEU A 371 -47.94 21.10 -2.01
C LEU A 371 -47.32 22.49 -1.88
N ALA A 372 -48.02 23.40 -1.24
CA ALA A 372 -47.53 24.75 -1.02
C ALA A 372 -48.09 25.31 0.28
N LEU A 373 -47.38 26.24 0.91
CA LEU A 373 -47.95 26.98 2.03
C LEU A 373 -49.19 27.78 1.62
N ALA A 374 -50.10 28.00 2.55
CA ALA A 374 -51.29 28.81 2.29
C ALA A 374 -51.25 30.13 3.04
N VAL A 375 -50.12 30.42 3.68
CA VAL A 375 -49.86 31.72 4.24
C VAL A 375 -48.44 32.13 3.89
N GLY A 376 -48.10 33.39 4.11
CA GLY A 376 -46.70 33.85 4.05
C GLY A 376 -45.90 33.24 5.19
N LEU A 377 -44.61 33.03 4.94
CA LEU A 377 -43.67 32.52 5.95
C LEU A 377 -43.75 33.28 7.25
N ASP A 378 -43.84 34.60 7.18
CA ASP A 378 -43.92 35.45 8.38
C ASP A 378 -45.18 35.29 9.22
N GLU A 379 -46.20 34.60 8.69
CA GLU A 379 -47.46 34.40 9.40
C GLU A 379 -47.46 33.09 10.20
N LEU A 380 -46.44 32.26 9.98
CA LEU A 380 -46.34 30.98 10.73
C LEU A 380 -46.08 31.23 12.20
N VAL A 381 -46.81 30.51 13.03
CA VAL A 381 -46.75 30.66 14.48
C VAL A 381 -46.02 29.45 15.07
N TYR A 382 -45.00 29.71 15.87
CA TYR A 382 -44.28 28.65 16.58
C TYR A 382 -44.65 28.54 18.06
N ARG A 383 -44.53 27.31 18.56
CA ARG A 383 -44.71 27.04 19.97
CA ARG A 383 -44.71 27.04 19.97
C ARG A 383 -43.64 27.75 20.79
N ARG A 384 -44.01 28.24 21.98
CA ARG A 384 -43.01 28.73 22.94
C ARG A 384 -42.55 27.59 23.83
N SER A 385 -41.28 27.20 23.67
CA SER A 385 -40.74 26.05 24.38
C SER A 385 -39.23 26.20 24.42
N THR A 386 -38.64 25.86 25.56
CA THR A 386 -37.16 25.74 25.66
C THR A 386 -36.66 24.35 25.22
N LEU A 387 -37.59 23.48 24.81
CA LEU A 387 -37.24 22.13 24.38
C LEU A 387 -37.42 21.86 22.89
N VAL A 388 -38.46 22.40 22.28
CA VAL A 388 -38.77 22.04 20.92
C VAL A 388 -38.83 23.26 20.01
N ARG A 389 -38.35 23.08 18.79
CA ARG A 389 -38.58 24.05 17.74
C ARG A 389 -39.69 23.44 16.87
N GLY A 390 -40.91 23.96 17.04
CA GLY A 390 -42.08 23.31 16.48
C GLY A 390 -43.17 24.30 16.08
N LEU A 391 -43.73 24.08 14.90
CA LEU A 391 -44.84 24.91 14.41
C LEU A 391 -46.08 24.60 15.21
N SER A 392 -46.83 25.65 15.50
CA SER A 392 -48.10 25.50 16.17
C SER A 392 -49.15 24.97 15.17
N ARG A 393 -49.12 25.52 13.96
CA ARG A 393 -49.98 25.11 12.82
C ARG A 393 -49.18 25.33 11.56
N MET A 394 -49.55 24.66 10.47
CA MET A 394 -48.97 24.91 9.16
C MET A 394 -50.06 24.93 8.05
N PRO A 395 -50.66 26.11 7.80
CA PRO A 395 -51.66 26.20 6.72
C PRO A 395 -51.05 25.88 5.36
N VAL A 396 -51.60 24.86 4.70
CA VAL A 396 -51.14 24.45 3.38
C VAL A 396 -52.30 24.27 2.36
N THR A 397 -51.95 24.22 1.10
CA THR A 397 -52.83 23.75 0.06
C THR A 397 -52.17 22.51 -0.48
N MET A 398 -52.88 21.39 -0.43
CA MET A 398 -52.31 20.12 -0.84
C MET A 398 -51.98 20.07 -2.33
N GLY A 399 -52.91 20.59 -3.15
CA GLY A 399 -52.82 20.37 -4.59
C GLY A 399 -53.25 18.96 -4.98
N PRO A 400 -53.22 18.65 -6.28
CA PRO A 400 -53.75 17.35 -6.73
C PRO A 400 -52.85 16.16 -6.43
N ARG A 401 -53.45 14.99 -6.21
CA ARG A 401 -52.71 13.73 -6.06
C ARG A 401 -51.96 13.43 -7.36
N SER A 402 -50.71 12.97 -7.21
CA SER A 402 -49.91 12.55 -8.35
C SER A 402 -50.55 11.36 -9.09
N ALA A 403 -50.42 11.33 -10.41
CA ALA A 403 -50.97 10.23 -11.23
C ALA A 403 -49.93 9.16 -11.61
N ALA B 2 -41.77 7.14 -25.12
CA ALA B 2 -43.11 6.90 -25.74
C ALA B 2 -43.29 5.49 -26.33
N LEU B 3 -42.31 4.61 -26.14
CA LEU B 3 -42.47 3.22 -26.57
C LEU B 3 -43.13 2.39 -25.49
N THR B 4 -43.93 1.42 -25.93
CA THR B 4 -44.63 0.49 -25.03
C THR B 4 -44.70 -0.92 -25.63
N THR B 5 -44.84 -1.93 -24.78
CA THR B 5 -44.97 -3.30 -25.27
C THR B 5 -46.30 -3.48 -26.05
N THR B 6 -46.28 -4.34 -27.06
CA THR B 6 -47.53 -4.71 -27.75
C THR B 6 -48.17 -5.89 -27.03
N GLY B 7 -49.45 -6.11 -27.31
CA GLY B 7 -50.27 -7.05 -26.54
C GLY B 7 -51.11 -6.22 -25.58
N THR B 8 -51.96 -6.91 -24.82
CA THR B 8 -52.95 -6.24 -23.97
C THR B 8 -52.30 -5.24 -23.00
N GLU B 9 -51.23 -5.68 -22.34
CA GLU B 9 -50.61 -4.84 -21.34
C GLU B 9 -49.42 -4.05 -21.88
N GLN B 10 -49.58 -2.74 -21.78
CA GLN B 10 -48.75 -1.76 -22.45
C GLN B 10 -47.67 -1.20 -21.49
N HIS B 11 -46.57 -1.93 -21.34
CA HIS B 11 -45.46 -1.50 -20.48
C HIS B 11 -44.50 -0.56 -21.21
N ASP B 12 -44.17 0.57 -20.58
CA ASP B 12 -43.11 1.49 -21.04
C ASP B 12 -41.85 0.73 -21.44
N LEU B 13 -41.22 1.13 -22.53
CA LEU B 13 -39.96 0.53 -22.95
C LEU B 13 -38.90 1.61 -23.05
N PHE B 14 -37.83 1.47 -22.26
CA PHE B 14 -36.70 2.37 -22.29
C PHE B 14 -37.14 3.82 -22.04
N SER B 15 -38.17 3.96 -21.20
CA SER B 15 -38.71 5.23 -20.74
C SER B 15 -39.65 4.96 -19.58
N GLY B 16 -40.10 6.02 -18.93
CA GLY B 16 -41.05 5.93 -17.81
C GLY B 16 -40.71 4.83 -16.82
N THR B 17 -41.68 3.94 -16.57
CA THR B 17 -41.56 2.84 -15.59
C THR B 17 -40.47 1.80 -15.86
N PHE B 18 -39.98 1.71 -17.10
CA PHE B 18 -39.02 0.67 -17.50
C PHE B 18 -37.77 0.74 -16.60
N TRP B 19 -37.31 1.93 -16.27
CA TRP B 19 -36.02 2.07 -15.57
C TRP B 19 -36.05 1.49 -14.16
N GLN B 20 -37.17 1.73 -13.48
CA GLN B 20 -37.37 1.29 -12.14
C GLN B 20 -37.43 -0.23 -12.07
N ASN B 21 -38.13 -0.86 -13.03
CA ASN B 21 -38.28 -2.31 -13.06
C ASN B 21 -38.66 -2.71 -14.50
N PRO B 22 -37.68 -3.20 -15.26
CA PRO B 22 -37.93 -3.58 -16.68
C PRO B 22 -38.47 -5.02 -16.80
N HIS B 23 -38.52 -5.75 -15.69
CA HIS B 23 -38.79 -7.18 -15.80
C HIS B 23 -40.19 -7.56 -16.34
N PRO B 24 -41.28 -6.88 -15.89
CA PRO B 24 -42.60 -7.11 -16.52
C PRO B 24 -42.60 -6.80 -18.03
N ALA B 25 -42.00 -5.67 -18.42
CA ALA B 25 -41.82 -5.33 -19.84
C ALA B 25 -41.11 -6.44 -20.60
N TYR B 26 -40.01 -6.95 -20.04
CA TYR B 26 -39.26 -8.04 -20.67
C TYR B 26 -40.12 -9.31 -20.83
N ALA B 27 -41.00 -9.54 -19.86
CA ALA B 27 -41.78 -10.77 -19.80
C ALA B 27 -42.82 -10.70 -20.91
N ALA B 28 -43.40 -9.52 -21.06
CA ALA B 28 -44.37 -9.19 -22.09
C ALA B 28 -43.78 -9.29 -23.51
N LEU B 29 -42.55 -8.78 -23.69
CA LEU B 29 -41.82 -9.00 -24.92
C LEU B 29 -41.63 -10.49 -25.24
N ARG B 30 -41.18 -11.30 -24.28
CA ARG B 30 -40.87 -12.67 -24.60
C ARG B 30 -42.16 -13.41 -25.02
N ALA B 31 -43.28 -13.00 -24.42
CA ALA B 31 -44.58 -13.67 -24.62
C ALA B 31 -45.31 -13.15 -25.88
N GLU B 32 -45.25 -11.85 -26.12
CA GLU B 32 -46.01 -11.20 -27.18
C GLU B 32 -45.21 -10.65 -28.38
N ASP B 33 -43.93 -10.28 -28.19
CA ASP B 33 -43.11 -9.66 -29.25
C ASP B 33 -41.62 -9.93 -29.03
N PRO B 34 -41.18 -11.18 -29.16
CA PRO B 34 -39.82 -11.52 -28.76
C PRO B 34 -38.69 -11.00 -29.65
N VAL B 35 -39.03 -10.41 -30.80
CA VAL B 35 -38.05 -9.83 -31.72
C VAL B 35 -38.65 -8.52 -32.17
N ARG B 36 -38.32 -7.47 -31.42
CA ARG B 36 -39.02 -6.22 -31.51
C ARG B 36 -38.06 -5.11 -31.93
N LYS B 37 -38.47 -4.35 -32.95
CA LYS B 37 -37.74 -3.18 -33.44
C LYS B 37 -38.15 -1.99 -32.58
N LEU B 38 -37.17 -1.42 -31.88
CA LEU B 38 -37.42 -0.30 -31.00
C LEU B 38 -37.09 0.99 -31.71
N ALA B 39 -38.06 1.89 -31.77
CA ALA B 39 -37.83 3.17 -32.41
C ALA B 39 -37.20 4.11 -31.39
N LEU B 40 -35.93 3.86 -31.08
CA LEU B 40 -35.18 4.67 -30.12
C LEU B 40 -34.76 6.03 -30.74
N PRO B 41 -34.72 7.11 -29.91
CA PRO B 41 -34.45 8.46 -30.44
C PRO B 41 -33.17 8.61 -31.28
N ASP B 42 -32.20 7.72 -31.07
CA ASP B 42 -30.94 7.72 -31.83
C ASP B 42 -30.92 6.81 -33.07
N GLY B 43 -32.07 6.21 -33.39
CA GLY B 43 -32.11 5.23 -34.47
C GLY B 43 -32.69 3.89 -34.02
N PRO B 44 -33.37 3.18 -34.93
CA PRO B 44 -34.03 1.92 -34.53
C PRO B 44 -33.06 0.78 -34.18
N VAL B 45 -33.41 0.01 -33.15
CA VAL B 45 -32.64 -1.15 -32.72
C VAL B 45 -33.58 -2.28 -32.37
N TRP B 46 -33.23 -3.48 -32.79
CA TRP B 46 -34.02 -4.67 -32.56
C TRP B 46 -33.62 -5.31 -31.23
N LEU B 47 -34.59 -5.79 -30.48
CA LEU B 47 -34.29 -6.46 -29.22
C LEU B 47 -34.83 -7.87 -29.22
N LEU B 48 -33.95 -8.83 -28.94
CA LEU B 48 -34.33 -10.21 -28.80
C LEU B 48 -34.36 -10.54 -27.31
N THR B 49 -35.45 -11.18 -26.89
CA THR B 49 -35.71 -11.43 -25.47
C THR B 49 -35.84 -12.91 -25.07
N ARG B 50 -36.01 -13.82 -26.04
CA ARG B 50 -36.06 -15.26 -25.69
C ARG B 50 -34.69 -15.82 -25.56
N TYR B 51 -34.52 -16.64 -24.53
CA TYR B 51 -33.27 -17.29 -24.22
C TYR B 51 -32.67 -18.04 -25.41
N ALA B 52 -33.48 -18.87 -26.08
CA ALA B 52 -33.02 -19.66 -27.22
C ALA B 52 -32.51 -18.78 -28.37
N ASP B 53 -33.25 -17.74 -28.70
CA ASP B 53 -32.80 -16.77 -29.70
C ASP B 53 -31.48 -16.08 -29.32
N VAL B 54 -31.37 -15.66 -28.06
CA VAL B 54 -30.24 -14.88 -27.59
C VAL B 54 -28.98 -15.74 -27.65
N ARG B 55 -29.10 -16.97 -27.18
CA ARG B 55 -28.02 -17.92 -27.18
C ARG B 55 -27.55 -18.27 -28.62
N GLU B 56 -28.51 -18.38 -29.53
CA GLU B 56 -28.21 -18.68 -30.93
C GLU B 56 -27.56 -17.47 -31.59
N ALA B 57 -28.09 -16.28 -31.29
CA ALA B 57 -27.59 -15.04 -31.83
C ALA B 57 -26.14 -14.77 -31.46
N PHE B 58 -25.73 -15.18 -30.25
CA PHE B 58 -24.36 -14.92 -29.78
C PHE B 58 -23.33 -15.57 -30.66
N VAL B 59 -23.72 -16.67 -31.30
CA VAL B 59 -22.84 -17.48 -32.15
C VAL B 59 -23.29 -17.50 -33.64
N ASP B 60 -24.18 -16.59 -34.00
CA ASP B 60 -24.59 -16.34 -35.38
C ASP B 60 -23.54 -15.37 -36.01
N PRO B 61 -22.71 -15.88 -36.95
CA PRO B 61 -21.70 -15.05 -37.62
C PRO B 61 -22.29 -13.94 -38.49
N ARG B 62 -23.57 -14.06 -38.85
CA ARG B 62 -24.30 -13.03 -39.56
C ARG B 62 -24.60 -11.83 -38.66
N LEU B 63 -24.46 -12.01 -37.35
CA LEU B 63 -24.62 -10.92 -36.40
C LEU B 63 -23.25 -10.38 -36.02
N SER B 64 -22.82 -9.32 -36.69
CA SER B 64 -21.42 -8.89 -36.63
C SER B 64 -21.21 -7.74 -35.61
N LYS B 65 -19.96 -7.52 -35.20
CA LYS B 65 -19.61 -6.33 -34.39
C LYS B 65 -19.19 -5.13 -35.25
N ASP B 66 -19.06 -5.35 -36.55
CA ASP B 66 -18.60 -4.31 -37.50
C ASP B 66 -19.71 -3.34 -37.94
N TRP B 67 -19.62 -2.12 -37.45
CA TRP B 67 -20.65 -1.13 -37.68
C TRP B 67 -20.75 -0.66 -39.13
N ARG B 68 -19.72 -0.95 -39.94
CA ARG B 68 -19.78 -0.70 -41.38
C ARG B 68 -20.91 -1.46 -42.08
N HIS B 69 -21.38 -2.57 -41.50
CA HIS B 69 -22.61 -3.23 -42.00
C HIS B 69 -23.83 -2.31 -42.06
N ARG B 70 -23.79 -1.16 -41.38
CA ARG B 70 -24.88 -0.20 -41.48
C ARG B 70 -24.94 0.54 -42.82
N LEU B 71 -23.80 0.66 -43.48
CA LEU B 71 -23.69 1.42 -44.73
C LEU B 71 -23.90 0.48 -45.90
N PRO B 72 -24.45 0.99 -47.01
CA PRO B 72 -24.39 0.15 -48.21
C PRO B 72 -22.97 0.07 -48.70
N GLU B 73 -22.65 -0.92 -49.52
CA GLU B 73 -21.30 -0.99 -50.07
C GLU B 73 -20.84 0.34 -50.70
N ASP B 74 -21.72 0.96 -51.47
CA ASP B 74 -21.37 2.19 -52.20
C ASP B 74 -20.78 3.31 -51.32
N GLN B 75 -21.15 3.36 -50.04
CA GLN B 75 -20.60 4.37 -49.13
C GLN B 75 -19.59 3.83 -48.09
N ARG B 76 -19.28 2.54 -48.20
CA ARG B 76 -18.49 1.82 -47.20
C ARG B 76 -16.99 2.02 -47.29
N ALA B 77 -16.49 2.41 -48.47
CA ALA B 77 -15.06 2.34 -48.79
C ALA B 77 -14.18 3.13 -47.82
N ASP B 78 -13.10 2.52 -47.35
CA ASP B 78 -12.13 3.25 -46.52
C ASP B 78 -12.76 3.92 -45.29
N MET B 79 -13.69 3.21 -44.66
CA MET B 79 -14.31 3.71 -43.42
C MET B 79 -13.66 3.00 -42.24
N PRO B 80 -13.54 3.69 -41.09
CA PRO B 80 -12.91 3.02 -39.94
C PRO B 80 -13.72 1.80 -39.53
N ALA B 81 -13.04 0.75 -39.07
CA ALA B 81 -13.69 -0.48 -38.65
C ALA B 81 -14.48 -0.29 -37.34
N THR B 82 -14.11 0.74 -36.56
CA THR B 82 -14.66 1.03 -35.23
C THR B 82 -14.62 2.53 -34.95
N PRO B 83 -15.43 3.02 -33.97
CA PRO B 83 -15.23 4.38 -33.45
C PRO B 83 -14.01 4.54 -32.49
N THR B 84 -13.54 3.42 -31.96
CA THR B 84 -12.33 3.29 -31.13
C THR B 84 -11.96 1.82 -31.23
N PRO B 85 -10.68 1.49 -31.46
CA PRO B 85 -10.26 0.11 -31.73
C PRO B 85 -10.28 -0.91 -30.58
N MET B 86 -11.40 -1.01 -29.87
CA MET B 86 -11.62 -2.08 -28.86
C MET B 86 -12.06 -3.41 -29.48
N MET B 87 -11.57 -4.52 -28.94
CA MET B 87 -11.91 -5.85 -29.45
C MET B 87 -13.40 -6.22 -29.37
N ILE B 88 -14.11 -5.62 -28.43
CA ILE B 88 -15.56 -5.85 -28.28
C ILE B 88 -16.34 -5.26 -29.46
N LEU B 89 -15.70 -4.33 -30.19
CA LEU B 89 -16.32 -3.73 -31.39
C LEU B 89 -15.83 -4.35 -32.72
N MET B 90 -15.27 -5.57 -32.65
CA MET B 90 -14.55 -6.18 -33.76
C MET B 90 -14.99 -7.62 -33.99
N ASP B 91 -14.69 -8.14 -35.19
CA ASP B 91 -14.88 -9.54 -35.55
C ASP B 91 -13.49 -10.17 -35.69
N PRO B 92 -13.38 -11.51 -35.76
CA PRO B 92 -12.09 -12.07 -36.22
C PRO B 92 -11.70 -11.50 -37.62
N PRO B 93 -10.38 -11.36 -37.89
CA PRO B 93 -9.25 -11.85 -37.11
C PRO B 93 -8.72 -10.85 -36.07
N ASP B 94 -9.13 -9.59 -36.15
CA ASP B 94 -8.60 -8.58 -35.27
C ASP B 94 -9.07 -8.82 -33.84
N HIS B 95 -10.36 -9.14 -33.67
CA HIS B 95 -10.86 -9.51 -32.33
C HIS B 95 -9.99 -10.64 -31.75
N THR B 96 -9.71 -11.65 -32.56
CA THR B 96 -8.97 -12.84 -32.14
C THR B 96 -7.57 -12.54 -31.62
N ARG B 97 -6.85 -11.68 -32.34
CA ARG B 97 -5.47 -11.38 -32.02
C ARG B 97 -5.42 -10.57 -30.73
N LEU B 98 -6.26 -9.55 -30.64
CA LEU B 98 -6.32 -8.69 -29.47
C LEU B 98 -6.77 -9.44 -28.22
N ARG B 99 -7.74 -10.34 -28.39
CA ARG B 99 -8.26 -11.16 -27.29
C ARG B 99 -7.18 -12.07 -26.70
N LYS B 100 -6.38 -12.73 -27.56
CA LYS B 100 -5.26 -13.59 -27.15
C LYS B 100 -4.18 -12.87 -26.31
N LEU B 101 -3.96 -11.59 -26.59
CA LEU B 101 -2.97 -10.83 -25.87
C LEU B 101 -3.32 -10.67 -24.38
N VAL B 102 -4.60 -10.36 -24.10
CA VAL B 102 -5.08 -10.21 -22.72
C VAL B 102 -5.63 -11.48 -22.08
N GLY B 103 -6.02 -12.44 -22.90
CA GLY B 103 -6.64 -13.68 -22.39
C GLY B 103 -5.88 -14.29 -21.23
N ARG B 104 -4.56 -14.31 -21.35
CA ARG B 104 -3.67 -14.91 -20.34
C ARG B 104 -3.70 -14.19 -18.98
N SER B 105 -3.89 -12.86 -19.01
CA SER B 105 -3.89 -12.08 -17.80
C SER B 105 -5.20 -12.22 -17.00
N PHE B 106 -6.22 -12.86 -17.59
CA PHE B 106 -7.55 -12.92 -16.98
C PHE B 106 -8.08 -14.32 -16.74
N THR B 107 -7.19 -15.30 -16.68
CA THR B 107 -7.59 -16.70 -16.50
C THR B 107 -8.20 -16.91 -15.12
N VAL B 108 -9.00 -17.97 -14.96
CA VAL B 108 -9.58 -18.34 -13.66
C VAL B 108 -8.50 -18.40 -12.58
N ARG B 109 -7.35 -18.97 -12.91
CA ARG B 109 -6.26 -19.15 -11.97
C ARG B 109 -5.57 -17.82 -11.60
N ARG B 110 -5.41 -16.93 -12.57
CA ARG B 110 -4.81 -15.62 -12.31
C ARG B 110 -5.70 -14.74 -11.44
N MET B 111 -7.00 -14.92 -11.60
CA MET B 111 -7.95 -14.08 -10.89
C MET B 111 -8.14 -14.61 -9.48
N ASN B 112 -8.19 -15.94 -9.36
CA ASN B 112 -8.26 -16.60 -8.07
C ASN B 112 -7.17 -16.17 -7.08
N GLU B 113 -5.98 -15.84 -7.60
CA GLU B 113 -4.88 -15.40 -6.74
C GLU B 113 -5.01 -13.92 -6.34
N LEU B 114 -6.03 -13.24 -6.88
CA LEU B 114 -6.40 -11.88 -6.46
C LEU B 114 -7.35 -11.83 -5.26
N GLU B 115 -7.95 -12.98 -4.92
CA GLU B 115 -8.94 -13.00 -3.85
C GLU B 115 -8.46 -12.37 -2.51
N PRO B 116 -7.23 -12.73 -2.03
CA PRO B 116 -6.75 -12.15 -0.76
C PRO B 116 -6.76 -10.63 -0.74
N ARG B 117 -6.29 -10.01 -1.81
CA ARG B 117 -6.29 -8.57 -1.94
C ARG B 117 -7.73 -8.03 -2.05
N ILE B 118 -8.58 -8.69 -2.85
CA ILE B 118 -9.98 -8.27 -2.95
C ILE B 118 -10.63 -8.30 -1.55
N THR B 119 -10.31 -9.34 -0.79
CA THR B 119 -10.79 -9.50 0.58
C THR B 119 -10.26 -8.38 1.51
N GLU B 120 -8.97 -8.03 1.39
CA GLU B 120 -8.41 -6.90 2.14
C GLU B 120 -9.16 -5.60 1.82
N ILE B 121 -9.36 -5.34 0.54
CA ILE B 121 -10.10 -4.15 0.09
C ILE B 121 -11.52 -4.11 0.69
N ALA B 122 -12.27 -5.19 0.56
CA ALA B 122 -13.62 -5.26 1.12
C ALA B 122 -13.59 -5.04 2.63
N ASP B 123 -12.70 -5.77 3.32
CA ASP B 123 -12.62 -5.70 4.78
C ASP B 123 -12.24 -4.31 5.26
N GLY B 124 -11.35 -3.63 4.54
CA GLY B 124 -10.95 -2.26 4.87
C GLY B 124 -12.12 -1.29 4.80
N LEU B 125 -12.97 -1.45 3.79
CA LEU B 125 -14.15 -0.61 3.62
C LEU B 125 -15.16 -0.89 4.71
N LEU B 126 -15.39 -2.16 5.00
CA LEU B 126 -16.30 -2.55 6.07
C LEU B 126 -15.88 -2.03 7.46
N ALA B 127 -14.58 -2.07 7.75
CA ALA B 127 -14.07 -1.57 9.02
C ALA B 127 -14.42 -0.09 9.22
N GLY B 128 -14.35 0.69 8.13
CA GLY B 128 -14.48 2.15 8.20
C GLY B 128 -15.86 2.73 7.99
N LEU B 129 -16.82 1.92 7.57
CA LEU B 129 -18.18 2.42 7.40
C LEU B 129 -18.99 2.58 8.70
N PRO B 130 -19.83 3.64 8.79
CA PRO B 130 -20.45 3.91 10.09
C PRO B 130 -21.54 2.92 10.47
N THR B 131 -21.74 2.73 11.78
CA THR B 131 -22.71 1.76 12.26
C THR B 131 -24.13 2.33 12.29
N ASP B 132 -24.26 3.65 12.44
CA ASP B 132 -25.56 4.29 12.50
C ASP B 132 -25.66 5.36 11.41
N GLY B 133 -26.90 5.69 11.03
CA GLY B 133 -27.14 6.74 10.04
C GLY B 133 -27.02 6.18 8.64
N PRO B 134 -27.57 6.90 7.64
CA PRO B 134 -27.59 6.39 6.26
C PRO B 134 -26.24 6.53 5.54
N VAL B 135 -25.88 5.51 4.76
CA VAL B 135 -24.73 5.57 3.86
C VAL B 135 -25.19 5.10 2.47
N ASP B 136 -24.65 5.69 1.42
CA ASP B 136 -24.91 5.21 0.08
C ASP B 136 -24.05 4.02 -0.20
N LEU B 137 -24.63 2.83 -0.17
CA LEU B 137 -23.84 1.62 -0.40
C LEU B 137 -23.20 1.55 -1.78
N MET B 138 -23.79 2.23 -2.75
CA MET B 138 -23.22 2.23 -4.11
C MET B 138 -21.91 3.00 -4.14
N ARG B 139 -21.94 4.29 -3.82
CA ARG B 139 -20.68 5.06 -3.79
C ARG B 139 -19.66 4.51 -2.79
N GLU B 140 -20.13 4.10 -1.62
CA GLU B 140 -19.22 3.79 -0.52
C GLU B 140 -18.65 2.37 -0.52
N TYR B 141 -19.22 1.46 -1.32
CA TYR B 141 -18.81 0.05 -1.22
C TYR B 141 -18.87 -0.68 -2.57
N ALA B 142 -20.09 -0.77 -3.13
CA ALA B 142 -20.31 -1.51 -4.40
C ALA B 142 -19.42 -0.96 -5.51
N PHE B 143 -19.32 0.37 -5.57
CA PHE B 143 -18.51 1.03 -6.61
C PHE B 143 -17.02 0.92 -6.28
N GLN B 144 -16.68 1.03 -5.00
CA GLN B 144 -15.29 1.13 -4.57
C GLN B 144 -14.45 -0.12 -4.80
N ILE B 145 -15.03 -1.29 -4.54
CA ILE B 145 -14.27 -2.52 -4.62
C ILE B 145 -13.77 -2.76 -6.07
N PRO B 146 -14.68 -2.84 -7.07
CA PRO B 146 -14.17 -3.08 -8.45
C PRO B 146 -13.25 -1.97 -8.97
N VAL B 147 -13.52 -0.71 -8.64
CA VAL B 147 -12.67 0.40 -9.08
C VAL B 147 -11.25 0.24 -8.51
N GLN B 148 -11.13 -0.06 -7.22
CA GLN B 148 -9.80 -0.27 -6.60
C GLN B 148 -9.10 -1.45 -7.25
N VAL B 149 -9.80 -2.57 -7.38
CA VAL B 149 -9.27 -3.78 -8.05
C VAL B 149 -8.77 -3.47 -9.45
N ILE B 150 -9.54 -2.73 -10.25
CA ILE B 150 -9.11 -2.47 -11.65
C ILE B 150 -7.94 -1.48 -11.75
N CYS B 151 -7.94 -0.48 -10.87
CA CYS B 151 -6.85 0.48 -10.78
C CYS B 151 -5.56 -0.23 -10.42
N GLU B 152 -5.62 -1.16 -9.49
CA GLU B 152 -4.43 -1.93 -9.12
C GLU B 152 -4.03 -2.92 -10.24
N LEU B 153 -5.01 -3.65 -10.77
CA LEU B 153 -4.75 -4.58 -11.87
C LEU B 153 -4.07 -3.90 -13.07
N LEU B 154 -4.55 -2.72 -13.47
CA LEU B 154 -4.01 -2.01 -14.64
C LEU B 154 -2.79 -1.12 -14.35
N GLY B 155 -2.70 -0.59 -13.12
CA GLY B 155 -1.69 0.41 -12.77
C GLY B 155 -2.19 1.82 -13.04
N LEU B 156 -3.43 2.10 -12.65
CA LEU B 156 -4.00 3.42 -12.80
C LEU B 156 -3.77 4.18 -11.50
N PRO B 157 -3.19 5.40 -11.59
CA PRO B 157 -2.97 6.26 -10.41
C PRO B 157 -4.25 6.66 -9.69
N ALA B 158 -4.28 6.36 -8.39
CA ALA B 158 -5.38 6.74 -7.49
C ALA B 158 -5.77 8.22 -7.50
N GLU B 159 -4.80 9.12 -7.66
CA GLU B 159 -5.07 10.57 -7.73
C GLU B 159 -5.95 11.03 -8.92
N ASP B 160 -6.07 10.22 -9.97
CA ASP B 160 -6.87 10.60 -11.14
C ASP B 160 -8.25 9.93 -11.19
N ARG B 161 -8.54 9.08 -10.20
CA ARG B 161 -9.78 8.29 -10.15
C ARG B 161 -11.03 9.11 -10.36
N ASP B 162 -11.10 10.26 -9.72
CA ASP B 162 -12.25 11.14 -9.85
C ASP B 162 -12.43 11.58 -11.29
N ASP B 163 -11.30 11.83 -11.97
CA ASP B 163 -11.33 12.18 -13.39
C ASP B 163 -11.89 11.06 -14.27
N PHE B 164 -11.19 9.93 -14.34
CA PHE B 164 -11.58 8.85 -15.24
C PHE B 164 -12.88 8.14 -14.85
N SER B 165 -13.32 8.29 -13.59
CA SER B 165 -14.66 7.84 -13.16
C SER B 165 -15.79 8.52 -13.90
N ALA B 166 -15.72 9.86 -13.99
CA ALA B 166 -16.72 10.66 -14.67
C ALA B 166 -16.81 10.24 -16.13
N TRP B 167 -15.66 10.08 -16.79
CA TRP B 167 -15.64 9.81 -18.23
C TRP B 167 -16.20 8.43 -18.55
N SER B 168 -15.76 7.44 -17.80
CA SER B 168 -16.31 6.10 -17.92
C SER B 168 -17.86 6.06 -17.85
N SER B 169 -18.44 6.75 -16.89
CA SER B 169 -19.87 6.62 -16.64
C SER B 169 -20.71 7.17 -17.82
N VAL B 170 -20.21 8.21 -18.47
CA VAL B 170 -20.87 8.81 -19.62
C VAL B 170 -20.98 7.80 -20.81
N LEU B 171 -19.98 6.95 -20.95
CA LEU B 171 -19.94 6.04 -22.07
C LEU B 171 -20.95 4.90 -21.98
N VAL B 172 -21.56 4.69 -20.81
CA VAL B 172 -22.45 3.53 -20.62
C VAL B 172 -23.92 3.83 -20.33
N ASP B 173 -24.26 5.08 -20.06
CA ASP B 173 -25.66 5.45 -19.95
C ASP B 173 -26.16 6.13 -21.22
N ASP B 174 -27.31 6.79 -21.12
CA ASP B 174 -27.99 7.43 -22.26
C ASP B 174 -27.45 8.83 -22.51
N SER B 175 -26.18 9.06 -22.19
CA SER B 175 -25.56 10.35 -22.48
C SER B 175 -25.61 10.64 -23.98
N PRO B 176 -25.79 11.93 -24.35
CA PRO B 176 -25.72 12.38 -25.75
C PRO B 176 -24.46 11.89 -26.47
N ALA B 177 -24.56 11.74 -27.78
CA ALA B 177 -23.44 11.35 -28.64
C ALA B 177 -22.24 12.29 -28.41
N ASP B 178 -22.52 13.58 -28.33
CA ASP B 178 -21.48 14.60 -28.15
C ASP B 178 -20.73 14.41 -26.83
N ASP B 179 -21.47 14.07 -25.78
CA ASP B 179 -20.89 13.80 -24.45
C ASP B 179 -20.06 12.52 -24.43
N LYS B 180 -20.51 11.50 -25.13
CA LYS B 180 -19.74 10.27 -25.22
C LYS B 180 -18.43 10.46 -26.00
N ASN B 181 -18.48 11.28 -27.05
CA ASN B 181 -17.27 11.58 -27.83
C ASN B 181 -16.30 12.43 -27.03
N ALA B 182 -16.80 13.47 -26.37
CA ALA B 182 -15.96 14.26 -25.45
C ALA B 182 -15.30 13.37 -24.41
N ALA B 183 -16.11 12.53 -23.74
CA ALA B 183 -15.62 11.62 -22.70
C ALA B 183 -14.60 10.62 -23.22
N MET B 184 -14.83 10.09 -24.42
CA MET B 184 -13.89 9.13 -25.00
C MET B 184 -12.59 9.86 -25.36
N GLY B 185 -12.73 11.11 -25.78
CA GLY B 185 -11.60 12.01 -26.06
C GLY B 185 -10.74 12.29 -24.84
N LYS B 186 -11.37 12.68 -23.73
CA LYS B 186 -10.62 12.88 -22.50
C LYS B 186 -9.94 11.61 -22.01
N LEU B 187 -10.66 10.48 -22.05
CA LEU B 187 -10.11 9.16 -21.69
C LEU B 187 -8.99 8.72 -22.61
N HIS B 188 -9.16 8.98 -23.91
CA HIS B 188 -8.09 8.72 -24.87
C HIS B 188 -6.83 9.56 -24.54
N GLY B 189 -7.04 10.85 -24.27
CA GLY B 189 -5.96 11.78 -23.95
C GLY B 189 -5.26 11.42 -22.64
N TYR B 190 -6.05 11.26 -21.60
CA TYR B 190 -5.56 10.77 -20.32
C TYR B 190 -4.74 9.48 -20.41
N LEU B 191 -5.23 8.48 -21.15
CA LEU B 191 -4.56 7.18 -21.19
C LEU B 191 -3.33 7.14 -22.09
N SER B 192 -3.33 7.98 -23.13
CA SER B 192 -2.15 8.19 -23.96
C SER B 192 -1.02 8.75 -23.12
N ASP B 193 -1.29 9.86 -22.41
CA ASP B 193 -0.33 10.47 -21.49
C ASP B 193 0.22 9.49 -20.45
N LEU B 194 -0.67 8.73 -19.81
CA LEU B 194 -0.30 7.78 -18.75
C LEU B 194 0.61 6.67 -19.28
N LEU B 195 0.36 6.23 -20.50
CA LEU B 195 1.21 5.21 -21.12
C LEU B 195 2.61 5.74 -21.47
N GLU B 196 2.67 6.98 -21.96
CA GLU B 196 3.95 7.67 -22.18
C GLU B 196 4.78 7.68 -20.90
N ARG B 197 4.19 8.24 -19.85
CA ARG B 197 4.72 8.23 -18.50
C ARG B 197 5.20 6.84 -18.06
N LYS B 198 4.53 5.78 -18.51
CA LYS B 198 4.88 4.41 -18.14
C LYS B 198 6.05 3.79 -18.92
N ARG B 199 6.38 4.34 -20.09
CA ARG B 199 7.54 3.81 -20.83
C ARG B 199 8.87 4.29 -20.22
N THR B 200 8.87 5.50 -19.65
CA THR B 200 9.98 6.02 -18.83
C THR B 200 10.10 5.20 -17.54
N GLU B 201 8.95 4.92 -16.93
CA GLU B 201 8.87 4.37 -15.58
C GLU B 201 7.87 3.21 -15.49
N PRO B 202 8.30 2.00 -15.89
CA PRO B 202 7.42 0.84 -15.86
C PRO B 202 6.95 0.46 -14.45
N ASP B 203 6.05 -0.53 -14.38
CA ASP B 203 5.63 -1.14 -13.12
C ASP B 203 5.27 -2.59 -13.36
N ASP B 204 4.72 -3.24 -12.36
CA ASP B 204 4.41 -4.66 -12.43
C ASP B 204 2.98 -4.94 -12.92
N ALA B 205 2.30 -3.89 -13.38
CA ALA B 205 0.88 -4.03 -13.72
C ALA B 205 0.59 -4.07 -15.23
N LEU B 206 -0.65 -4.44 -15.55
CA LEU B 206 -1.05 -4.84 -16.89
C LEU B 206 -0.71 -3.87 -18.00
N LEU B 207 -0.98 -2.58 -17.81
CA LEU B 207 -0.73 -1.59 -18.85
C LEU B 207 0.75 -1.50 -19.25
N SER B 208 1.64 -1.77 -18.30
CA SER B 208 3.09 -1.88 -18.55
C SER B 208 3.49 -3.07 -19.39
N SER B 209 2.91 -4.24 -19.14
CA SER B 209 3.17 -5.43 -19.97
C SER B 209 2.69 -5.20 -21.40
N LEU B 210 1.53 -4.60 -21.55
CA LEU B 210 0.95 -4.34 -22.87
C LEU B 210 1.78 -3.29 -23.61
N LEU B 211 2.22 -2.27 -22.90
CA LEU B 211 3.14 -1.27 -23.43
C LEU B 211 4.44 -1.94 -23.89
N ALA B 212 4.94 -2.90 -23.10
CA ALA B 212 6.14 -3.64 -23.47
C ALA B 212 5.95 -4.41 -24.80
N VAL B 213 4.74 -4.93 -25.00
CA VAL B 213 4.37 -5.60 -26.26
C VAL B 213 4.24 -4.59 -27.40
N SER B 214 3.44 -3.55 -27.18
CA SER B 214 3.22 -2.46 -28.14
C SER B 214 4.51 -1.75 -28.64
N ASP B 215 5.46 -1.56 -27.73
CA ASP B 215 6.74 -0.91 -28.06
C ASP B 215 7.65 -1.83 -28.88
N MET B 216 7.66 -3.12 -28.55
CA MET B 216 8.40 -4.14 -29.29
C MET B 216 7.89 -4.40 -30.72
N ASP B 217 6.57 -4.29 -30.91
CA ASP B 217 5.89 -4.67 -32.15
C ASP B 217 4.48 -4.05 -32.25
N GLY B 218 4.37 -2.91 -32.93
CA GLY B 218 3.08 -2.25 -33.15
C GLY B 218 2.09 -3.07 -33.98
N ASP B 219 2.50 -4.28 -34.38
CA ASP B 219 1.68 -5.18 -35.21
C ASP B 219 1.05 -6.32 -34.40
N ARG B 220 1.63 -6.63 -33.25
CA ARG B 220 0.95 -7.42 -32.21
C ARG B 220 -0.13 -6.56 -31.58
N LEU B 221 0.21 -5.29 -31.33
CA LEU B 221 -0.61 -4.38 -30.56
C LEU B 221 -0.21 -2.93 -30.86
N SER B 222 -1.04 -2.23 -31.63
CA SER B 222 -0.70 -0.86 -32.01
C SER B 222 -0.93 0.14 -30.89
N GLN B 223 -0.36 1.33 -31.07
CA GLN B 223 -0.52 2.43 -30.11
C GLN B 223 -2.01 2.67 -29.83
N GLU B 224 -2.80 2.74 -30.90
CA GLU B 224 -4.21 3.04 -30.82
C GLU B 224 -5.02 1.89 -30.19
N GLU B 225 -4.63 0.67 -30.52
CA GLU B 225 -5.21 -0.52 -29.94
C GLU B 225 -4.90 -0.67 -28.46
N LEU B 226 -3.77 -0.13 -28.04
CA LEU B 226 -3.34 -0.20 -26.63
C LEU B 226 -4.13 0.80 -25.78
N VAL B 227 -4.30 2.02 -26.27
CA VAL B 227 -5.08 3.00 -25.58
C VAL B 227 -6.56 2.52 -25.48
N ALA B 228 -7.04 1.87 -26.54
CA ALA B 228 -8.43 1.39 -26.61
C ALA B 228 -8.64 0.17 -25.71
N MET B 229 -7.65 -0.70 -25.67
CA MET B 229 -7.69 -1.83 -24.75
C MET B 229 -7.73 -1.34 -23.29
N ALA B 230 -6.89 -0.36 -22.96
CA ALA B 230 -6.88 0.23 -21.63
C ALA B 230 -8.23 0.85 -21.30
N MET B 231 -8.83 1.55 -22.26
CA MET B 231 -10.09 2.22 -22.05
C MET B 231 -11.22 1.21 -21.80
N LEU B 232 -11.27 0.18 -22.64
CA LEU B 232 -12.20 -0.94 -22.47
C LEU B 232 -12.15 -1.58 -21.08
N LEU B 233 -10.95 -2.05 -20.71
CA LEU B 233 -10.70 -2.64 -19.37
C LEU B 233 -11.04 -1.71 -18.20
N LEU B 234 -10.64 -0.44 -18.30
CA LEU B 234 -11.03 0.60 -17.33
C LEU B 234 -12.56 0.74 -17.16
N ILE B 235 -13.25 0.92 -18.28
CA ILE B 235 -14.69 1.08 -18.26
C ILE B 235 -15.36 -0.16 -17.64
N ALA B 236 -14.93 -1.35 -18.04
CA ALA B 236 -15.47 -2.60 -17.49
C ALA B 236 -15.24 -2.69 -15.98
N GLY B 237 -14.12 -2.13 -15.53
CA GLY B 237 -13.78 -2.07 -14.10
C GLY B 237 -14.66 -1.13 -13.28
N HIS B 238 -15.24 -0.12 -13.93
CA HIS B 238 -16.08 0.87 -13.25
C HIS B 238 -17.58 0.61 -13.41
N GLU B 239 -17.98 -0.16 -14.43
CA GLU B 239 -19.38 -0.10 -14.88
C GLU B 239 -20.20 -1.39 -14.87
N THR B 240 -19.60 -2.47 -14.36
CA THR B 240 -20.21 -3.80 -14.42
C THR B 240 -20.41 -4.45 -13.03
N THR B 241 -19.33 -4.86 -12.38
CA THR B 241 -19.36 -5.57 -11.10
C THR B 241 -20.09 -4.78 -10.02
N VAL B 242 -19.93 -3.45 -10.05
CA VAL B 242 -20.65 -2.54 -9.13
C VAL B 242 -22.16 -2.89 -9.07
N ASN B 243 -22.70 -3.28 -10.22
CA ASN B 243 -24.12 -3.57 -10.30
C ASN B 243 -24.49 -5.02 -10.01
N LEU B 244 -23.55 -5.95 -10.14
CA LEU B 244 -23.68 -7.27 -9.55
C LEU B 244 -23.78 -7.09 -8.03
N ILE B 245 -22.85 -6.33 -7.47
CA ILE B 245 -22.93 -6.03 -6.03
C ILE B 245 -24.22 -5.31 -5.64
N GLY B 246 -24.53 -4.19 -6.28
CA GLY B 246 -25.75 -3.48 -5.92
C GLY B 246 -27.00 -4.33 -6.07
N ASN B 247 -27.12 -5.02 -7.20
CA ASN B 247 -28.34 -5.78 -7.51
C ASN B 247 -28.50 -7.03 -6.63
N GLY B 248 -27.39 -7.66 -6.28
CA GLY B 248 -27.35 -8.87 -5.47
C GLY B 248 -27.63 -8.54 -4.02
N VAL B 249 -27.00 -7.48 -3.52
CA VAL B 249 -27.37 -6.93 -2.19
C VAL B 249 -28.84 -6.61 -2.13
N LEU B 250 -29.36 -5.88 -3.11
CA LEU B 250 -30.77 -5.51 -3.08
C LEU B 250 -31.70 -6.75 -3.15
N ALA B 251 -31.27 -7.77 -3.87
CA ALA B 251 -32.04 -9.01 -3.97
C ALA B 251 -32.19 -9.65 -2.58
N LEU B 252 -31.08 -9.69 -1.84
CA LEU B 252 -31.09 -10.26 -0.48
C LEU B 252 -31.94 -9.45 0.48
N LEU B 253 -31.82 -8.11 0.37
CA LEU B 253 -32.58 -7.18 1.20
C LEU B 253 -34.07 -7.29 0.97
N THR B 254 -34.46 -7.58 -0.28
CA THR B 254 -35.89 -7.67 -0.62
C THR B 254 -36.47 -9.11 -0.49
N HIS B 255 -35.59 -10.10 -0.28
CA HIS B 255 -35.97 -11.50 -0.07
C HIS B 255 -35.42 -12.05 1.24
N PRO B 256 -36.10 -11.73 2.37
CA PRO B 256 -35.63 -12.21 3.68
C PRO B 256 -35.38 -13.72 3.75
N ASP B 257 -36.22 -14.53 3.11
CA ASP B 257 -36.01 -15.98 3.04
C ASP B 257 -34.64 -16.37 2.50
N GLN B 258 -34.23 -15.74 1.39
CA GLN B 258 -32.94 -16.07 0.78
C GLN B 258 -31.78 -15.55 1.60
N ARG B 259 -31.98 -14.37 2.19
CA ARG B 259 -30.99 -13.79 3.08
C ARG B 259 -30.68 -14.73 4.27
N LYS B 260 -31.75 -15.25 4.85
CA LYS B 260 -31.68 -16.23 5.94
C LYS B 260 -30.90 -17.49 5.56
N LEU B 261 -31.20 -18.07 4.40
CA LEU B 261 -30.44 -19.23 3.90
C LEU B 261 -28.95 -19.00 3.87
N LEU B 262 -28.55 -17.82 3.38
CA LEU B 262 -27.14 -17.48 3.24
C LEU B 262 -26.51 -17.26 4.61
N ALA B 263 -27.27 -16.68 5.53
CA ALA B 263 -26.77 -16.46 6.89
C ALA B 263 -26.49 -17.81 7.57
N GLU B 264 -27.41 -18.75 7.40
CA GLU B 264 -27.29 -20.13 7.95
C GLU B 264 -26.21 -20.93 7.24
N ASP B 265 -26.07 -20.74 5.93
CA ASP B 265 -24.96 -21.38 5.20
C ASP B 265 -24.22 -20.40 4.31
N PRO B 266 -23.21 -19.71 4.87
CA PRO B 266 -22.41 -18.73 4.14
C PRO B 266 -21.76 -19.29 2.87
N SER B 267 -21.54 -20.61 2.87
CA SER B 267 -21.01 -21.35 1.73
C SER B 267 -21.80 -21.19 0.43
N LEU B 268 -23.06 -20.80 0.56
CA LEU B 268 -23.97 -20.64 -0.58
C LEU B 268 -23.64 -19.42 -1.46
N ILE B 269 -22.61 -18.65 -1.08
CA ILE B 269 -22.32 -17.37 -1.77
C ILE B 269 -21.97 -17.54 -3.25
N SER B 270 -21.24 -18.60 -3.62
CA SER B 270 -20.88 -18.80 -5.01
C SER B 270 -22.14 -19.07 -5.83
N SER B 271 -22.99 -19.94 -5.31
CA SER B 271 -24.23 -20.24 -5.96
C SER B 271 -25.18 -19.02 -5.90
N ALA B 272 -25.12 -18.24 -4.82
CA ALA B 272 -25.97 -17.03 -4.70
C ALA B 272 -25.62 -16.04 -5.82
N VAL B 273 -24.34 -15.88 -6.07
CA VAL B 273 -23.88 -14.88 -7.04
C VAL B 273 -24.32 -15.25 -8.47
N GLU B 274 -24.31 -16.54 -8.77
CA GLU B 274 -24.81 -17.02 -10.07
C GLU B 274 -26.27 -16.69 -10.19
N GLU B 275 -26.99 -16.80 -9.07
CA GLU B 275 -28.42 -16.52 -9.07
C GLU B 275 -28.72 -15.01 -9.19
N PHE B 276 -27.92 -14.15 -8.54
CA PHE B 276 -28.06 -12.70 -8.69
C PHE B 276 -27.78 -12.27 -10.12
N LEU B 277 -26.74 -12.84 -10.71
CA LEU B 277 -26.40 -12.61 -12.12
C LEU B 277 -27.58 -12.88 -13.05
N ARG B 278 -28.29 -13.96 -12.79
CA ARG B 278 -29.46 -14.36 -13.56
C ARG B 278 -30.69 -13.51 -13.20
N PHE B 279 -30.94 -13.35 -11.91
CA PHE B 279 -32.17 -12.70 -11.43
C PHE B 279 -32.31 -11.22 -11.86
N ASP B 280 -31.18 -10.51 -11.96
CA ASP B 280 -31.20 -9.06 -12.18
C ASP B 280 -29.90 -8.69 -12.86
N SER B 281 -29.77 -9.14 -14.10
CA SER B 281 -28.51 -9.15 -14.83
C SER B 281 -27.93 -7.72 -14.93
N PRO B 282 -26.69 -7.49 -14.44
CA PRO B 282 -26.05 -6.16 -14.47
C PRO B 282 -25.86 -5.55 -15.87
N VAL B 283 -25.56 -6.40 -16.86
CA VAL B 283 -25.55 -5.96 -18.25
C VAL B 283 -26.87 -6.45 -18.80
N SER B 284 -27.78 -5.50 -18.97
CA SER B 284 -29.17 -5.78 -19.26
C SER B 284 -29.34 -6.20 -20.72
N GLN B 285 -28.65 -5.51 -21.63
CA GLN B 285 -28.63 -5.85 -23.08
C GLN B 285 -27.19 -5.86 -23.53
N ALA B 286 -26.78 -6.88 -24.28
CA ALA B 286 -25.43 -6.88 -24.86
C ALA B 286 -25.21 -5.63 -25.70
N PRO B 287 -23.94 -5.16 -25.78
CA PRO B 287 -23.61 -4.13 -26.76
C PRO B 287 -24.09 -4.53 -28.19
N ILE B 288 -24.49 -3.54 -28.98
CA ILE B 288 -25.13 -3.74 -30.29
C ILE B 288 -24.40 -4.66 -31.29
N ARG B 289 -25.16 -5.47 -32.01
CA ARG B 289 -24.64 -6.25 -33.15
C ARG B 289 -25.26 -5.69 -34.43
N PHE B 290 -24.70 -6.08 -35.58
CA PHE B 290 -25.20 -5.57 -36.88
C PHE B 290 -25.43 -6.77 -37.75
N THR B 291 -26.53 -6.75 -38.48
CA THR B 291 -26.81 -7.87 -39.36
C THR B 291 -25.97 -7.68 -40.63
N ALA B 292 -25.10 -8.64 -40.89
CA ALA B 292 -24.28 -8.70 -42.12
C ALA B 292 -25.18 -9.15 -43.28
N GLU B 293 -26.22 -9.90 -42.93
CA GLU B 293 -27.27 -10.25 -43.89
C GLU B 293 -28.61 -10.45 -43.17
N ASP B 294 -29.67 -10.71 -43.93
CA ASP B 294 -30.96 -11.04 -43.34
C ASP B 294 -30.80 -12.20 -42.37
N VAL B 295 -31.46 -12.11 -41.22
CA VAL B 295 -31.48 -13.21 -40.26
C VAL B 295 -32.93 -13.35 -39.81
N THR B 296 -33.34 -14.54 -39.43
CA THR B 296 -34.73 -14.76 -39.00
C THR B 296 -34.74 -15.41 -37.63
N TYR B 297 -35.45 -14.76 -36.71
CA TYR B 297 -35.56 -15.25 -35.32
C TYR B 297 -37.02 -15.15 -34.92
N SER B 298 -37.56 -16.21 -34.31
CA SER B 298 -39.00 -16.27 -33.90
C SER B 298 -39.93 -15.77 -34.98
N GLY B 299 -39.68 -16.18 -36.22
CA GLY B 299 -40.59 -15.84 -37.30
C GLY B 299 -40.43 -14.44 -37.83
N VAL B 300 -39.44 -13.68 -37.31
CA VAL B 300 -39.23 -12.28 -37.73
C VAL B 300 -37.93 -12.18 -38.51
N THR B 301 -37.99 -11.61 -39.71
CA THR B 301 -36.79 -11.45 -40.52
C THR B 301 -36.25 -10.03 -40.27
N ILE B 302 -35.04 -9.95 -39.75
CA ILE B 302 -34.38 -8.65 -39.58
C ILE B 302 -33.46 -8.43 -40.80
N PRO B 303 -33.69 -7.36 -41.58
CA PRO B 303 -32.90 -7.10 -42.78
C PRO B 303 -31.42 -6.80 -42.48
N ALA B 304 -30.58 -6.96 -43.49
CA ALA B 304 -29.16 -6.60 -43.36
C ALA B 304 -29.08 -5.12 -43.01
N GLY B 305 -27.98 -4.73 -42.36
CA GLY B 305 -27.72 -3.33 -42.03
C GLY B 305 -28.44 -2.81 -40.80
N GLU B 306 -28.93 -3.71 -39.94
CA GLU B 306 -29.69 -3.32 -38.76
C GLU B 306 -28.92 -3.57 -37.48
N MET B 307 -29.27 -2.80 -36.45
CA MET B 307 -28.65 -2.92 -35.14
C MET B 307 -29.53 -3.81 -34.24
N VAL B 308 -28.88 -4.67 -33.47
CA VAL B 308 -29.53 -5.75 -32.72
C VAL B 308 -28.93 -5.86 -31.29
N MET B 309 -29.78 -5.63 -30.31
CA MET B 309 -29.46 -5.85 -28.89
C MET B 309 -29.92 -7.25 -28.48
N LEU B 310 -29.06 -7.98 -27.78
CA LEU B 310 -29.46 -9.23 -27.18
C LEU B 310 -29.88 -8.96 -25.73
N GLY B 311 -31.12 -9.32 -25.39
CA GLY B 311 -31.74 -8.97 -24.11
C GLY B 311 -31.38 -9.98 -23.04
N LEU B 312 -30.27 -9.75 -22.35
CA LEU B 312 -29.72 -10.73 -21.40
C LEU B 312 -30.55 -10.82 -20.13
N ALA B 313 -30.94 -9.67 -19.57
CA ALA B 313 -31.76 -9.62 -18.37
C ALA B 313 -33.08 -10.34 -18.68
N ALA B 314 -33.62 -10.10 -19.87
CA ALA B 314 -34.84 -10.77 -20.33
C ALA B 314 -34.70 -12.29 -20.50
N ALA B 315 -33.67 -12.70 -21.24
CA ALA B 315 -33.41 -14.10 -21.49
C ALA B 315 -33.18 -14.86 -20.20
N ASN B 316 -32.52 -14.24 -19.23
CA ASN B 316 -32.23 -14.94 -17.96
C ASN B 316 -33.49 -15.20 -17.10
N ARG B 317 -34.61 -14.57 -17.43
CA ARG B 317 -35.89 -14.89 -16.76
C ARG B 317 -36.88 -15.63 -17.68
N ASP B 318 -36.34 -16.36 -18.68
CA ASP B 318 -37.18 -17.09 -19.64
C ASP B 318 -37.52 -18.44 -19.03
N ALA B 319 -38.81 -18.68 -18.78
CA ALA B 319 -39.26 -19.94 -18.12
C ALA B 319 -38.93 -21.17 -18.93
N ASP B 320 -38.69 -21.00 -20.23
CA ASP B 320 -38.31 -22.11 -21.10
C ASP B 320 -36.88 -22.55 -20.83
N TRP B 321 -36.08 -21.67 -20.22
CA TRP B 321 -34.77 -22.10 -19.76
C TRP B 321 -34.74 -22.42 -18.24
N MET B 322 -35.35 -21.56 -17.43
CA MET B 322 -35.29 -21.70 -15.98
C MET B 322 -36.69 -21.79 -15.40
N PRO B 323 -37.06 -22.92 -14.77
CA PRO B 323 -38.35 -23.09 -14.11
C PRO B 323 -38.54 -22.03 -13.03
N GLU B 324 -39.73 -21.44 -12.96
CA GLU B 324 -40.06 -20.43 -11.96
C GLU B 324 -38.95 -19.36 -11.95
N PRO B 325 -38.77 -18.66 -13.11
CA PRO B 325 -37.63 -17.75 -13.27
C PRO B 325 -37.72 -16.43 -12.47
N ASP B 326 -38.93 -16.08 -12.02
CA ASP B 326 -39.20 -14.86 -11.23
C ASP B 326 -38.99 -15.07 -9.72
N ARG B 327 -38.63 -16.30 -9.37
CA ARG B 327 -38.37 -16.64 -7.97
C ARG B 327 -36.86 -16.62 -7.75
N LEU B 328 -36.42 -15.91 -6.70
CA LEU B 328 -35.01 -15.91 -6.35
C LEU B 328 -34.71 -17.14 -5.53
N ASP B 329 -33.79 -17.95 -6.00
CA ASP B 329 -33.43 -19.16 -5.30
C ASP B 329 -31.93 -19.32 -5.34
N ILE B 330 -31.25 -18.86 -4.28
CA ILE B 330 -29.78 -18.92 -4.28
C ILE B 330 -29.19 -20.34 -4.24
N THR B 331 -30.06 -21.36 -4.07
CA THR B 331 -29.57 -22.75 -4.01
C THR B 331 -29.56 -23.45 -5.37
N ARG B 332 -30.17 -22.82 -6.37
CA ARG B 332 -30.25 -23.33 -7.75
C ARG B 332 -28.91 -23.72 -8.30
N ASP B 333 -28.88 -24.82 -9.03
CA ASP B 333 -27.65 -25.33 -9.62
C ASP B 333 -27.66 -25.02 -11.09
N ALA B 334 -27.74 -23.73 -11.41
CA ALA B 334 -27.96 -23.29 -12.77
C ALA B 334 -26.79 -23.57 -13.71
N SER B 335 -27.13 -23.66 -14.99
CA SER B 335 -26.14 -23.73 -16.04
C SER B 335 -26.68 -22.96 -17.23
N GLY B 336 -25.82 -22.16 -17.85
CA GLY B 336 -26.17 -21.57 -19.14
C GLY B 336 -26.81 -20.21 -19.12
N GLY B 337 -26.67 -19.48 -18.00
CA GLY B 337 -27.07 -18.07 -17.99
C GLY B 337 -26.28 -17.33 -19.06
N VAL B 338 -26.89 -16.29 -19.62
CA VAL B 338 -26.25 -15.50 -20.67
C VAL B 338 -25.77 -14.14 -20.16
N PHE B 339 -25.71 -13.97 -18.84
CA PHE B 339 -25.32 -12.70 -18.26
C PHE B 339 -23.87 -12.28 -18.58
N PHE B 340 -22.99 -13.25 -18.83
CA PHE B 340 -21.62 -12.96 -19.27
C PHE B 340 -21.44 -13.14 -20.81
N GLY B 341 -22.54 -13.25 -21.54
CA GLY B 341 -22.47 -13.50 -22.98
C GLY B 341 -22.31 -14.97 -23.30
N HIS B 342 -21.80 -15.26 -24.51
CA HIS B 342 -21.71 -16.62 -25.04
C HIS B 342 -20.90 -16.56 -26.36
N GLY B 343 -20.00 -17.51 -26.57
CA GLY B 343 -19.18 -17.54 -27.80
C GLY B 343 -17.90 -16.71 -27.69
N ILE B 344 -17.50 -16.13 -28.81
CA ILE B 344 -16.17 -15.50 -28.92
C ILE B 344 -15.98 -14.25 -28.04
N HIS B 345 -17.05 -13.52 -27.77
CA HIS B 345 -16.94 -12.32 -26.97
C HIS B 345 -17.27 -12.56 -25.50
N PHE B 346 -17.21 -13.80 -25.05
CA PHE B 346 -17.66 -14.12 -23.68
C PHE B 346 -16.84 -13.32 -22.67
N CYS B 347 -17.50 -12.74 -21.66
CA CYS B 347 -16.82 -11.87 -20.68
C CYS B 347 -15.39 -12.26 -20.31
N LEU B 348 -14.44 -11.42 -20.69
CA LEU B 348 -13.05 -11.63 -20.34
C LEU B 348 -12.87 -11.57 -18.81
N GLY B 349 -13.60 -10.69 -18.14
CA GLY B 349 -13.51 -10.60 -16.68
C GLY B 349 -14.44 -11.47 -15.86
N ALA B 350 -14.96 -12.57 -16.41
CA ALA B 350 -16.05 -13.31 -15.76
C ALA B 350 -15.71 -13.83 -14.36
N GLN B 351 -14.50 -14.37 -14.20
CA GLN B 351 -14.03 -14.89 -12.92
C GLN B 351 -13.70 -13.76 -11.94
N LEU B 352 -13.06 -12.70 -12.44
CA LEU B 352 -12.85 -11.49 -11.64
C LEU B 352 -14.17 -10.94 -11.07
N ALA B 353 -15.21 -10.85 -11.90
CA ALA B 353 -16.52 -10.35 -11.47
C ALA B 353 -17.17 -11.29 -10.44
N ARG B 354 -17.05 -12.60 -10.67
CA ARG B 354 -17.58 -13.62 -9.77
C ARG B 354 -16.95 -13.51 -8.38
N LEU B 355 -15.63 -13.38 -8.37
CA LEU B 355 -14.84 -13.25 -7.14
C LEU B 355 -15.11 -11.95 -6.41
N GLU B 356 -15.05 -10.84 -7.12
CA GLU B 356 -15.39 -9.54 -6.54
C GLU B 356 -16.80 -9.55 -5.94
N GLY B 357 -17.74 -10.16 -6.65
CA GLY B 357 -19.13 -10.24 -6.20
C GLY B 357 -19.30 -11.16 -5.00
N ARG B 358 -18.66 -12.33 -5.01
CA ARG B 358 -18.68 -13.22 -3.84
C ARG B 358 -18.13 -12.58 -2.56
N VAL B 359 -16.91 -12.03 -2.66
CA VAL B 359 -16.24 -11.36 -1.55
C VAL B 359 -17.04 -10.14 -1.07
N ALA B 360 -17.39 -9.23 -2.00
CA ALA B 360 -18.14 -8.02 -1.65
C ALA B 360 -19.43 -8.33 -0.92
N ILE B 361 -20.26 -9.21 -1.48
CA ILE B 361 -21.61 -9.47 -0.94
C ILE B 361 -21.52 -10.35 0.31
N GLY B 362 -20.72 -11.41 0.23
CA GLY B 362 -20.59 -12.32 1.37
C GLY B 362 -20.03 -11.66 2.64
N ARG B 363 -18.91 -10.96 2.49
CA ARG B 363 -18.30 -10.24 3.62
C ARG B 363 -19.24 -9.15 4.18
N LEU B 364 -19.98 -8.45 3.31
CA LEU B 364 -20.93 -7.43 3.77
C LEU B 364 -21.97 -8.01 4.71
N PHE B 365 -22.66 -9.07 4.31
CA PHE B 365 -23.73 -9.59 5.12
C PHE B 365 -23.25 -10.26 6.40
N ALA B 366 -22.06 -10.82 6.34
CA ALA B 366 -21.39 -11.44 7.50
C ALA B 366 -20.96 -10.38 8.50
N ASP B 367 -20.35 -9.29 8.01
CA ASP B 367 -19.95 -8.17 8.87
C ASP B 367 -21.13 -7.36 9.43
N ARG B 368 -22.20 -7.27 8.66
CA ARG B 368 -23.33 -6.39 8.96
C ARG B 368 -24.64 -7.17 8.86
N PRO B 369 -24.87 -8.09 9.82
CA PRO B 369 -26.05 -8.94 9.72
C PRO B 369 -27.36 -8.18 9.85
N GLU B 370 -27.31 -6.94 10.34
CA GLU B 370 -28.54 -6.10 10.45
C GLU B 370 -28.68 -5.02 9.35
N LEU B 371 -27.85 -5.09 8.31
CA LEU B 371 -27.97 -4.20 7.16
C LEU B 371 -29.43 -4.10 6.71
N ALA B 372 -29.90 -2.89 6.42
CA ALA B 372 -31.25 -2.63 5.95
C ALA B 372 -31.24 -1.44 5.01
N LEU B 373 -32.16 -1.45 4.03
CA LEU B 373 -32.47 -0.25 3.24
C LEU B 373 -32.86 0.91 4.14
N ALA B 374 -32.42 2.11 3.76
CA ALA B 374 -32.80 3.34 4.45
C ALA B 374 -33.66 4.21 3.53
N VAL B 375 -34.34 3.58 2.57
CA VAL B 375 -35.34 4.23 1.75
C VAL B 375 -36.40 3.18 1.45
N GLY B 376 -37.54 3.60 0.93
CA GLY B 376 -38.53 2.69 0.42
C GLY B 376 -38.06 2.13 -0.91
N LEU B 377 -38.39 0.86 -1.17
CA LEU B 377 -38.02 0.21 -2.44
C LEU B 377 -38.38 1.10 -3.63
N ASP B 378 -39.56 1.68 -3.52
CA ASP B 378 -40.21 2.54 -4.50
C ASP B 378 -39.37 3.79 -4.88
N GLU B 379 -38.47 4.20 -3.97
CA GLU B 379 -37.79 5.47 -4.09
C GLU B 379 -36.45 5.31 -4.78
N LEU B 380 -36.03 4.05 -4.95
CA LEU B 380 -34.77 3.77 -5.65
C LEU B 380 -34.81 4.24 -7.12
N VAL B 381 -33.70 4.84 -7.55
CA VAL B 381 -33.58 5.43 -8.87
C VAL B 381 -32.47 4.69 -9.60
N TYR B 382 -32.79 4.18 -10.79
CA TYR B 382 -31.82 3.45 -11.63
C TYR B 382 -31.26 4.35 -12.72
N ARG B 383 -30.08 4.03 -13.21
CA ARG B 383 -29.44 4.76 -14.32
C ARG B 383 -30.21 4.44 -15.61
N ARG B 384 -30.34 5.46 -16.47
CA ARG B 384 -30.96 5.32 -17.79
C ARG B 384 -29.89 4.90 -18.78
N SER B 385 -29.89 3.61 -19.11
CA SER B 385 -28.89 2.98 -19.91
C SER B 385 -29.49 1.79 -20.62
N THR B 386 -29.10 1.60 -21.89
CA THR B 386 -29.45 0.40 -22.64
C THR B 386 -28.43 -0.73 -22.43
N LEU B 387 -27.40 -0.44 -21.66
CA LEU B 387 -26.35 -1.42 -21.40
C LEU B 387 -26.38 -2.01 -19.99
N VAL B 388 -26.67 -1.21 -18.98
CA VAL B 388 -26.57 -1.70 -17.58
C VAL B 388 -27.85 -1.54 -16.81
N ARG B 389 -28.08 -2.49 -15.90
CA ARG B 389 -29.15 -2.39 -14.90
C ARG B 389 -28.45 -2.03 -13.58
N GLY B 390 -28.54 -0.77 -13.17
CA GLY B 390 -27.70 -0.27 -12.09
C GLY B 390 -28.33 0.84 -11.31
N LEU B 391 -28.21 0.75 -9.99
CA LEU B 391 -28.75 1.75 -9.09
C LEU B 391 -27.86 2.96 -9.12
N SER B 392 -28.47 4.12 -9.14
CA SER B 392 -27.69 5.38 -9.03
C SER B 392 -27.25 5.69 -7.58
N ARG B 393 -27.95 5.11 -6.60
CA ARG B 393 -27.70 5.35 -5.16
C ARG B 393 -28.40 4.21 -4.41
N MET B 394 -27.85 3.73 -3.31
CA MET B 394 -28.62 2.80 -2.44
C MET B 394 -28.38 3.14 -0.98
N PRO B 395 -29.21 4.06 -0.44
CA PRO B 395 -29.14 4.37 1.00
C PRO B 395 -29.48 3.16 1.87
N VAL B 396 -28.59 2.88 2.79
CA VAL B 396 -28.74 1.81 3.72
C VAL B 396 -28.30 2.30 5.14
N THR B 397 -28.70 1.57 6.17
CA THR B 397 -28.06 1.69 7.48
C THR B 397 -27.25 0.42 7.62
N MET B 398 -25.94 0.56 7.81
CA MET B 398 -25.07 -0.61 7.86
C MET B 398 -25.40 -1.47 9.08
N GLY B 399 -25.77 -0.80 10.16
CA GLY B 399 -26.04 -1.45 11.46
C GLY B 399 -24.74 -1.80 12.19
N PRO B 400 -24.86 -2.43 13.37
CA PRO B 400 -23.73 -2.92 14.16
C PRO B 400 -22.88 -3.93 13.41
N ARG B 401 -21.58 -3.86 13.65
CA ARG B 401 -20.67 -4.86 13.14
C ARG B 401 -20.84 -6.15 13.93
N SER B 402 -20.67 -7.26 13.23
CA SER B 402 -20.75 -8.57 13.83
C SER B 402 -19.72 -8.73 14.97
N ALA B 403 -20.14 -9.33 16.09
CA ALA B 403 -19.33 -9.36 17.32
C ALA B 403 -18.10 -10.27 17.17
N ALA C 2 35.55 -36.73 -36.78
CA ALA C 2 34.22 -36.03 -36.74
C ALA C 2 34.04 -35.33 -35.39
N LEU C 3 32.95 -34.57 -35.26
CA LEU C 3 32.77 -33.73 -34.09
C LEU C 3 31.80 -34.35 -33.12
N THR C 4 32.12 -34.21 -31.85
CA THR C 4 31.25 -34.77 -30.82
C THR C 4 31.07 -33.79 -29.66
N THR C 5 29.90 -33.84 -29.03
CA THR C 5 29.67 -33.11 -27.78
C THR C 5 30.61 -33.65 -26.68
N THR C 6 31.09 -32.72 -25.87
CA THR C 6 31.97 -33.02 -24.76
C THR C 6 31.08 -33.30 -23.56
N GLY C 7 31.57 -34.14 -22.63
CA GLY C 7 30.84 -34.39 -21.38
C GLY C 7 30.28 -35.79 -21.22
N THR C 8 29.11 -35.89 -20.58
CA THR C 8 28.52 -37.19 -20.19
C THR C 8 28.07 -38.06 -21.37
N GLU C 9 27.56 -37.41 -22.40
CA GLU C 9 27.12 -38.11 -23.62
C GLU C 9 27.90 -37.58 -24.82
N GLN C 10 28.31 -38.50 -25.70
CA GLN C 10 29.02 -38.15 -26.94
C GLN C 10 28.06 -38.20 -28.15
N HIS C 11 27.46 -37.06 -28.45
CA HIS C 11 26.55 -36.92 -29.59
C HIS C 11 27.29 -36.36 -30.81
N ASP C 12 26.92 -36.86 -31.99
CA ASP C 12 27.47 -36.35 -33.24
C ASP C 12 27.01 -34.91 -33.46
N LEU C 13 27.93 -34.05 -33.88
CA LEU C 13 27.60 -32.67 -34.24
C LEU C 13 27.98 -32.45 -35.70
N PHE C 14 27.04 -31.94 -36.48
CA PHE C 14 27.27 -31.57 -37.89
C PHE C 14 27.96 -32.69 -38.71
N SER C 15 27.54 -33.92 -38.40
CA SER C 15 28.02 -35.17 -39.02
C SER C 15 27.22 -36.31 -38.42
N GLY C 16 27.30 -37.49 -39.04
CA GLY C 16 26.61 -38.69 -38.52
C GLY C 16 25.14 -38.55 -38.19
N THR C 17 24.80 -38.86 -36.95
CA THR C 17 23.41 -38.83 -36.45
C THR C 17 22.81 -37.43 -36.31
N PHE C 18 23.67 -36.40 -36.24
CA PHE C 18 23.22 -35.01 -36.05
C PHE C 18 22.14 -34.60 -37.06
N TRP C 19 22.34 -34.94 -38.33
CA TRP C 19 21.40 -34.53 -39.39
C TRP C 19 19.99 -35.06 -39.22
N GLN C 20 19.88 -36.29 -38.71
CA GLN C 20 18.58 -36.93 -38.57
C GLN C 20 17.78 -36.32 -37.41
N ASN C 21 18.49 -36.04 -36.32
CA ASN C 21 17.94 -35.44 -35.10
C ASN C 21 19.00 -34.70 -34.29
N PRO C 22 19.07 -33.36 -34.45
CA PRO C 22 20.12 -32.57 -33.82
C PRO C 22 19.83 -32.21 -32.35
N HIS C 23 18.59 -32.42 -31.91
CA HIS C 23 18.13 -31.94 -30.60
C HIS C 23 18.82 -32.45 -29.32
N PRO C 24 19.11 -33.77 -29.23
CA PRO C 24 19.89 -34.28 -28.08
C PRO C 24 21.29 -33.69 -28.01
N ALA C 25 21.92 -33.52 -29.19
CA ALA C 25 23.19 -32.83 -29.26
C ALA C 25 23.02 -31.41 -28.73
N TYR C 26 21.97 -30.71 -29.16
CA TYR C 26 21.74 -29.32 -28.71
C TYR C 26 21.60 -29.27 -27.19
N ALA C 27 20.83 -30.22 -26.67
CA ALA C 27 20.57 -30.34 -25.22
C ALA C 27 21.87 -30.52 -24.43
N ALA C 28 22.74 -31.39 -24.93
CA ALA C 28 24.05 -31.64 -24.33
C ALA C 28 24.94 -30.41 -24.36
N LEU C 29 24.84 -29.64 -25.47
CA LEU C 29 25.61 -28.38 -25.58
C LEU C 29 25.16 -27.36 -24.55
N ARG C 30 23.85 -27.16 -24.48
CA ARG C 30 23.27 -26.20 -23.55
C ARG C 30 23.66 -26.46 -22.10
N ALA C 31 23.63 -27.74 -21.69
CA ALA C 31 23.94 -28.10 -20.31
C ALA C 31 25.45 -28.13 -20.00
N GLU C 32 26.26 -28.65 -20.93
CA GLU C 32 27.66 -28.91 -20.62
C GLU C 32 28.73 -28.13 -21.41
N ASP C 33 28.33 -27.49 -22.52
CA ASP C 33 29.23 -26.73 -23.39
C ASP C 33 28.41 -25.67 -24.18
N PRO C 34 27.88 -24.65 -23.48
CA PRO C 34 26.93 -23.70 -24.12
C PRO C 34 27.60 -22.69 -25.09
N VAL C 35 28.93 -22.60 -25.01
CA VAL C 35 29.71 -21.76 -25.90
C VAL C 35 30.84 -22.64 -26.44
N ARG C 36 30.52 -23.36 -27.49
CA ARG C 36 31.35 -24.45 -28.02
C ARG C 36 32.06 -24.09 -29.32
N LYS C 37 33.40 -24.14 -29.30
CA LYS C 37 34.18 -23.96 -30.52
C LYS C 37 34.15 -25.23 -31.34
N LEU C 38 33.59 -25.16 -32.55
CA LEU C 38 33.47 -26.31 -33.45
C LEU C 38 34.56 -26.30 -34.52
N ALA C 39 35.23 -27.45 -34.70
CA ALA C 39 36.22 -27.59 -35.78
C ALA C 39 35.51 -27.99 -37.06
N LEU C 40 35.11 -26.97 -37.83
CA LEU C 40 34.40 -27.20 -39.08
C LEU C 40 35.40 -27.05 -40.24
N PRO C 41 34.99 -27.40 -41.48
CA PRO C 41 35.95 -27.46 -42.58
C PRO C 41 36.68 -26.15 -42.89
N ASP C 42 35.94 -25.05 -43.05
CA ASP C 42 36.53 -23.75 -43.39
C ASP C 42 37.15 -23.00 -42.20
N GLY C 43 37.13 -23.63 -41.02
CA GLY C 43 37.70 -23.04 -39.80
C GLY C 43 36.88 -23.27 -38.53
N PRO C 44 37.42 -22.85 -37.38
CA PRO C 44 36.65 -22.88 -36.14
C PRO C 44 35.45 -21.93 -36.15
N VAL C 45 34.29 -22.48 -35.80
CA VAL C 45 33.11 -21.68 -35.62
C VAL C 45 32.58 -21.93 -34.20
N TRP C 46 32.32 -20.86 -33.46
CA TRP C 46 31.70 -20.96 -32.14
C TRP C 46 30.21 -21.07 -32.27
N LEU C 47 29.58 -21.82 -31.36
CA LEU C 47 28.14 -21.96 -31.31
C LEU C 47 27.59 -21.66 -29.90
N LEU C 48 26.67 -20.69 -29.85
CA LEU C 48 25.93 -20.36 -28.63
C LEU C 48 24.60 -21.04 -28.72
N THR C 49 24.22 -21.75 -27.64
CA THR C 49 22.99 -22.52 -27.61
C THR C 49 21.99 -22.13 -26.51
N ARG C 50 22.44 -21.43 -25.47
CA ARG C 50 21.50 -21.02 -24.42
C ARG C 50 20.67 -19.83 -24.87
N TYR C 51 19.38 -19.88 -24.58
CA TYR C 51 18.46 -18.85 -25.00
C TYR C 51 18.87 -17.43 -24.63
N ALA C 52 19.33 -17.21 -23.39
CA ALA C 52 19.67 -15.85 -22.94
C ALA C 52 20.90 -15.30 -23.67
N ASP C 53 21.90 -16.16 -23.86
CA ASP C 53 23.12 -15.80 -24.57
C ASP C 53 22.82 -15.45 -26.02
N VAL C 54 22.03 -16.31 -26.67
CA VAL C 54 21.60 -16.10 -28.08
C VAL C 54 20.82 -14.79 -28.22
N ARG C 55 19.82 -14.57 -27.37
CA ARG C 55 19.10 -13.28 -27.39
C ARG C 55 20.00 -12.04 -27.21
N GLU C 56 20.89 -12.08 -26.23
CA GLU C 56 21.81 -10.97 -25.96
C GLU C 56 22.80 -10.80 -27.13
N ALA C 57 23.27 -11.92 -27.68
CA ALA C 57 24.24 -11.91 -28.80
C ALA C 57 23.66 -11.23 -30.05
N PHE C 58 22.38 -11.45 -30.32
CA PHE C 58 21.68 -10.78 -31.43
C PHE C 58 21.76 -9.25 -31.33
N VAL C 59 21.87 -8.74 -30.10
CA VAL C 59 21.90 -7.28 -29.90
C VAL C 59 23.25 -6.77 -29.38
N ASP C 60 24.25 -7.63 -29.39
CA ASP C 60 25.59 -7.28 -28.98
C ASP C 60 26.34 -6.68 -30.20
N PRO C 61 26.64 -5.38 -30.17
CA PRO C 61 27.31 -4.70 -31.29
C PRO C 61 28.74 -5.20 -31.54
N ARG C 62 29.31 -5.91 -30.58
CA ARG C 62 30.62 -6.54 -30.77
C ARG C 62 30.53 -7.80 -31.65
N LEU C 63 29.32 -8.30 -31.86
CA LEU C 63 29.08 -9.42 -32.80
C LEU C 63 28.55 -8.84 -34.12
N SER C 64 29.48 -8.60 -35.03
CA SER C 64 29.28 -7.86 -36.27
C SER C 64 28.94 -8.81 -37.44
N LYS C 65 28.41 -8.25 -38.55
CA LYS C 65 28.28 -9.03 -39.78
C LYS C 65 29.46 -8.85 -40.71
N ASP C 66 30.41 -8.01 -40.32
CA ASP C 66 31.53 -7.62 -41.20
C ASP C 66 32.64 -8.66 -41.13
N TRP C 67 32.79 -9.44 -42.19
CA TRP C 67 33.76 -10.54 -42.24
C TRP C 67 35.22 -10.09 -42.20
N ARG C 68 35.46 -8.80 -42.38
CA ARG C 68 36.85 -8.28 -42.27
C ARG C 68 37.39 -8.34 -40.83
N HIS C 69 36.51 -8.47 -39.84
CA HIS C 69 36.96 -8.74 -38.47
C HIS C 69 37.82 -10.02 -38.30
N ARG C 70 37.78 -10.94 -39.26
CA ARG C 70 38.69 -12.11 -39.30
C ARG C 70 40.13 -11.73 -39.57
N LEU C 71 40.31 -10.62 -40.27
CA LEU C 71 41.60 -10.23 -40.74
C LEU C 71 42.29 -9.28 -39.78
N PRO C 72 43.63 -9.23 -39.85
CA PRO C 72 44.34 -8.19 -39.13
C PRO C 72 44.08 -6.88 -39.85
N GLU C 73 44.26 -5.75 -39.18
CA GLU C 73 43.97 -4.46 -39.79
C GLU C 73 44.69 -4.24 -41.11
N ASP C 74 45.95 -4.66 -41.22
CA ASP C 74 46.68 -4.44 -42.49
C ASP C 74 46.06 -5.12 -43.73
N GLN C 75 45.19 -6.09 -43.51
CA GLN C 75 44.53 -6.76 -44.63
C GLN C 75 43.13 -6.25 -44.96
N ARG C 76 42.60 -5.31 -44.17
CA ARG C 76 41.18 -4.97 -44.25
C ARG C 76 40.80 -3.96 -45.32
N ALA C 77 41.73 -3.05 -45.60
CA ALA C 77 41.51 -1.93 -46.49
C ALA C 77 41.17 -2.39 -47.90
N ASP C 78 41.87 -3.41 -48.38
CA ASP C 78 41.68 -3.86 -49.75
C ASP C 78 40.59 -4.93 -49.90
N MET C 79 39.97 -5.36 -48.79
CA MET C 79 38.95 -6.43 -48.83
C MET C 79 37.57 -5.78 -48.93
N PRO C 80 36.70 -6.27 -49.85
CA PRO C 80 35.32 -5.76 -49.87
C PRO C 80 34.58 -6.02 -48.55
N ALA C 81 33.56 -5.21 -48.25
CA ALA C 81 32.81 -5.36 -47.00
C ALA C 81 32.06 -6.69 -46.90
N THR C 82 31.82 -7.31 -48.05
CA THR C 82 30.99 -8.51 -48.17
C THR C 82 31.47 -9.33 -49.36
N PRO C 83 31.14 -10.63 -49.40
CA PRO C 83 31.34 -11.45 -50.62
C PRO C 83 30.32 -11.14 -51.71
N THR C 84 29.17 -10.61 -51.29
CA THR C 84 28.09 -10.15 -52.17
C THR C 84 27.31 -9.13 -51.32
N PRO C 85 27.04 -7.92 -51.86
CA PRO C 85 26.48 -6.85 -51.02
C PRO C 85 25.00 -7.01 -50.61
N MET C 86 24.72 -8.07 -49.87
CA MET C 86 23.43 -8.32 -49.26
C MET C 86 23.38 -7.69 -47.88
N MET C 87 22.21 -7.19 -47.48
CA MET C 87 22.11 -6.44 -46.22
C MET C 87 22.34 -7.37 -45.01
N ILE C 88 22.03 -8.67 -45.17
CA ILE C 88 22.21 -9.66 -44.09
C ILE C 88 23.69 -9.87 -43.76
N LEU C 89 24.58 -9.37 -44.64
CA LEU C 89 26.01 -9.49 -44.49
C LEU C 89 26.64 -8.16 -44.11
N MET C 90 25.82 -7.23 -43.64
CA MET C 90 26.28 -5.88 -43.37
C MET C 90 25.94 -5.36 -41.98
N ASP C 91 26.77 -4.44 -41.50
CA ASP C 91 26.46 -3.65 -40.30
C ASP C 91 25.91 -2.30 -40.76
N PRO C 92 25.33 -1.51 -39.84
CA PRO C 92 25.01 -0.11 -40.19
C PRO C 92 26.29 0.68 -40.56
N PRO C 93 26.15 1.77 -41.32
CA PRO C 93 24.93 2.34 -41.87
C PRO C 93 24.42 1.69 -43.15
N ASP C 94 25.25 0.94 -43.89
CA ASP C 94 24.74 0.34 -45.15
C ASP C 94 23.58 -0.60 -44.89
N HIS C 95 23.68 -1.44 -43.86
CA HIS C 95 22.51 -2.28 -43.52
C HIS C 95 21.23 -1.45 -43.34
N THR C 96 21.32 -0.39 -42.53
CA THR C 96 20.16 0.48 -42.25
C THR C 96 19.48 1.02 -43.51
N ARG C 97 20.30 1.57 -44.40
CA ARG C 97 19.85 2.09 -45.69
C ARG C 97 19.09 1.07 -46.51
N LEU C 98 19.73 -0.08 -46.74
CA LEU C 98 19.16 -1.15 -47.56
C LEU C 98 17.89 -1.73 -46.94
N ARG C 99 17.86 -1.87 -45.62
CA ARG C 99 16.72 -2.47 -44.95
C ARG C 99 15.49 -1.54 -45.00
N LYS C 100 15.72 -0.25 -44.73
CA LYS C 100 14.67 0.78 -44.81
C LYS C 100 14.06 0.80 -46.18
N LEU C 101 14.90 0.72 -47.20
CA LEU C 101 14.51 0.69 -48.61
C LEU C 101 13.51 -0.41 -48.95
N VAL C 102 13.70 -1.58 -48.40
CA VAL C 102 12.86 -2.71 -48.75
C VAL C 102 11.76 -2.99 -47.69
N GLY C 103 11.96 -2.46 -46.48
CA GLY C 103 11.05 -2.65 -45.35
C GLY C 103 9.59 -2.33 -45.61
N ARG C 104 9.31 -1.27 -46.35
CA ARG C 104 7.91 -0.91 -46.66
C ARG C 104 7.11 -1.99 -47.42
N SER C 105 7.81 -2.74 -48.26
CA SER C 105 7.17 -3.74 -49.09
C SER C 105 6.84 -4.99 -48.30
N PHE C 106 7.38 -5.08 -47.08
CA PHE C 106 7.22 -6.27 -46.26
C PHE C 106 6.44 -6.06 -44.95
N THR C 107 5.70 -4.96 -44.84
CA THR C 107 4.89 -4.69 -43.61
C THR C 107 3.83 -5.76 -43.45
N VAL C 108 3.37 -5.98 -42.22
CA VAL C 108 2.40 -7.03 -41.97
C VAL C 108 1.15 -6.77 -42.79
N ARG C 109 0.85 -5.51 -43.02
CA ARG C 109 -0.32 -5.10 -43.78
C ARG C 109 -0.23 -5.56 -45.23
N ARG C 110 0.87 -5.22 -45.90
CA ARG C 110 1.17 -5.74 -47.24
C ARG C 110 1.12 -7.28 -47.31
N MET C 111 1.74 -7.94 -46.34
CA MET C 111 1.79 -9.41 -46.35
C MET C 111 0.41 -10.02 -46.08
N ASN C 112 -0.38 -9.44 -45.17
CA ASN C 112 -1.77 -9.90 -44.95
C ASN C 112 -2.62 -9.78 -46.23
N GLU C 113 -2.39 -8.72 -46.99
CA GLU C 113 -3.06 -8.54 -48.28
C GLU C 113 -2.76 -9.65 -49.28
N LEU C 114 -1.73 -10.45 -49.00
CA LEU C 114 -1.37 -11.57 -49.86
C LEU C 114 -2.10 -12.86 -49.48
N GLU C 115 -2.75 -12.87 -48.30
CA GLU C 115 -3.35 -14.11 -47.79
C GLU C 115 -4.26 -14.80 -48.81
N PRO C 116 -5.10 -14.02 -49.55
CA PRO C 116 -5.99 -14.57 -50.59
C PRO C 116 -5.26 -15.34 -51.68
N ARG C 117 -4.18 -14.75 -52.19
CA ARG C 117 -3.43 -15.36 -53.28
C ARG C 117 -2.70 -16.60 -52.78
N ILE C 118 -2.15 -16.53 -51.56
CA ILE C 118 -1.46 -17.68 -50.95
C ILE C 118 -2.43 -18.86 -50.75
N THR C 119 -3.62 -18.54 -50.25
CA THR C 119 -4.71 -19.50 -50.08
C THR C 119 -5.13 -20.14 -51.41
N GLU C 120 -5.35 -19.28 -52.40
CA GLU C 120 -5.59 -19.71 -53.77
C GLU C 120 -4.51 -20.69 -54.28
N ILE C 121 -3.24 -20.31 -54.12
CA ILE C 121 -2.11 -21.13 -54.56
C ILE C 121 -2.15 -22.50 -53.89
N ALA C 122 -2.32 -22.50 -52.56
CA ALA C 122 -2.38 -23.72 -51.78
C ALA C 122 -3.52 -24.63 -52.24
N ASP C 123 -4.61 -24.02 -52.70
CA ASP C 123 -5.83 -24.73 -53.11
C ASP C 123 -5.56 -25.59 -54.35
N GLY C 124 -5.14 -24.92 -55.42
CA GLY C 124 -4.74 -25.55 -56.68
C GLY C 124 -3.75 -26.68 -56.51
N LEU C 125 -2.79 -26.51 -55.61
CA LEU C 125 -1.83 -27.56 -55.33
C LEU C 125 -2.51 -28.80 -54.72
N LEU C 126 -3.39 -28.57 -53.74
CA LEU C 126 -4.17 -29.63 -53.10
C LEU C 126 -5.18 -30.25 -54.08
N ALA C 127 -5.75 -29.40 -54.94
CA ALA C 127 -6.69 -29.82 -55.98
C ALA C 127 -6.07 -30.78 -57.00
N GLY C 128 -4.76 -30.69 -57.19
CA GLY C 128 -4.04 -31.50 -58.17
C GLY C 128 -3.32 -32.69 -57.58
N LEU C 129 -3.24 -32.76 -56.26
CA LEU C 129 -2.53 -33.84 -55.61
C LEU C 129 -3.32 -35.16 -55.57
N PRO C 130 -2.68 -36.26 -56.01
CA PRO C 130 -3.20 -37.65 -56.03
C PRO C 130 -3.91 -38.13 -54.75
N THR C 131 -5.20 -38.45 -54.92
CA THR C 131 -6.07 -39.03 -53.88
C THR C 131 -5.45 -40.29 -53.29
N ASP C 132 -4.76 -41.06 -54.13
CA ASP C 132 -3.99 -42.23 -53.69
C ASP C 132 -2.68 -42.33 -54.45
N GLY C 133 -1.76 -43.12 -53.91
CA GLY C 133 -0.40 -43.19 -54.42
C GLY C 133 0.47 -42.29 -53.56
N PRO C 134 1.79 -42.57 -53.54
CA PRO C 134 2.72 -41.77 -52.73
C PRO C 134 3.09 -40.47 -53.44
N VAL C 135 3.17 -39.38 -52.67
CA VAL C 135 3.70 -38.10 -53.18
C VAL C 135 4.86 -37.60 -52.29
N ASP C 136 5.80 -36.89 -52.92
CA ASP C 136 6.76 -36.10 -52.18
C ASP C 136 6.11 -34.77 -51.83
N LEU C 137 5.74 -34.63 -50.55
CA LEU C 137 5.06 -33.44 -50.07
C LEU C 137 5.97 -32.21 -50.03
N MET C 138 7.27 -32.41 -49.81
CA MET C 138 8.24 -31.34 -49.93
C MET C 138 8.19 -30.75 -51.34
N ARG C 139 8.67 -31.53 -52.32
CA ARG C 139 8.72 -31.08 -53.72
C ARG C 139 7.36 -30.65 -54.32
N GLU C 140 6.30 -31.37 -54.00
CA GLU C 140 4.99 -31.08 -54.63
C GLU C 140 4.11 -30.09 -53.89
N TYR C 141 4.52 -29.68 -52.69
CA TYR C 141 3.67 -28.83 -51.86
C TYR C 141 4.38 -27.79 -50.97
N ALA C 142 5.16 -28.25 -49.97
CA ALA C 142 5.91 -27.35 -49.06
C ALA C 142 6.85 -26.43 -49.82
N PHE C 143 7.59 -26.98 -50.78
CA PHE C 143 8.44 -26.18 -51.67
C PHE C 143 7.67 -25.23 -52.59
N GLN C 144 6.56 -25.69 -53.16
CA GLN C 144 5.85 -24.95 -54.20
C GLN C 144 5.17 -23.66 -53.77
N ILE C 145 4.58 -23.62 -52.58
CA ILE C 145 3.84 -22.43 -52.19
C ILE C 145 4.80 -21.22 -52.05
N PRO C 146 5.89 -21.36 -51.23
CA PRO C 146 6.75 -20.19 -51.00
C PRO C 146 7.43 -19.77 -52.29
N VAL C 147 7.75 -20.73 -53.16
CA VAL C 147 8.39 -20.41 -54.44
C VAL C 147 7.49 -19.60 -55.37
N GLN C 148 6.24 -20.02 -55.54
CA GLN C 148 5.29 -19.27 -56.36
C GLN C 148 5.06 -17.87 -55.78
N VAL C 149 4.84 -17.79 -54.47
CA VAL C 149 4.69 -16.47 -53.82
C VAL C 149 5.90 -15.57 -54.10
N ILE C 150 7.12 -16.08 -53.91
CA ILE C 150 8.27 -15.19 -54.11
C ILE C 150 8.48 -14.84 -55.61
N CYS C 151 8.22 -15.80 -56.51
CA CYS C 151 8.26 -15.45 -57.95
C CYS C 151 7.30 -14.32 -58.31
N GLU C 152 6.07 -14.41 -57.81
CA GLU C 152 5.06 -13.39 -58.10
C GLU C 152 5.41 -12.09 -57.41
N LEU C 153 5.88 -12.15 -56.15
CA LEU C 153 6.25 -10.90 -55.47
C LEU C 153 7.41 -10.16 -56.18
N LEU C 154 8.44 -10.91 -56.58
CA LEU C 154 9.64 -10.29 -57.19
C LEU C 154 9.49 -9.99 -58.68
N GLY C 155 8.71 -10.82 -59.38
CA GLY C 155 8.60 -10.78 -60.84
C GLY C 155 9.59 -11.73 -61.51
N LEU C 156 9.75 -12.92 -60.96
CA LEU C 156 10.66 -13.93 -61.56
C LEU C 156 9.91 -14.79 -62.56
N PRO C 157 10.41 -14.85 -63.83
CA PRO C 157 9.74 -15.69 -64.85
C PRO C 157 9.64 -17.17 -64.44
N ALA C 158 8.42 -17.72 -64.54
CA ALA C 158 8.15 -19.14 -64.27
C ALA C 158 9.04 -20.09 -65.07
N GLU C 159 9.30 -19.71 -66.33
CA GLU C 159 10.17 -20.41 -67.28
C GLU C 159 11.52 -20.81 -66.67
N ASP C 160 12.05 -19.95 -65.80
CA ASP C 160 13.42 -20.07 -65.32
C ASP C 160 13.54 -20.70 -63.94
N ARG C 161 12.41 -21.16 -63.39
CA ARG C 161 12.36 -21.66 -62.04
C ARG C 161 13.30 -22.80 -61.73
N ASP C 162 13.45 -23.75 -62.66
CA ASP C 162 14.34 -24.90 -62.45
C ASP C 162 15.81 -24.52 -62.34
N ASP C 163 16.23 -23.54 -63.14
CA ASP C 163 17.58 -23.00 -63.10
C ASP C 163 17.89 -22.37 -61.73
N PHE C 164 17.09 -21.36 -61.34
CA PHE C 164 17.42 -20.66 -60.09
C PHE C 164 17.16 -21.40 -58.78
N SER C 165 16.17 -22.31 -58.76
CA SER C 165 16.00 -23.20 -57.60
C SER C 165 17.24 -24.10 -57.33
N ALA C 166 17.86 -24.62 -58.39
CA ALA C 166 19.07 -25.41 -58.22
C ALA C 166 20.22 -24.56 -57.63
N TRP C 167 20.39 -23.32 -58.10
CA TRP C 167 21.52 -22.50 -57.63
C TRP C 167 21.27 -22.09 -56.19
N SER C 168 20.03 -21.73 -55.89
CA SER C 168 19.57 -21.37 -54.52
C SER C 168 19.88 -22.45 -53.52
N SER C 169 19.53 -23.68 -53.86
CA SER C 169 19.73 -24.83 -52.98
C SER C 169 21.21 -25.08 -52.65
N VAL C 170 22.10 -24.88 -53.61
CA VAL C 170 23.52 -25.11 -53.40
C VAL C 170 24.11 -24.14 -52.35
N LEU C 171 23.55 -22.92 -52.32
CA LEU C 171 24.10 -21.85 -51.46
C LEU C 171 23.71 -22.05 -49.99
N VAL C 172 22.73 -22.89 -49.77
CA VAL C 172 22.15 -23.09 -48.44
C VAL C 172 22.59 -24.43 -47.78
N ASP C 173 22.88 -25.44 -48.61
CA ASP C 173 23.38 -26.77 -48.14
C ASP C 173 24.84 -26.73 -47.69
N ASP C 174 25.39 -27.90 -47.37
CA ASP C 174 26.81 -28.11 -47.06
C ASP C 174 27.77 -28.24 -48.26
N SER C 175 27.45 -27.59 -49.37
CA SER C 175 28.22 -27.73 -50.62
C SER C 175 29.63 -27.20 -50.50
N PRO C 176 30.57 -27.76 -51.28
CA PRO C 176 31.92 -27.19 -51.30
C PRO C 176 31.93 -25.71 -51.70
N ALA C 177 32.92 -24.96 -51.21
CA ALA C 177 33.10 -23.54 -51.50
C ALA C 177 33.13 -23.23 -52.98
N ASP C 178 33.82 -24.08 -53.74
CA ASP C 178 33.86 -24.04 -55.21
C ASP C 178 32.46 -24.06 -55.86
N ASP C 179 31.62 -24.99 -55.40
CA ASP C 179 30.26 -25.15 -55.90
C ASP C 179 29.37 -23.94 -55.59
N LYS C 180 29.54 -23.39 -54.40
CA LYS C 180 28.77 -22.22 -53.94
C LYS C 180 29.17 -20.98 -54.73
N ASN C 181 30.47 -20.77 -54.92
CA ASN C 181 30.92 -19.68 -55.78
C ASN C 181 30.40 -19.76 -57.19
N ALA C 182 30.36 -20.97 -57.74
CA ALA C 182 29.80 -21.21 -59.05
C ALA C 182 28.30 -20.88 -59.09
N ALA C 183 27.52 -21.38 -58.13
CA ALA C 183 26.07 -21.07 -58.05
C ALA C 183 25.79 -19.57 -57.87
N MET C 184 26.57 -18.92 -57.01
CA MET C 184 26.44 -17.47 -56.80
C MET C 184 26.69 -16.70 -58.12
N GLY C 185 27.77 -17.07 -58.83
CA GLY C 185 28.06 -16.54 -60.16
C GLY C 185 26.92 -16.68 -61.16
N LYS C 186 26.36 -17.87 -61.24
CA LYS C 186 25.22 -18.15 -62.12
C LYS C 186 23.96 -17.37 -61.73
N LEU C 187 23.66 -17.35 -60.43
CA LEU C 187 22.54 -16.58 -59.90
C LEU C 187 22.70 -15.10 -60.20
N HIS C 188 23.89 -14.57 -59.95
CA HIS C 188 24.22 -13.19 -60.19
C HIS C 188 24.05 -12.81 -61.68
N GLY C 189 24.65 -13.61 -62.56
CA GLY C 189 24.51 -13.46 -64.01
C GLY C 189 23.07 -13.50 -64.46
N TYR C 190 22.34 -14.50 -64.01
CA TYR C 190 20.92 -14.62 -64.29
C TYR C 190 20.10 -13.37 -63.89
N LEU C 191 20.33 -12.90 -62.66
CA LEU C 191 19.57 -11.76 -62.12
C LEU C 191 20.00 -10.46 -62.78
N SER C 192 21.29 -10.31 -63.09
CA SER C 192 21.75 -9.13 -63.85
C SER C 192 21.07 -9.05 -65.21
N ASP C 193 20.99 -10.16 -65.92
CA ASP C 193 20.33 -10.20 -67.23
C ASP C 193 18.83 -9.94 -67.12
N LEU C 194 18.18 -10.58 -66.15
CA LEU C 194 16.77 -10.36 -65.88
C LEU C 194 16.47 -8.85 -65.69
N LEU C 195 17.29 -8.20 -64.86
CA LEU C 195 17.12 -6.78 -64.59
C LEU C 195 17.32 -5.91 -65.85
N GLU C 196 18.33 -6.25 -66.66
CA GLU C 196 18.49 -5.63 -67.99
C GLU C 196 17.24 -5.76 -68.85
N ARG C 197 16.60 -6.94 -68.83
CA ARG C 197 15.34 -7.14 -69.54
C ARG C 197 14.15 -6.40 -68.95
N LYS C 198 14.13 -6.25 -67.62
CA LYS C 198 13.05 -5.56 -66.94
C LYS C 198 13.13 -4.08 -67.19
N ARG C 199 14.33 -3.57 -67.45
CA ARG C 199 14.52 -2.20 -67.82
C ARG C 199 13.75 -1.85 -69.11
N THR C 200 13.85 -2.74 -70.10
CA THR C 200 13.13 -2.58 -71.35
C THR C 200 11.65 -2.92 -71.22
N GLU C 201 11.33 -3.96 -70.47
CA GLU C 201 9.94 -4.32 -70.24
C GLU C 201 9.59 -4.40 -68.76
N PRO C 202 9.35 -3.25 -68.10
CA PRO C 202 9.03 -3.25 -66.66
C PRO C 202 7.71 -3.89 -66.28
N ASP C 203 7.59 -4.27 -65.01
CA ASP C 203 6.30 -4.70 -64.49
C ASP C 203 6.07 -3.98 -63.16
N ASP C 204 5.07 -4.41 -62.42
CA ASP C 204 4.71 -3.72 -61.18
C ASP C 204 5.13 -4.52 -59.93
N ALA C 205 6.05 -5.47 -60.11
CA ALA C 205 6.51 -6.28 -59.00
C ALA C 205 7.81 -5.71 -58.46
N LEU C 206 8.36 -6.30 -57.39
CA LEU C 206 9.45 -5.64 -56.63
C LEU C 206 10.73 -5.32 -57.40
N LEU C 207 11.21 -6.24 -58.24
CA LEU C 207 12.48 -5.98 -58.94
C LEU C 207 12.43 -4.79 -59.90
N SER C 208 11.33 -4.63 -60.62
CA SER C 208 11.14 -3.41 -61.42
C SER C 208 11.13 -2.17 -60.54
N SER C 209 10.40 -2.21 -59.43
CA SER C 209 10.37 -1.04 -58.54
C SER C 209 11.76 -0.67 -58.03
N LEU C 210 12.50 -1.66 -57.55
CA LEU C 210 13.84 -1.41 -57.04
C LEU C 210 14.81 -0.98 -58.13
N LEU C 211 14.68 -1.51 -59.33
CA LEU C 211 15.48 -1.09 -60.48
C LEU C 211 15.30 0.40 -60.74
N ALA C 212 14.04 0.83 -60.73
CA ALA C 212 13.69 2.26 -60.87
C ALA C 212 14.38 3.09 -59.80
N VAL C 213 14.31 2.66 -58.54
CA VAL C 213 14.95 3.36 -57.43
C VAL C 213 16.46 3.50 -57.71
N SER C 214 17.09 2.37 -58.07
CA SER C 214 18.50 2.33 -58.40
C SER C 214 18.85 3.26 -59.58
N ASP C 215 18.05 3.20 -60.64
CA ASP C 215 18.21 4.13 -61.79
C ASP C 215 18.14 5.58 -61.35
N MET C 216 17.17 5.90 -60.50
CA MET C 216 17.00 7.27 -59.99
C MET C 216 18.09 7.75 -59.05
N ASP C 217 18.53 6.90 -58.11
CA ASP C 217 19.53 7.31 -57.12
C ASP C 217 20.43 6.12 -56.77
N GLY C 218 21.49 5.96 -57.57
CA GLY C 218 22.51 4.93 -57.35
C GLY C 218 23.14 4.85 -55.97
N ASP C 219 23.20 5.99 -55.27
CA ASP C 219 23.67 6.07 -53.87
C ASP C 219 22.70 5.49 -52.87
N ARG C 220 21.41 5.49 -53.21
CA ARG C 220 20.41 4.83 -52.41
C ARG C 220 20.45 3.30 -52.65
N LEU C 221 20.51 2.90 -53.91
CA LEU C 221 20.63 1.50 -54.28
C LEU C 221 21.52 1.34 -55.47
N SER C 222 22.75 0.85 -55.28
CA SER C 222 23.62 0.59 -56.44
C SER C 222 23.14 -0.59 -57.26
N GLN C 223 23.61 -0.69 -58.50
CA GLN C 223 23.34 -1.87 -59.32
C GLN C 223 23.74 -3.19 -58.64
N GLU C 224 24.94 -3.23 -58.04
CA GLU C 224 25.38 -4.47 -57.41
C GLU C 224 24.55 -4.81 -56.16
N GLU C 225 24.19 -3.78 -55.40
CA GLU C 225 23.28 -3.91 -54.26
C GLU C 225 21.90 -4.42 -54.69
N LEU C 226 21.40 -3.89 -55.82
CA LEU C 226 20.14 -4.38 -56.34
C LEU C 226 20.20 -5.86 -56.69
N VAL C 227 21.26 -6.29 -57.39
CA VAL C 227 21.38 -7.72 -57.76
C VAL C 227 21.45 -8.61 -56.50
N ALA C 228 22.21 -8.16 -55.51
CA ALA C 228 22.38 -8.91 -54.26
C ALA C 228 21.07 -8.96 -53.47
N MET C 229 20.31 -7.88 -53.49
CA MET C 229 18.97 -7.84 -52.86
C MET C 229 18.05 -8.85 -53.53
N ALA C 230 18.05 -8.83 -54.86
CA ALA C 230 17.26 -9.79 -55.62
C ALA C 230 17.66 -11.22 -55.24
N MET C 231 18.96 -11.49 -55.13
CA MET C 231 19.41 -12.85 -54.82
C MET C 231 19.01 -13.28 -53.41
N LEU C 232 19.21 -12.38 -52.45
CA LEU C 232 18.88 -12.66 -51.05
C LEU C 232 17.42 -12.99 -50.92
N LEU C 233 16.55 -12.17 -51.52
CA LEU C 233 15.12 -12.41 -51.44
C LEU C 233 14.68 -13.65 -52.17
N LEU C 234 15.30 -13.95 -53.30
CA LEU C 234 14.96 -15.16 -54.02
C LEU C 234 15.31 -16.39 -53.19
N ILE C 235 16.51 -16.40 -52.58
CA ILE C 235 16.96 -17.55 -51.78
C ILE C 235 16.08 -17.75 -50.53
N ALA C 236 15.77 -16.64 -49.84
CA ALA C 236 14.83 -16.67 -48.73
C ALA C 236 13.45 -17.24 -49.13
N GLY C 237 12.99 -16.94 -50.34
CA GLY C 237 11.72 -17.51 -50.83
C GLY C 237 11.76 -19.00 -51.17
N HIS C 238 12.96 -19.56 -51.32
CA HIS C 238 13.13 -20.97 -51.72
C HIS C 238 13.53 -21.87 -50.57
N GLU C 239 14.15 -21.31 -49.53
CA GLU C 239 14.90 -22.12 -48.59
C GLU C 239 14.45 -22.00 -47.12
N THR C 240 13.31 -21.38 -46.87
CA THR C 240 12.97 -21.06 -45.49
C THR C 240 11.60 -21.64 -45.12
N THR C 241 10.56 -21.01 -45.64
CA THR C 241 9.18 -21.36 -45.33
C THR C 241 8.86 -22.81 -45.65
N VAL C 242 9.51 -23.33 -46.69
CA VAL C 242 9.43 -24.75 -47.06
C VAL C 242 9.66 -25.65 -45.84
N ASN C 243 10.60 -25.26 -45.00
CA ASN C 243 10.97 -26.09 -43.88
C ASN C 243 10.11 -25.86 -42.64
N LEU C 244 9.51 -24.67 -42.57
CA LEU C 244 8.39 -24.41 -41.63
C LEU C 244 7.23 -25.37 -41.92
N ILE C 245 6.79 -25.41 -43.18
CA ILE C 245 5.73 -26.32 -43.59
C ILE C 245 6.14 -27.77 -43.37
N GLY C 246 7.28 -28.18 -43.93
CA GLY C 246 7.75 -29.53 -43.75
C GLY C 246 7.90 -29.94 -42.30
N ASN C 247 8.55 -29.11 -41.48
CA ASN C 247 8.81 -29.48 -40.09
C ASN C 247 7.55 -29.52 -39.23
N GLY C 248 6.60 -28.65 -39.58
CA GLY C 248 5.33 -28.51 -38.87
C GLY C 248 4.44 -29.70 -39.16
N VAL C 249 4.26 -30.00 -40.44
CA VAL C 249 3.62 -31.26 -40.87
C VAL C 249 4.27 -32.47 -40.17
N LEU C 250 5.59 -32.64 -40.30
CA LEU C 250 6.25 -33.74 -39.61
C LEU C 250 5.95 -33.74 -38.09
N ALA C 251 5.88 -32.57 -37.48
CA ALA C 251 5.51 -32.42 -36.07
C ALA C 251 4.17 -33.12 -35.74
N LEU C 252 3.11 -32.67 -36.44
CA LEU C 252 1.77 -33.22 -36.31
C LEU C 252 1.69 -34.74 -36.54
N LEU C 253 2.31 -35.20 -37.62
CA LEU C 253 2.24 -36.60 -37.99
C LEU C 253 2.92 -37.50 -36.97
N THR C 254 3.93 -36.99 -36.26
CA THR C 254 4.61 -37.76 -35.18
C THR C 254 4.06 -37.47 -33.77
N HIS C 255 3.10 -36.54 -33.69
CA HIS C 255 2.44 -36.18 -32.45
C HIS C 255 0.92 -36.26 -32.67
N PRO C 256 0.38 -37.49 -32.68
CA PRO C 256 -1.06 -37.68 -32.92
C PRO C 256 -1.88 -36.99 -31.84
N ASP C 257 -1.34 -36.89 -30.63
CA ASP C 257 -1.99 -36.10 -29.57
C ASP C 257 -2.26 -34.68 -30.05
N GLN C 258 -1.22 -34.04 -30.60
CA GLN C 258 -1.28 -32.66 -31.08
C GLN C 258 -2.07 -32.49 -32.39
N ARG C 259 -1.92 -33.49 -33.26
CA ARG C 259 -2.68 -33.55 -34.52
C ARG C 259 -4.17 -33.50 -34.22
N LYS C 260 -4.60 -34.39 -33.32
CA LYS C 260 -5.98 -34.52 -32.87
C LYS C 260 -6.55 -33.17 -32.43
N LEU C 261 -5.77 -32.47 -31.61
CA LEU C 261 -6.13 -31.15 -31.08
C LEU C 261 -6.38 -30.08 -32.16
N LEU C 262 -5.59 -30.14 -33.24
CA LEU C 262 -5.76 -29.20 -34.35
C LEU C 262 -6.94 -29.62 -35.22
N ALA C 263 -7.08 -30.90 -35.50
CA ALA C 263 -8.25 -31.42 -36.22
C ALA C 263 -9.55 -30.89 -35.58
N GLU C 264 -9.66 -31.09 -34.27
CA GLU C 264 -10.86 -30.71 -33.51
C GLU C 264 -10.97 -29.21 -33.31
N ASP C 265 -9.82 -28.54 -33.23
CA ASP C 265 -9.80 -27.09 -33.21
C ASP C 265 -8.81 -26.55 -34.25
N PRO C 266 -9.29 -26.36 -35.50
CA PRO C 266 -8.49 -25.89 -36.64
C PRO C 266 -7.98 -24.45 -36.51
N SER C 267 -8.65 -23.61 -35.69
CA SER C 267 -8.13 -22.27 -35.46
C SER C 267 -6.95 -22.20 -34.48
N LEU C 268 -6.46 -23.38 -34.08
CA LEU C 268 -5.20 -23.44 -33.33
C LEU C 268 -3.96 -23.28 -34.23
N ILE C 269 -4.18 -23.05 -35.54
CA ILE C 269 -3.10 -23.01 -36.54
C ILE C 269 -2.01 -21.97 -36.26
N SER C 270 -2.42 -20.73 -35.98
CA SER C 270 -1.48 -19.61 -35.70
C SER C 270 -0.58 -19.87 -34.50
N SER C 271 -1.18 -20.33 -33.41
CA SER C 271 -0.45 -20.77 -32.25
C SER C 271 0.35 -22.03 -32.64
N ALA C 272 -0.24 -22.92 -33.44
CA ALA C 272 0.47 -24.12 -33.88
C ALA C 272 1.74 -23.74 -34.62
N VAL C 273 1.63 -22.77 -35.55
CA VAL C 273 2.80 -22.33 -36.33
C VAL C 273 3.93 -21.79 -35.44
N GLU C 274 3.55 -21.02 -34.41
CA GLU C 274 4.54 -20.42 -33.53
C GLU C 274 5.28 -21.53 -32.81
N GLU C 275 4.53 -22.55 -32.41
CA GLU C 275 5.09 -23.70 -31.72
C GLU C 275 5.98 -24.53 -32.64
N PHE C 276 5.58 -24.68 -33.92
CA PHE C 276 6.44 -25.37 -34.91
C PHE C 276 7.76 -24.63 -35.14
N LEU C 277 7.67 -23.30 -35.24
CA LEU C 277 8.88 -22.46 -35.39
C LEU C 277 9.80 -22.66 -34.21
N ARG C 278 9.20 -22.77 -33.03
CA ARG C 278 9.97 -23.05 -31.81
C ARG C 278 10.45 -24.49 -31.79
N PHE C 279 9.54 -25.45 -32.03
CA PHE C 279 9.82 -26.87 -31.74
C PHE C 279 10.89 -27.49 -32.65
N ASP C 280 10.91 -27.06 -33.90
CA ASP C 280 11.84 -27.57 -34.89
C ASP C 280 12.17 -26.41 -35.85
N SER C 281 13.00 -25.48 -35.38
CA SER C 281 13.20 -24.20 -36.07
C SER C 281 13.80 -24.45 -37.48
N PRO C 282 13.17 -23.91 -38.54
CA PRO C 282 13.62 -24.15 -39.93
C PRO C 282 15.00 -23.56 -40.18
N VAL C 283 15.32 -22.42 -39.54
CA VAL C 283 16.69 -21.91 -39.58
C VAL C 283 17.34 -22.31 -38.30
N SER C 284 18.18 -23.33 -38.37
CA SER C 284 18.69 -24.00 -37.17
C SER C 284 19.79 -23.19 -36.49
N GLN C 285 20.66 -22.59 -37.30
CA GLN C 285 21.67 -21.66 -36.83
C GLN C 285 21.58 -20.39 -37.67
N ALA C 286 21.65 -19.22 -37.02
CA ALA C 286 21.71 -17.95 -37.74
C ALA C 286 23.02 -17.93 -38.58
N PRO C 287 22.97 -17.30 -39.78
CA PRO C 287 24.20 -17.06 -40.51
C PRO C 287 25.25 -16.39 -39.61
N ILE C 288 26.53 -16.65 -39.88
CA ILE C 288 27.57 -16.29 -38.89
C ILE C 288 27.76 -14.80 -38.59
N ARG C 289 28.24 -14.55 -37.37
CA ARG C 289 28.68 -13.24 -36.92
C ARG C 289 30.16 -13.34 -36.62
N PHE C 290 30.80 -12.19 -36.49
CA PHE C 290 32.24 -12.11 -36.30
C PHE C 290 32.48 -11.23 -35.06
N THR C 291 33.36 -11.67 -34.16
CA THR C 291 33.66 -10.87 -32.98
C THR C 291 34.59 -9.74 -33.35
N ALA C 292 34.13 -8.51 -33.12
CA ALA C 292 34.88 -7.28 -33.34
C ALA C 292 35.84 -7.05 -32.20
N GLU C 293 35.46 -7.52 -31.01
CA GLU C 293 36.34 -7.56 -29.84
C GLU C 293 36.02 -8.81 -29.04
N ASP C 294 36.83 -9.11 -28.01
CA ASP C 294 36.57 -10.28 -27.17
C ASP C 294 35.21 -10.11 -26.55
N VAL C 295 34.48 -11.21 -26.38
CA VAL C 295 33.21 -11.21 -25.69
C VAL C 295 33.17 -12.41 -24.77
N THR C 296 32.34 -12.36 -23.74
CA THR C 296 32.25 -13.48 -22.80
C THR C 296 30.79 -13.85 -22.61
N TYR C 297 30.47 -15.11 -22.88
CA TYR C 297 29.13 -15.64 -22.68
C TYR C 297 29.28 -16.92 -21.83
N SER C 298 28.37 -17.14 -20.88
CA SER C 298 28.41 -18.32 -20.00
C SER C 298 29.84 -18.66 -19.53
N GLY C 299 30.58 -17.64 -19.11
CA GLY C 299 31.93 -17.85 -18.61
C GLY C 299 32.99 -18.14 -19.64
N VAL C 300 32.62 -18.20 -20.92
CA VAL C 300 33.58 -18.49 -21.99
C VAL C 300 33.93 -17.23 -22.80
N THR C 301 35.21 -16.89 -22.84
CA THR C 301 35.63 -15.74 -23.63
C THR C 301 35.90 -16.19 -25.07
N ILE C 302 35.21 -15.56 -26.03
CA ILE C 302 35.52 -15.72 -27.47
C ILE C 302 36.43 -14.56 -27.89
N PRO C 303 37.67 -14.87 -28.34
CA PRO C 303 38.58 -13.83 -28.81
C PRO C 303 38.03 -13.01 -30.00
N ALA C 304 38.53 -11.78 -30.17
CA ALA C 304 38.24 -10.96 -31.34
C ALA C 304 38.68 -11.72 -32.58
N GLY C 305 37.91 -11.60 -33.67
CA GLY C 305 38.31 -12.18 -34.97
C GLY C 305 37.71 -13.53 -35.28
N GLU C 306 36.76 -13.96 -34.44
CA GLU C 306 36.20 -15.32 -34.53
C GLU C 306 34.82 -15.33 -35.15
N MET C 307 34.48 -16.46 -35.76
CA MET C 307 33.18 -16.71 -36.32
C MET C 307 32.27 -17.37 -35.30
N VAL C 308 31.02 -16.89 -35.26
CA VAL C 308 30.08 -17.25 -34.20
C VAL C 308 28.73 -17.51 -34.81
N MET C 309 28.17 -18.69 -34.54
CA MET C 309 26.79 -19.03 -34.93
C MET C 309 25.90 -19.02 -33.72
N LEU C 310 24.70 -18.47 -33.89
CA LEU C 310 23.73 -18.41 -32.82
C LEU C 310 22.81 -19.59 -33.03
N GLY C 311 22.80 -20.50 -32.05
CA GLY C 311 22.00 -21.73 -32.17
C GLY C 311 20.54 -21.48 -31.89
N LEU C 312 19.77 -21.26 -32.96
CA LEU C 312 18.35 -20.91 -32.83
C LEU C 312 17.46 -22.07 -32.42
N ALA C 313 17.60 -23.21 -33.12
CA ALA C 313 16.86 -24.45 -32.76
C ALA C 313 17.23 -24.94 -31.35
N ALA C 314 18.49 -24.79 -30.94
CA ALA C 314 18.95 -25.10 -29.59
C ALA C 314 18.36 -24.19 -28.53
N ALA C 315 18.50 -22.87 -28.73
CA ALA C 315 17.91 -21.83 -27.88
C ALA C 315 16.42 -21.97 -27.67
N ASN C 316 15.71 -22.37 -28.73
CA ASN C 316 14.24 -22.42 -28.72
C ASN C 316 13.69 -23.62 -27.92
N ARG C 317 14.60 -24.50 -27.49
CA ARG C 317 14.24 -25.57 -26.55
C ARG C 317 15.03 -25.45 -25.23
N ASP C 318 15.40 -24.22 -24.86
CA ASP C 318 16.10 -23.98 -23.59
C ASP C 318 15.04 -23.94 -22.49
N ALA C 319 15.14 -24.87 -21.53
CA ALA C 319 14.15 -24.99 -20.42
C ALA C 319 14.11 -23.74 -19.55
N ASP C 320 15.25 -23.07 -19.46
CA ASP C 320 15.37 -21.77 -18.78
C ASP C 320 14.49 -20.67 -19.36
N TRP C 321 14.04 -20.86 -20.60
CA TRP C 321 13.12 -19.92 -21.26
C TRP C 321 11.68 -20.44 -21.32
N MET C 322 11.57 -21.71 -21.67
CA MET C 322 10.32 -22.35 -22.05
C MET C 322 10.17 -23.63 -21.24
N PRO C 323 9.13 -23.71 -20.41
CA PRO C 323 8.91 -24.91 -19.58
C PRO C 323 8.67 -26.17 -20.44
N GLU C 324 9.26 -27.30 -20.04
CA GLU C 324 9.10 -28.56 -20.80
C GLU C 324 9.29 -28.31 -22.30
N PRO C 325 10.48 -27.81 -22.69
CA PRO C 325 10.67 -27.32 -24.05
C PRO C 325 10.66 -28.45 -25.09
N ASP C 326 10.98 -29.68 -24.69
CA ASP C 326 10.98 -30.87 -25.58
C ASP C 326 9.59 -31.37 -25.91
N ARG C 327 8.57 -30.76 -25.30
CA ARG C 327 7.20 -31.19 -25.54
C ARG C 327 6.55 -30.32 -26.58
N LEU C 328 6.03 -30.95 -27.63
CA LEU C 328 5.25 -30.22 -28.61
C LEU C 328 3.93 -29.88 -27.95
N ASP C 329 3.66 -28.58 -27.87
CA ASP C 329 2.40 -28.11 -27.33
C ASP C 329 1.88 -26.92 -28.15
N ILE C 330 0.99 -27.20 -29.11
CA ILE C 330 0.49 -26.20 -30.08
C ILE C 330 -0.46 -25.16 -29.50
N THR C 331 -0.79 -25.33 -28.23
CA THR C 331 -1.68 -24.37 -27.57
C THR C 331 -0.92 -23.30 -26.79
N ARG C 332 0.38 -23.55 -26.59
CA ARG C 332 1.32 -22.63 -25.97
C ARG C 332 1.09 -21.17 -26.37
N ASP C 333 1.16 -20.28 -25.38
CA ASP C 333 1.05 -18.86 -25.60
C ASP C 333 2.46 -18.30 -25.38
N ALA C 334 3.30 -18.50 -26.39
CA ALA C 334 4.73 -18.22 -26.29
C ALA C 334 5.06 -16.86 -26.87
N SER C 335 6.09 -16.24 -26.30
CA SER C 335 6.51 -14.93 -26.71
C SER C 335 8.00 -14.94 -26.62
N GLY C 336 8.66 -14.41 -27.64
CA GLY C 336 10.10 -14.21 -27.60
C GLY C 336 10.98 -15.33 -28.15
N GLY C 337 10.42 -16.22 -28.96
CA GLY C 337 11.28 -17.21 -29.65
C GLY C 337 12.26 -16.49 -30.59
N VAL C 338 13.44 -17.11 -30.81
CA VAL C 338 14.52 -16.51 -31.63
C VAL C 338 14.61 -17.06 -33.08
N PHE C 339 13.55 -17.74 -33.51
CA PHE C 339 13.51 -18.43 -34.80
C PHE C 339 13.51 -17.46 -35.99
N PHE C 340 13.10 -16.23 -35.76
CA PHE C 340 13.23 -15.17 -36.77
C PHE C 340 14.35 -14.17 -36.46
N GLY C 341 15.23 -14.51 -35.52
CA GLY C 341 16.27 -13.62 -35.05
C GLY C 341 15.70 -12.60 -34.06
N HIS C 342 16.34 -11.43 -34.00
CA HIS C 342 16.10 -10.43 -32.93
C HIS C 342 17.06 -9.29 -33.19
N GLY C 343 16.57 -8.06 -33.08
CA GLY C 343 17.43 -6.93 -33.30
C GLY C 343 17.31 -6.44 -34.72
N ILE C 344 18.38 -5.85 -35.24
CA ILE C 344 18.30 -5.05 -36.47
C ILE C 344 18.13 -5.94 -37.71
N HIS C 345 18.62 -7.18 -37.62
CA HIS C 345 18.49 -8.13 -38.73
C HIS C 345 17.27 -8.99 -38.65
N PHE C 346 16.38 -8.69 -37.70
CA PHE C 346 15.17 -9.52 -37.53
C PHE C 346 14.49 -9.79 -38.85
N CYS C 347 14.07 -11.05 -39.04
CA CYS C 347 13.57 -11.51 -40.33
C CYS C 347 12.65 -10.55 -41.04
N LEU C 348 13.06 -10.13 -42.23
CA LEU C 348 12.22 -9.26 -43.05
C LEU C 348 10.92 -9.98 -43.47
N GLY C 349 10.98 -11.29 -43.70
CA GLY C 349 9.80 -12.02 -44.21
C GLY C 349 8.98 -12.70 -43.11
N ALA C 350 9.16 -12.26 -41.85
CA ALA C 350 8.52 -12.94 -40.71
C ALA C 350 7.00 -13.08 -40.92
N GLN C 351 6.35 -12.06 -41.43
CA GLN C 351 4.90 -12.11 -41.56
C GLN C 351 4.50 -12.95 -42.76
N LEU C 352 5.22 -12.79 -43.87
CA LEU C 352 5.10 -13.67 -45.05
C LEU C 352 5.18 -15.15 -44.65
N ALA C 353 6.23 -15.53 -43.94
CA ALA C 353 6.45 -16.90 -43.55
C ALA C 353 5.33 -17.42 -42.62
N ARG C 354 4.97 -16.64 -41.59
CA ARG C 354 3.83 -16.97 -40.70
C ARG C 354 2.56 -17.32 -41.46
N LEU C 355 2.18 -16.44 -42.36
CA LEU C 355 1.02 -16.61 -43.20
C LEU C 355 1.10 -17.83 -44.10
N GLU C 356 2.22 -17.94 -44.82
CA GLU C 356 2.45 -19.03 -45.73
C GLU C 356 2.33 -20.32 -44.95
N GLY C 357 2.94 -20.35 -43.75
CA GLY C 357 2.89 -21.52 -42.88
C GLY C 357 1.49 -21.88 -42.38
N ARG C 358 0.74 -20.88 -41.91
CA ARG C 358 -0.67 -21.03 -41.45
C ARG C 358 -1.58 -21.62 -42.56
N VAL C 359 -1.67 -20.91 -43.67
CA VAL C 359 -2.38 -21.39 -44.87
C VAL C 359 -1.94 -22.80 -45.30
N ALA C 360 -0.65 -23.00 -45.52
CA ALA C 360 -0.18 -24.27 -46.04
C ALA C 360 -0.53 -25.44 -45.13
N ILE C 361 -0.21 -25.30 -43.84
CA ILE C 361 -0.38 -26.40 -42.91
C ILE C 361 -1.86 -26.60 -42.61
N GLY C 362 -2.58 -25.48 -42.47
CA GLY C 362 -4.01 -25.48 -42.17
C GLY C 362 -4.84 -26.19 -43.24
N ARG C 363 -4.73 -25.73 -44.48
CA ARG C 363 -5.45 -26.31 -45.63
C ARG C 363 -5.05 -27.77 -45.90
N LEU C 364 -3.75 -28.08 -45.85
CA LEU C 364 -3.34 -29.45 -46.08
C LEU C 364 -4.08 -30.40 -45.13
N PHE C 365 -4.07 -30.10 -43.83
CA PHE C 365 -4.70 -30.99 -42.88
C PHE C 365 -6.22 -30.98 -42.96
N ALA C 366 -6.80 -29.81 -43.24
CA ALA C 366 -8.24 -29.66 -43.45
C ALA C 366 -8.70 -30.56 -44.58
N ASP C 367 -8.03 -30.41 -45.72
CA ASP C 367 -8.38 -31.11 -46.94
C ASP C 367 -7.99 -32.59 -46.94
N ARG C 368 -6.95 -32.97 -46.20
CA ARG C 368 -6.46 -34.34 -46.25
C ARG C 368 -6.31 -34.98 -44.86
N PRO C 369 -7.44 -35.23 -44.16
CA PRO C 369 -7.39 -35.76 -42.79
C PRO C 369 -6.76 -37.16 -42.60
N GLU C 370 -6.60 -37.93 -43.68
CA GLU C 370 -5.93 -39.23 -43.59
C GLU C 370 -4.47 -39.21 -44.04
N LEU C 371 -3.88 -38.00 -44.07
CA LEU C 371 -2.48 -37.81 -44.43
C LEU C 371 -1.55 -38.62 -43.52
N ALA C 372 -0.63 -39.37 -44.12
CA ALA C 372 0.33 -40.14 -43.35
C ALA C 372 1.66 -40.24 -44.08
N LEU C 373 2.75 -40.39 -43.33
CA LEU C 373 4.03 -40.76 -43.93
C LEU C 373 3.89 -42.10 -44.64
N ALA C 374 4.48 -42.23 -45.83
CA ALA C 374 4.53 -43.50 -46.53
C ALA C 374 5.77 -44.29 -46.13
N VAL C 375 6.60 -43.71 -45.26
CA VAL C 375 7.80 -44.39 -44.76
C VAL C 375 7.91 -44.32 -43.23
N GLY C 376 8.94 -44.96 -42.68
CA GLY C 376 9.26 -44.86 -41.26
C GLY C 376 9.99 -43.56 -40.94
N LEU C 377 9.60 -42.94 -39.83
CA LEU C 377 10.25 -41.76 -39.27
C LEU C 377 11.76 -41.77 -39.54
N ASP C 378 12.35 -42.96 -39.40
CA ASP C 378 13.80 -43.17 -39.42
C ASP C 378 14.37 -43.25 -40.84
N GLU C 379 13.45 -43.33 -41.81
CA GLU C 379 13.79 -43.37 -43.25
C GLU C 379 13.94 -41.98 -43.90
N LEU C 380 13.36 -40.97 -43.25
CA LEU C 380 13.41 -39.59 -43.75
C LEU C 380 14.84 -39.11 -43.89
N VAL C 381 15.11 -38.42 -45.01
CA VAL C 381 16.44 -37.87 -45.24
C VAL C 381 16.36 -36.36 -45.05
N TYR C 382 17.30 -35.85 -44.25
CA TYR C 382 17.45 -34.43 -44.03
C TYR C 382 18.65 -33.91 -44.82
N ARG C 383 18.51 -32.66 -45.27
CA ARG C 383 19.62 -31.95 -45.89
C ARG C 383 20.76 -31.76 -44.93
N ARG C 384 21.97 -31.76 -45.46
CA ARG C 384 23.12 -31.44 -44.66
C ARG C 384 23.39 -29.94 -44.80
N SER C 385 23.00 -29.19 -43.76
CA SER C 385 23.16 -27.74 -43.78
C SER C 385 23.39 -27.21 -42.36
N THR C 386 24.34 -26.29 -42.21
CA THR C 386 24.52 -25.57 -40.95
C THR C 386 23.56 -24.37 -40.82
N LEU C 387 22.74 -24.15 -41.84
CA LEU C 387 21.80 -23.06 -41.82
C LEU C 387 20.35 -23.53 -41.65
N VAL C 388 19.98 -24.64 -42.28
CA VAL C 388 18.57 -25.03 -42.28
C VAL C 388 18.36 -26.43 -41.74
N ARG C 389 17.25 -26.60 -41.01
CA ARG C 389 16.71 -27.90 -40.56
C ARG C 389 15.61 -28.21 -41.56
N GLY C 390 15.91 -29.08 -42.52
CA GLY C 390 15.00 -29.29 -43.63
C GLY C 390 15.00 -30.70 -44.23
N LEU C 391 13.81 -31.18 -44.51
CA LEU C 391 13.63 -32.49 -45.13
C LEU C 391 14.02 -32.44 -46.60
N SER C 392 14.81 -33.41 -47.01
CA SER C 392 15.13 -33.56 -48.42
C SER C 392 13.87 -33.95 -49.22
N ARG C 393 13.11 -34.90 -48.70
CA ARG C 393 11.85 -35.33 -49.30
C ARG C 393 10.94 -35.79 -48.16
N MET C 394 9.63 -35.71 -48.37
CA MET C 394 8.67 -36.30 -47.43
C MET C 394 7.68 -37.20 -48.16
N PRO C 395 8.03 -38.50 -48.29
CA PRO C 395 7.10 -39.39 -48.97
C PRO C 395 5.88 -39.61 -48.09
N VAL C 396 4.74 -39.03 -48.49
CA VAL C 396 3.48 -39.24 -47.78
C VAL C 396 2.50 -40.02 -48.66
N THR C 397 1.51 -40.64 -48.01
CA THR C 397 0.26 -41.01 -48.68
C THR C 397 -0.74 -39.92 -48.35
N MET C 398 -1.36 -39.36 -49.38
CA MET C 398 -2.26 -38.20 -49.22
C MET C 398 -3.61 -38.53 -48.59
N GLY C 399 -4.29 -39.53 -49.16
CA GLY C 399 -5.66 -39.88 -48.73
C GLY C 399 -6.72 -39.11 -49.50
N PRO C 400 -7.99 -39.58 -49.43
CA PRO C 400 -9.09 -38.87 -50.09
C PRO C 400 -9.39 -37.46 -49.54
N ARG C 401 -10.03 -36.64 -50.37
CA ARG C 401 -10.37 -35.27 -50.04
C ARG C 401 -11.72 -35.18 -49.32
N SER C 402 -12.03 -34.00 -48.79
CA SER C 402 -13.36 -33.68 -48.28
C SER C 402 -13.69 -32.18 -48.40
N ALA D 2 5.24 -5.70 9.84
CA ALA D 2 4.89 -4.33 10.30
C ALA D 2 3.45 -3.92 9.93
N LEU D 3 2.93 -2.94 10.66
CA LEU D 3 1.64 -2.35 10.39
C LEU D 3 1.87 -1.08 9.59
N THR D 4 0.85 -0.68 8.83
CA THR D 4 0.97 0.48 7.99
C THR D 4 -0.37 1.20 7.83
N THR D 5 -0.33 2.48 7.47
CA THR D 5 -1.53 3.19 7.03
C THR D 5 -2.07 2.58 5.72
N THR D 6 -3.35 2.85 5.43
CA THR D 6 -4.10 2.04 4.48
C THR D 6 -4.49 2.73 3.17
N GLY D 7 -4.48 4.07 3.17
CA GLY D 7 -4.89 4.83 1.99
C GLY D 7 -3.84 4.93 0.89
N THR D 8 -3.87 6.06 0.17
CA THR D 8 -2.97 6.32 -0.95
C THR D 8 -1.49 6.25 -0.54
N GLU D 9 -1.12 6.98 0.51
CA GLU D 9 0.23 6.87 1.04
C GLU D 9 0.25 5.86 2.19
N GLN D 10 1.17 4.91 2.08
CA GLN D 10 1.37 3.91 3.11
C GLN D 10 2.60 4.26 3.92
N HIS D 11 2.39 4.41 5.24
CA HIS D 11 3.46 4.74 6.18
C HIS D 11 3.52 3.68 7.25
N ASP D 12 4.74 3.37 7.70
CA ASP D 12 4.95 2.39 8.76
C ASP D 12 4.37 2.94 10.06
N LEU D 13 3.72 2.05 10.81
CA LEU D 13 3.15 2.40 12.13
C LEU D 13 3.83 1.58 13.22
N PHE D 14 4.51 2.27 14.13
CA PHE D 14 5.17 1.65 15.28
C PHE D 14 6.23 0.63 14.88
N SER D 15 6.93 0.94 13.80
CA SER D 15 8.03 0.15 13.24
C SER D 15 8.60 0.99 12.11
N GLY D 16 9.81 0.67 11.64
CA GLY D 16 10.36 1.30 10.44
C GLY D 16 10.61 2.79 10.52
N THR D 17 10.13 3.50 9.50
CA THR D 17 10.21 4.97 9.41
C THR D 17 9.46 5.72 10.55
N PHE D 18 8.53 5.03 11.21
CA PHE D 18 7.66 5.66 12.24
C PHE D 18 8.45 6.29 13.38
N TRP D 19 9.44 5.55 13.91
CA TRP D 19 10.26 6.03 15.03
C TRP D 19 11.02 7.30 14.75
N GLN D 20 11.46 7.47 13.50
CA GLN D 20 12.19 8.66 13.11
C GLN D 20 11.28 9.86 12.91
N ASN D 21 10.17 9.65 12.21
CA ASN D 21 9.20 10.72 12.04
C ASN D 21 7.78 10.16 11.93
N PRO D 22 7.01 10.21 13.05
CA PRO D 22 5.68 9.63 13.07
C PRO D 22 4.60 10.54 12.45
N HIS D 23 4.93 11.78 12.14
CA HIS D 23 3.93 12.78 11.77
C HIS D 23 3.19 12.55 10.44
N PRO D 24 3.93 12.17 9.37
CA PRO D 24 3.23 11.78 8.14
C PRO D 24 2.22 10.66 8.38
N ALA D 25 2.62 9.62 9.12
CA ALA D 25 1.75 8.51 9.44
C ALA D 25 0.54 9.03 10.22
N TYR D 26 0.76 9.88 11.21
CA TYR D 26 -0.33 10.44 12.00
C TYR D 26 -1.33 11.18 11.13
N ALA D 27 -0.80 11.97 10.19
CA ALA D 27 -1.63 12.77 9.28
C ALA D 27 -2.48 11.87 8.39
N ALA D 28 -1.89 10.78 7.89
CA ALA D 28 -2.61 9.79 7.12
C ALA D 28 -3.69 9.11 7.96
N LEU D 29 -3.39 8.81 9.23
CA LEU D 29 -4.40 8.26 10.12
C LEU D 29 -5.60 9.23 10.31
N ARG D 30 -5.33 10.49 10.66
CA ARG D 30 -6.41 11.47 10.87
C ARG D 30 -7.33 11.63 9.65
N ALA D 31 -6.75 11.62 8.46
CA ALA D 31 -7.50 11.86 7.21
C ALA D 31 -8.30 10.62 6.79
N GLU D 32 -7.70 9.45 6.94
CA GLU D 32 -8.18 8.25 6.29
C GLU D 32 -8.61 7.13 7.20
N ASP D 33 -8.10 7.13 8.44
CA ASP D 33 -8.38 6.03 9.36
C ASP D 33 -8.27 6.56 10.81
N PRO D 34 -9.17 7.49 11.21
CA PRO D 34 -8.99 8.19 12.50
C PRO D 34 -9.29 7.36 13.75
N VAL D 35 -9.87 6.17 13.56
CA VAL D 35 -10.20 5.27 14.65
C VAL D 35 -9.73 3.91 14.20
N ARG D 36 -8.42 3.70 14.37
CA ARG D 36 -7.66 2.59 13.80
C ARG D 36 -7.32 1.53 14.86
N LYS D 37 -7.69 0.28 14.55
CA LYS D 37 -7.37 -0.86 15.40
C LYS D 37 -6.00 -1.44 15.00
N LEU D 38 -5.07 -1.47 15.95
CA LEU D 38 -3.71 -1.89 15.68
C LEU D 38 -3.42 -3.27 16.31
N ALA D 39 -3.02 -4.23 15.48
CA ALA D 39 -2.52 -5.51 15.98
C ALA D 39 -1.09 -5.37 16.52
N LEU D 40 -0.99 -4.93 17.77
CA LEU D 40 0.29 -4.71 18.45
C LEU D 40 0.68 -5.98 19.23
N PRO D 41 1.83 -5.95 19.96
CA PRO D 41 2.30 -7.08 20.76
C PRO D 41 1.27 -7.64 21.76
N ASP D 42 0.99 -6.89 22.83
CA ASP D 42 0.14 -7.35 23.93
C ASP D 42 -1.38 -7.36 23.60
N GLY D 43 -1.71 -7.34 22.31
CA GLY D 43 -3.09 -7.36 21.83
C GLY D 43 -3.42 -6.20 20.88
N PRO D 44 -4.62 -6.22 20.28
CA PRO D 44 -5.04 -5.07 19.50
C PRO D 44 -5.32 -3.86 20.40
N VAL D 45 -4.89 -2.69 19.93
CA VAL D 45 -5.10 -1.44 20.61
C VAL D 45 -5.65 -0.50 19.56
N TRP D 46 -6.66 0.27 19.93
CA TRP D 46 -7.24 1.27 19.04
C TRP D 46 -6.54 2.61 19.22
N LEU D 47 -6.31 3.31 18.13
CA LEU D 47 -5.68 4.60 18.18
C LEU D 47 -6.60 5.68 17.60
N LEU D 48 -6.99 6.64 18.43
CA LEU D 48 -7.74 7.86 18.05
C LEU D 48 -6.78 9.00 17.74
N THR D 49 -6.95 9.64 16.59
CA THR D 49 -5.98 10.64 16.18
C THR D 49 -6.57 12.02 15.88
N ARG D 50 -7.90 12.14 15.77
CA ARG D 50 -8.49 13.47 15.58
C ARG D 50 -8.67 14.20 16.91
N TYR D 51 -8.39 15.49 16.91
CA TYR D 51 -8.39 16.31 18.11
C TYR D 51 -9.74 16.24 18.87
N ALA D 52 -10.86 16.45 18.17
CA ALA D 52 -12.17 16.49 18.83
C ALA D 52 -12.47 15.16 19.49
N ASP D 53 -12.21 14.07 18.79
CA ASP D 53 -12.35 12.70 19.33
C ASP D 53 -11.48 12.48 20.57
N VAL D 54 -10.21 12.87 20.49
CA VAL D 54 -9.28 12.68 21.63
C VAL D 54 -9.72 13.54 22.82
N ARG D 55 -10.04 14.79 22.56
CA ARG D 55 -10.57 15.65 23.64
C ARG D 55 -11.76 15.06 24.36
N GLU D 56 -12.78 14.56 23.63
CA GLU D 56 -13.96 14.04 24.34
C GLU D 56 -13.69 12.70 24.96
N ALA D 57 -12.83 11.88 24.34
CA ALA D 57 -12.46 10.57 24.89
C ALA D 57 -11.78 10.67 26.28
N PHE D 58 -11.04 11.76 26.48
CA PHE D 58 -10.43 12.11 27.77
C PHE D 58 -11.48 12.37 28.82
N VAL D 59 -12.64 12.87 28.42
CA VAL D 59 -13.71 13.22 29.36
C VAL D 59 -14.62 12.03 29.64
N ASP D 60 -14.96 11.32 28.57
CA ASP D 60 -15.98 10.26 28.64
C ASP D 60 -15.55 9.14 29.60
N PRO D 61 -16.28 8.97 30.73
CA PRO D 61 -15.90 7.93 31.69
C PRO D 61 -16.14 6.49 31.18
N ARG D 62 -16.80 6.33 30.03
CA ARG D 62 -16.90 5.02 29.36
C ARG D 62 -15.52 4.58 28.86
N LEU D 63 -14.58 5.53 28.78
CA LEU D 63 -13.16 5.25 28.48
C LEU D 63 -12.43 5.29 29.83
N SER D 64 -12.39 4.12 30.45
CA SER D 64 -12.05 3.94 31.83
C SER D 64 -10.55 3.63 31.95
N LYS D 65 -9.98 3.86 33.13
CA LYS D 65 -8.61 3.36 33.43
C LYS D 65 -8.58 1.97 34.06
N ASP D 66 -9.77 1.42 34.35
CA ASP D 66 -9.88 0.15 35.07
C ASP D 66 -9.64 -0.96 34.03
N TRP D 67 -8.48 -1.60 34.10
CA TRP D 67 -8.11 -2.69 33.17
C TRP D 67 -9.02 -3.91 33.23
N ARG D 68 -9.83 -4.02 34.27
CA ARG D 68 -10.76 -5.17 34.37
C ARG D 68 -11.91 -5.14 33.36
N HIS D 69 -12.09 -4.00 32.68
CA HIS D 69 -13.02 -3.95 31.55
C HIS D 69 -12.64 -4.88 30.41
N ARG D 70 -11.40 -5.35 30.38
CA ARG D 70 -11.07 -6.39 29.39
C ARG D 70 -11.68 -7.76 29.75
N LEU D 71 -12.12 -7.93 30.99
CA LEU D 71 -12.66 -9.20 31.48
C LEU D 71 -14.19 -9.18 31.46
N PRO D 72 -14.82 -10.38 31.41
CA PRO D 72 -16.27 -10.54 31.67
C PRO D 72 -16.69 -9.96 33.01
N GLU D 73 -17.85 -9.30 33.03
CA GLU D 73 -18.32 -8.57 34.22
C GLU D 73 -18.21 -9.35 35.53
N ASP D 74 -18.64 -10.61 35.51
CA ASP D 74 -18.69 -11.45 36.72
C ASP D 74 -17.32 -11.79 37.28
N GLN D 75 -16.26 -11.58 36.49
CA GLN D 75 -14.89 -11.87 36.97
C GLN D 75 -14.19 -10.68 37.65
N ARG D 76 -14.76 -9.49 37.52
CA ARG D 76 -14.04 -8.28 37.86
C ARG D 76 -13.86 -8.02 39.34
N ALA D 77 -14.91 -8.24 40.12
CA ALA D 77 -14.94 -7.89 41.54
C ALA D 77 -13.79 -8.49 42.37
N ASP D 78 -13.33 -9.68 41.98
CA ASP D 78 -12.27 -10.38 42.73
C ASP D 78 -10.86 -10.31 42.07
N MET D 79 -10.72 -9.46 41.05
CA MET D 79 -9.43 -9.17 40.43
C MET D 79 -8.96 -7.80 40.93
N PRO D 80 -7.62 -7.57 41.03
CA PRO D 80 -7.19 -6.25 41.54
C PRO D 80 -7.49 -5.14 40.52
N ALA D 81 -7.79 -3.95 41.01
CA ALA D 81 -8.15 -2.81 40.15
C ALA D 81 -7.03 -2.30 39.23
N THR D 82 -5.78 -2.61 39.61
CA THR D 82 -4.61 -2.13 38.89
C THR D 82 -3.52 -3.16 38.98
N PRO D 83 -2.53 -3.08 38.07
CA PRO D 83 -1.28 -3.84 38.24
C PRO D 83 -0.33 -3.25 39.29
N THR D 84 -0.53 -1.98 39.64
CA THR D 84 0.20 -1.28 40.69
C THR D 84 -0.67 -0.06 41.04
N PRO D 85 -0.99 0.17 42.33
CA PRO D 85 -2.04 1.14 42.68
C PRO D 85 -1.65 2.63 42.50
N MET D 86 -1.25 2.98 41.27
CA MET D 86 -0.99 4.38 40.83
C MET D 86 -2.31 5.04 40.39
N MET D 87 -2.47 6.33 40.74
CA MET D 87 -3.74 7.01 40.48
C MET D 87 -4.04 7.11 38.97
N ILE D 88 -2.99 7.09 38.14
CA ILE D 88 -3.14 7.22 36.68
C ILE D 88 -3.77 5.94 36.07
N LEU D 89 -3.86 4.89 36.89
CA LEU D 89 -4.44 3.61 36.45
C LEU D 89 -5.81 3.38 37.11
N MET D 90 -6.37 4.44 37.69
CA MET D 90 -7.60 4.35 38.48
C MET D 90 -8.69 5.28 37.98
N ASP D 91 -9.94 4.88 38.25
CA ASP D 91 -11.09 5.74 38.13
C ASP D 91 -11.42 6.31 39.50
N PRO D 92 -12.32 7.33 39.57
CA PRO D 92 -12.96 7.69 40.85
C PRO D 92 -13.73 6.48 41.45
N PRO D 93 -13.88 6.42 42.79
CA PRO D 93 -13.45 7.39 43.81
C PRO D 93 -11.98 7.35 44.23
N ASP D 94 -11.27 6.26 43.95
CA ASP D 94 -9.90 6.14 44.40
C ASP D 94 -8.98 7.11 43.71
N HIS D 95 -9.16 7.33 42.41
CA HIS D 95 -8.38 8.38 41.72
C HIS D 95 -8.53 9.72 42.42
N THR D 96 -9.77 10.10 42.71
CA THR D 96 -10.09 11.41 43.29
C THR D 96 -9.36 11.62 44.62
N ARG D 97 -9.39 10.59 45.47
CA ARG D 97 -8.73 10.62 46.78
C ARG D 97 -7.22 10.84 46.66
N LEU D 98 -6.58 10.02 45.84
CA LEU D 98 -5.13 10.07 45.65
C LEU D 98 -4.66 11.38 44.95
N ARG D 99 -5.39 11.80 43.93
CA ARG D 99 -5.08 13.07 43.23
C ARG D 99 -5.21 14.29 44.18
N LYS D 100 -6.28 14.33 44.96
CA LYS D 100 -6.51 15.39 45.93
C LYS D 100 -5.34 15.49 46.93
N LEU D 101 -4.82 14.33 47.29
CA LEU D 101 -3.81 14.27 48.31
C LEU D 101 -2.52 14.92 47.86
N VAL D 102 -2.14 14.74 46.60
CA VAL D 102 -0.87 15.24 46.07
C VAL D 102 -1.05 16.56 45.31
N GLY D 103 -2.28 16.90 44.93
CA GLY D 103 -2.55 18.10 44.12
C GLY D 103 -2.01 19.43 44.68
N ARG D 104 -2.11 19.65 45.99
CA ARG D 104 -1.65 20.94 46.53
C ARG D 104 -0.15 21.17 46.38
N SER D 105 0.61 20.08 46.33
CA SER D 105 2.05 20.12 46.23
C SER D 105 2.52 20.50 44.82
N PHE D 106 1.59 20.59 43.87
CA PHE D 106 1.94 20.79 42.47
C PHE D 106 1.21 21.98 41.82
N THR D 107 0.60 22.81 42.64
CA THR D 107 -0.07 24.02 42.17
C THR D 107 0.91 24.96 41.48
N VAL D 108 0.34 25.89 40.71
CA VAL D 108 1.13 26.86 39.98
C VAL D 108 2.00 27.62 40.99
N ARG D 109 1.42 27.91 42.15
CA ARG D 109 2.10 28.62 43.23
C ARG D 109 3.31 27.87 43.79
N ARG D 110 3.10 26.61 44.15
CA ARG D 110 4.21 25.79 44.62
C ARG D 110 5.29 25.60 43.57
N MET D 111 4.90 25.31 42.33
CA MET D 111 5.90 25.08 41.30
C MET D 111 6.68 26.35 41.01
N ASN D 112 5.97 27.48 41.00
CA ASN D 112 6.61 28.79 40.85
C ASN D 112 7.70 29.06 41.88
N GLU D 113 7.49 28.61 43.12
CA GLU D 113 8.48 28.74 44.19
C GLU D 113 9.78 27.98 43.91
N LEU D 114 9.74 27.06 42.96
CA LEU D 114 10.89 26.28 42.60
C LEU D 114 11.75 26.92 41.53
N GLU D 115 11.25 28.00 40.91
CA GLU D 115 11.93 28.57 39.76
C GLU D 115 13.39 28.98 40.00
N PRO D 116 13.70 29.66 41.13
CA PRO D 116 15.12 29.99 41.38
C PRO D 116 16.03 28.76 41.37
N ARG D 117 15.57 27.70 42.02
CA ARG D 117 16.33 26.45 42.08
C ARG D 117 16.49 25.80 40.69
N ILE D 118 15.40 25.70 39.94
CA ILE D 118 15.46 25.14 38.60
C ILE D 118 16.49 25.94 37.77
N THR D 119 16.42 27.26 37.88
CA THR D 119 17.31 28.17 37.17
C THR D 119 18.77 27.95 37.54
N GLU D 120 19.03 27.83 38.84
CA GLU D 120 20.36 27.53 39.37
C GLU D 120 20.92 26.20 38.83
N ILE D 121 20.08 25.17 38.82
CA ILE D 121 20.41 23.85 38.28
C ILE D 121 20.80 23.97 36.80
N ALA D 122 19.96 24.59 35.99
CA ALA D 122 20.24 24.84 34.56
C ALA D 122 21.55 25.62 34.38
N ASP D 123 21.75 26.67 35.18
CA ASP D 123 22.92 27.53 35.02
C ASP D 123 24.21 26.77 35.35
N GLY D 124 24.17 25.96 36.40
CA GLY D 124 25.29 25.09 36.76
C GLY D 124 25.68 24.14 35.63
N LEU D 125 24.69 23.58 34.96
CA LEU D 125 24.99 22.62 33.90
C LEU D 125 25.62 23.31 32.70
N LEU D 126 25.09 24.49 32.38
CA LEU D 126 25.60 25.30 31.27
C LEU D 126 27.05 25.76 31.51
N ALA D 127 27.36 26.08 32.77
CA ALA D 127 28.72 26.43 33.20
C ALA D 127 29.67 25.26 33.08
N GLY D 128 29.15 24.04 33.24
CA GLY D 128 29.99 22.85 33.22
C GLY D 128 30.15 22.25 31.85
N LEU D 129 29.54 22.84 30.83
CA LEU D 129 29.51 22.19 29.52
C LEU D 129 30.58 22.74 28.56
N PRO D 130 31.26 21.83 27.84
CA PRO D 130 32.32 22.17 26.89
C PRO D 130 31.89 23.19 25.85
N THR D 131 32.81 24.08 25.50
CA THR D 131 32.63 25.01 24.40
C THR D 131 32.97 24.32 23.06
N ASP D 132 33.90 23.37 23.11
CA ASP D 132 34.36 22.66 21.93
C ASP D 132 34.10 21.17 22.05
N GLY D 133 33.78 20.55 20.92
CA GLY D 133 33.69 19.11 20.81
C GLY D 133 32.34 18.46 21.11
N PRO D 134 32.38 17.23 21.65
CA PRO D 134 31.24 16.33 21.70
C PRO D 134 30.41 16.41 22.98
N VAL D 135 29.13 16.77 22.84
CA VAL D 135 28.21 16.73 23.96
C VAL D 135 26.90 16.09 23.55
N ASP D 136 26.44 15.14 24.36
CA ASP D 136 25.11 14.60 24.24
C ASP D 136 24.19 15.48 25.05
N LEU D 137 23.55 16.41 24.38
CA LEU D 137 22.60 17.31 25.01
C LEU D 137 21.54 16.59 25.85
N MET D 138 21.07 15.43 25.38
CA MET D 138 20.11 14.65 26.18
C MET D 138 20.67 14.29 27.54
N ARG D 139 21.63 13.35 27.60
CA ARG D 139 22.22 12.90 28.88
C ARG D 139 22.76 14.05 29.75
N GLU D 140 23.40 15.02 29.11
CA GLU D 140 24.16 16.05 29.81
C GLU D 140 23.36 17.23 30.29
N TYR D 141 22.17 17.41 29.72
CA TYR D 141 21.43 18.62 29.94
C TYR D 141 19.91 18.41 30.09
N ALA D 142 19.25 18.00 29.01
CA ALA D 142 17.77 17.78 28.97
C ALA D 142 17.28 16.79 30.03
N PHE D 143 18.05 15.70 30.21
CA PHE D 143 17.78 14.66 31.21
C PHE D 143 18.09 15.11 32.64
N GLN D 144 19.22 15.79 32.81
CA GLN D 144 19.71 16.22 34.14
C GLN D 144 18.79 17.15 34.87
N ILE D 145 18.22 18.15 34.18
CA ILE D 145 17.37 19.15 34.86
C ILE D 145 16.14 18.56 35.55
N PRO D 146 15.24 17.89 34.80
CA PRO D 146 14.08 17.28 35.42
C PRO D 146 14.44 16.23 36.47
N VAL D 147 15.48 15.42 36.21
CA VAL D 147 15.87 14.38 37.17
C VAL D 147 16.35 14.99 38.50
N GLN D 148 17.20 16.00 38.44
CA GLN D 148 17.64 16.69 39.65
C GLN D 148 16.49 17.35 40.40
N VAL D 149 15.62 18.03 39.65
CA VAL D 149 14.43 18.63 40.27
C VAL D 149 13.54 17.60 40.98
N ILE D 150 13.27 16.48 40.30
CA ILE D 150 12.43 15.45 40.93
C ILE D 150 13.09 14.78 42.15
N CYS D 151 14.41 14.61 42.12
CA CYS D 151 15.09 14.01 43.29
C CYS D 151 14.96 14.94 44.49
N GLU D 152 15.06 16.23 44.26
CA GLU D 152 14.90 17.22 45.32
C GLU D 152 13.46 17.34 45.84
N LEU D 153 12.50 17.27 44.90
CA LEU D 153 11.11 17.42 45.29
C LEU D 153 10.63 16.23 46.15
N LEU D 154 11.06 15.04 45.76
CA LEU D 154 10.61 13.80 46.42
C LEU D 154 11.46 13.41 47.63
N GLY D 155 12.77 13.74 47.58
CA GLY D 155 13.74 13.27 48.57
C GLY D 155 14.46 11.99 48.16
N LEU D 156 14.92 11.90 46.90
CA LEU D 156 15.65 10.71 46.44
C LEU D 156 17.15 10.94 46.56
N PRO D 157 17.86 9.98 47.18
CA PRO D 157 19.31 10.11 47.35
C PRO D 157 20.02 10.20 46.00
N ALA D 158 20.91 11.18 45.84
CA ALA D 158 21.68 11.33 44.60
C ALA D 158 22.59 10.13 44.28
N GLU D 159 23.05 9.44 45.32
CA GLU D 159 23.91 8.26 45.08
C GLU D 159 23.18 7.12 44.33
N ASP D 160 21.85 7.07 44.46
CA ASP D 160 21.04 6.00 43.89
C ASP D 160 20.51 6.31 42.48
N ARG D 161 20.74 7.54 42.02
CA ARG D 161 20.23 8.04 40.75
C ARG D 161 20.45 7.09 39.57
N ASP D 162 21.73 6.80 39.30
CA ASP D 162 22.19 5.78 38.37
C ASP D 162 21.27 4.55 38.30
N ASP D 163 20.89 4.03 39.47
CA ASP D 163 20.13 2.81 39.58
C ASP D 163 18.68 2.97 39.14
N PHE D 164 17.97 3.94 39.72
CA PHE D 164 16.55 4.11 39.39
C PHE D 164 16.27 4.78 38.05
N SER D 165 17.23 5.52 37.51
CA SER D 165 17.09 6.02 36.15
C SER D 165 16.98 4.87 35.15
N ALA D 166 17.71 3.78 35.41
CA ALA D 166 17.73 2.61 34.53
C ALA D 166 16.40 1.87 34.58
N TRP D 167 15.82 1.74 35.77
CA TRP D 167 14.53 1.05 35.90
C TRP D 167 13.41 1.83 35.20
N SER D 168 13.45 3.14 35.39
CA SER D 168 12.47 4.06 34.83
C SER D 168 12.41 3.99 33.30
N SER D 169 13.57 3.97 32.65
CA SER D 169 13.63 4.00 31.20
C SER D 169 13.10 2.72 30.58
N VAL D 170 13.34 1.60 31.27
CA VAL D 170 12.88 0.31 30.79
C VAL D 170 11.36 0.28 30.76
N LEU D 171 10.73 0.92 31.77
CA LEU D 171 9.28 0.92 31.92
C LEU D 171 8.49 1.74 30.88
N VAL D 172 9.11 2.78 30.35
CA VAL D 172 8.45 3.62 29.34
C VAL D 172 8.82 3.26 27.88
N ASP D 173 9.94 2.55 27.71
CA ASP D 173 10.39 2.12 26.37
C ASP D 173 9.61 0.88 25.93
N ASP D 174 9.78 0.50 24.65
CA ASP D 174 9.23 -0.72 24.08
C ASP D 174 9.87 -2.00 24.63
N SER D 175 10.49 -1.91 25.81
CA SER D 175 11.18 -3.04 26.47
C SER D 175 10.37 -4.32 26.55
N PRO D 176 11.04 -5.49 26.39
CA PRO D 176 10.34 -6.75 26.61
C PRO D 176 9.68 -6.80 27.99
N ALA D 177 8.51 -7.45 28.06
CA ALA D 177 7.75 -7.60 29.31
C ALA D 177 8.57 -8.20 30.47
N ASP D 178 9.53 -9.06 30.12
CA ASP D 178 10.46 -9.69 31.09
C ASP D 178 11.26 -8.61 31.81
N ASP D 179 11.83 -7.71 31.02
CA ASP D 179 12.64 -6.63 31.54
C ASP D 179 11.77 -5.63 32.35
N LYS D 180 10.52 -5.41 31.93
CA LYS D 180 9.64 -4.45 32.60
C LYS D 180 9.18 -4.94 33.98
N ASN D 181 8.95 -6.25 34.09
CA ASN D 181 8.62 -6.83 35.39
C ASN D 181 9.79 -6.78 36.35
N ALA D 182 10.99 -7.03 35.84
CA ALA D 182 12.21 -6.98 36.65
C ALA D 182 12.51 -5.55 37.10
N ALA D 183 12.40 -4.57 36.18
CA ALA D 183 12.57 -3.15 36.54
C ALA D 183 11.55 -2.69 37.57
N MET D 184 10.30 -3.06 37.34
CA MET D 184 9.22 -2.71 38.25
C MET D 184 9.47 -3.24 39.67
N GLY D 185 9.82 -4.53 39.76
CA GLY D 185 10.10 -5.15 41.03
C GLY D 185 11.27 -4.50 41.73
N LYS D 186 12.34 -4.23 41.00
CA LYS D 186 13.52 -3.53 41.56
C LYS D 186 13.17 -2.11 42.05
N LEU D 187 12.41 -1.38 41.24
CA LEU D 187 12.00 -0.02 41.59
C LEU D 187 11.10 0.00 42.83
N HIS D 188 10.12 -0.90 42.88
CA HIS D 188 9.25 -1.06 44.03
C HIS D 188 10.05 -1.43 45.31
N GLY D 189 11.04 -2.31 45.18
CA GLY D 189 11.82 -2.76 46.33
C GLY D 189 12.68 -1.64 46.83
N TYR D 190 13.38 -0.99 45.89
CA TYR D 190 14.14 0.21 46.17
C TYR D 190 13.34 1.28 46.93
N LEU D 191 12.13 1.59 46.44
CA LEU D 191 11.29 2.60 47.11
C LEU D 191 10.67 2.14 48.44
N SER D 192 10.25 0.87 48.51
CA SER D 192 9.83 0.31 49.82
C SER D 192 10.94 0.43 50.86
N ASP D 193 12.17 0.15 50.46
CA ASP D 193 13.33 0.29 51.33
C ASP D 193 13.58 1.74 51.71
N LEU D 194 13.57 2.62 50.71
CA LEU D 194 13.78 4.04 50.92
C LEU D 194 12.77 4.59 51.91
N LEU D 195 11.52 4.18 51.80
CA LEU D 195 10.48 4.69 52.69
C LEU D 195 10.63 4.18 54.13
N GLU D 196 11.17 2.98 54.30
CA GLU D 196 11.48 2.46 55.64
C GLU D 196 12.58 3.28 56.28
N ARG D 197 13.66 3.51 55.53
CA ARG D 197 14.72 4.43 55.91
C ARG D 197 14.20 5.80 56.34
N LYS D 198 13.19 6.32 55.62
CA LYS D 198 12.58 7.61 55.93
C LYS D 198 11.76 7.63 57.21
N ARG D 199 11.32 6.47 57.69
CA ARG D 199 10.67 6.41 58.99
C ARG D 199 11.62 6.93 60.09
N THR D 200 12.78 6.29 60.18
CA THR D 200 13.82 6.65 61.15
C THR D 200 14.49 7.95 60.78
N GLU D 201 14.68 8.17 59.48
CA GLU D 201 15.31 9.42 59.05
C GLU D 201 14.55 10.22 57.98
N PRO D 202 13.51 10.96 58.41
CA PRO D 202 12.72 11.81 57.50
C PRO D 202 13.42 13.09 57.06
N ASP D 203 12.83 13.75 56.06
CA ASP D 203 13.25 15.04 55.55
C ASP D 203 11.98 15.84 55.34
N ASP D 204 12.08 17.02 54.73
CA ASP D 204 10.88 17.84 54.52
C ASP D 204 10.25 17.69 53.12
N ALA D 205 10.77 16.76 52.33
CA ALA D 205 10.32 16.55 50.94
C ALA D 205 9.05 15.69 50.87
N LEU D 206 8.57 15.41 49.66
CA LEU D 206 7.22 14.87 49.51
C LEU D 206 7.07 13.45 50.03
N LEU D 207 8.03 12.56 49.76
CA LEU D 207 7.88 11.16 50.20
C LEU D 207 7.70 11.01 51.70
N SER D 208 8.49 11.79 52.46
CA SER D 208 8.38 11.85 53.93
C SER D 208 7.03 12.36 54.34
N SER D 209 6.53 13.37 53.65
CA SER D 209 5.19 13.90 53.94
C SER D 209 4.07 12.88 53.69
N LEU D 210 4.14 12.18 52.55
CA LEU D 210 3.16 11.14 52.24
C LEU D 210 3.26 9.95 53.19
N LEU D 211 4.48 9.59 53.55
CA LEU D 211 4.71 8.49 54.50
C LEU D 211 3.96 8.79 55.79
N ALA D 212 4.10 10.00 56.29
CA ALA D 212 3.43 10.47 57.50
C ALA D 212 1.93 10.40 57.35
N VAL D 213 1.38 10.93 56.25
CA VAL D 213 -0.05 10.66 55.92
C VAL D 213 -0.42 9.18 56.04
N SER D 214 0.36 8.29 55.41
CA SER D 214 0.04 6.86 55.39
C SER D 214 0.03 6.26 56.81
N ASP D 215 1.00 6.65 57.64
CA ASP D 215 1.04 6.29 59.08
C ASP D 215 -0.16 6.78 59.87
N MET D 216 -0.60 8.00 59.60
CA MET D 216 -1.70 8.58 60.33
C MET D 216 -3.07 8.02 59.95
N ASP D 217 -3.24 7.65 58.68
CA ASP D 217 -4.55 7.17 58.17
C ASP D 217 -4.31 6.35 56.91
N GLY D 218 -4.20 5.02 57.09
CA GLY D 218 -3.99 4.10 55.98
C GLY D 218 -5.14 4.04 54.96
N ASP D 219 -6.32 4.55 55.34
CA ASP D 219 -7.42 4.67 54.39
C ASP D 219 -7.24 5.87 53.46
N ARG D 220 -6.48 6.87 53.90
CA ARG D 220 -6.16 8.03 53.08
C ARG D 220 -5.08 7.69 52.07
N LEU D 221 -4.08 6.93 52.53
CA LEU D 221 -3.00 6.48 51.67
C LEU D 221 -2.47 5.19 52.29
N SER D 222 -2.59 4.09 51.56
CA SER D 222 -2.10 2.79 52.01
C SER D 222 -0.62 2.69 51.72
N GLN D 223 0.06 1.77 52.40
CA GLN D 223 1.47 1.57 52.12
C GLN D 223 1.72 1.25 50.66
N GLU D 224 0.89 0.39 50.06
CA GLU D 224 1.10 0.08 48.65
C GLU D 224 0.76 1.30 47.72
N GLU D 225 -0.22 2.11 48.09
CA GLU D 225 -0.52 3.33 47.35
C GLU D 225 0.61 4.34 47.46
N LEU D 226 1.19 4.44 48.66
CA LEU D 226 2.40 5.25 48.89
C LEU D 226 3.53 4.88 47.96
N VAL D 227 3.81 3.59 47.84
CA VAL D 227 4.96 3.18 47.04
C VAL D 227 4.67 3.43 45.55
N ALA D 228 3.45 3.16 45.11
CA ALA D 228 3.07 3.38 43.72
C ALA D 228 3.10 4.86 43.33
N MET D 229 2.75 5.72 44.25
CA MET D 229 2.76 7.17 44.00
C MET D 229 4.21 7.59 43.84
N ALA D 230 5.07 7.10 44.71
CA ALA D 230 6.52 7.39 44.62
C ALA D 230 7.05 6.93 43.27
N MET D 231 6.64 5.73 42.84
CA MET D 231 7.06 5.21 41.53
C MET D 231 6.57 6.10 40.37
N LEU D 232 5.29 6.44 40.40
CA LEU D 232 4.66 7.29 39.36
C LEU D 232 5.37 8.64 39.21
N LEU D 233 5.60 9.30 40.34
CA LEU D 233 6.19 10.62 40.32
C LEU D 233 7.67 10.53 39.93
N LEU D 234 8.36 9.47 40.37
CA LEU D 234 9.75 9.27 40.00
C LEU D 234 9.86 9.10 38.49
N ILE D 235 9.01 8.23 37.92
CA ILE D 235 9.08 7.91 36.49
C ILE D 235 8.73 9.15 35.66
N ALA D 236 7.65 9.85 36.04
CA ALA D 236 7.28 11.12 35.38
C ALA D 236 8.45 12.14 35.41
N GLY D 237 9.17 12.20 36.54
CA GLY D 237 10.37 13.06 36.67
C GLY D 237 11.54 12.71 35.75
N HIS D 238 11.57 11.49 35.22
CA HIS D 238 12.70 11.01 34.41
C HIS D 238 12.42 10.95 32.94
N GLU D 239 11.13 10.87 32.56
CA GLU D 239 10.76 10.43 31.20
C GLU D 239 9.82 11.32 30.43
N THR D 240 9.60 12.55 30.88
CA THR D 240 8.63 13.44 30.24
C THR D 240 9.29 14.75 29.80
N THR D 241 9.58 15.60 30.77
CA THR D 241 10.14 16.93 30.50
C THR D 241 11.44 16.85 29.70
N VAL D 242 12.25 15.82 29.95
CA VAL D 242 13.45 15.62 29.17
C VAL D 242 13.14 15.75 27.68
N ASN D 243 12.00 15.22 27.24
CA ASN D 243 11.66 15.23 25.83
C ASN D 243 10.98 16.50 25.33
N LEU D 244 10.45 17.28 26.26
CA LEU D 244 10.03 18.62 25.90
C LEU D 244 11.29 19.41 25.57
N ILE D 245 12.31 19.25 26.40
CA ILE D 245 13.59 19.98 26.23
C ILE D 245 14.26 19.45 24.97
N GLY D 246 14.43 18.14 24.86
CA GLY D 246 14.89 17.54 23.62
C GLY D 246 14.18 18.01 22.36
N ASN D 247 12.85 17.82 22.32
CA ASN D 247 12.07 18.08 21.10
C ASN D 247 11.99 19.58 20.75
N GLY D 248 11.95 20.39 21.81
CA GLY D 248 11.86 21.83 21.70
C GLY D 248 13.17 22.42 21.21
N VAL D 249 14.28 21.98 21.81
CA VAL D 249 15.63 22.36 21.29
C VAL D 249 15.73 21.95 19.81
N LEU D 250 15.37 20.72 19.48
CA LEU D 250 15.41 20.28 18.08
C LEU D 250 14.54 21.11 17.14
N ALA D 251 13.32 21.45 17.58
CA ALA D 251 12.44 22.30 16.77
C ALA D 251 13.09 23.65 16.43
N LEU D 252 13.69 24.31 17.42
CA LEU D 252 14.45 25.55 17.19
C LEU D 252 15.65 25.39 16.26
N LEU D 253 16.43 24.32 16.48
CA LEU D 253 17.58 24.00 15.65
C LEU D 253 17.22 23.72 14.20
N THR D 254 16.04 23.18 13.96
CA THR D 254 15.59 22.89 12.59
C THR D 254 14.73 24.00 11.95
N HIS D 255 14.49 25.08 12.69
CA HIS D 255 13.65 26.21 12.26
C HIS D 255 14.37 27.51 12.62
N PRO D 256 15.40 27.89 11.82
CA PRO D 256 16.14 29.16 12.06
C PRO D 256 15.23 30.38 12.24
N ASP D 257 14.14 30.43 11.48
CA ASP D 257 13.22 31.56 11.53
C ASP D 257 12.62 31.72 12.94
N GLN D 258 12.23 30.59 13.54
CA GLN D 258 11.62 30.63 14.88
C GLN D 258 12.67 30.88 15.92
N ARG D 259 13.85 30.29 15.69
CA ARG D 259 15.00 30.50 16.54
C ARG D 259 15.40 31.98 16.64
N LYS D 260 15.43 32.66 15.48
CA LYS D 260 15.71 34.10 15.41
C LYS D 260 14.67 34.93 16.17
N LEU D 261 13.37 34.62 15.97
CA LEU D 261 12.28 35.25 16.73
C LEU D 261 12.43 35.18 18.26
N LEU D 262 12.83 34.02 18.78
CA LEU D 262 13.09 33.91 20.23
C LEU D 262 14.32 34.72 20.66
N ALA D 263 15.41 34.66 19.89
CA ALA D 263 16.61 35.43 20.24
C ALA D 263 16.31 36.93 20.32
N GLU D 264 15.46 37.41 19.40
CA GLU D 264 15.06 38.83 19.33
C GLU D 264 14.00 39.22 20.38
N ASP D 265 13.20 38.25 20.83
CA ASP D 265 12.26 38.48 21.93
C ASP D 265 12.24 37.24 22.86
N PRO D 266 13.22 37.14 23.78
CA PRO D 266 13.32 36.08 24.78
C PRO D 266 12.05 35.83 25.59
N SER D 267 11.19 36.83 25.73
CA SER D 267 9.94 36.69 26.49
C SER D 267 8.93 35.78 25.76
N LEU D 268 9.23 35.47 24.50
CA LEU D 268 8.49 34.45 23.75
C LEU D 268 8.67 33.01 24.26
N ILE D 269 9.50 32.81 25.27
CA ILE D 269 9.80 31.45 25.74
C ILE D 269 8.57 30.63 26.23
N SER D 270 7.70 31.23 27.03
CA SER D 270 6.46 30.55 27.48
C SER D 270 5.57 30.13 26.32
N SER D 271 5.40 31.05 25.38
CA SER D 271 4.58 30.80 24.22
C SER D 271 5.28 29.72 23.40
N ALA D 272 6.59 29.83 23.28
CA ALA D 272 7.40 28.87 22.53
C ALA D 272 7.26 27.46 23.12
N VAL D 273 7.33 27.34 24.44
CA VAL D 273 7.14 26.03 25.12
C VAL D 273 5.77 25.38 24.82
N GLU D 274 4.70 26.18 24.86
CA GLU D 274 3.38 25.69 24.49
C GLU D 274 3.37 25.14 23.06
N GLU D 275 4.04 25.83 22.16
CA GLU D 275 4.10 25.41 20.77
C GLU D 275 4.96 24.13 20.60
N PHE D 276 6.07 24.04 21.33
CA PHE D 276 6.91 22.83 21.28
C PHE D 276 6.10 21.62 21.79
N LEU D 277 5.37 21.85 22.89
CA LEU D 277 4.45 20.82 23.44
C LEU D 277 3.45 20.34 22.39
N ARG D 278 2.92 21.29 21.59
CA ARG D 278 1.94 20.97 20.56
C ARG D 278 2.61 20.33 19.34
N PHE D 279 3.73 20.91 18.91
CA PHE D 279 4.35 20.60 17.61
C PHE D 279 4.96 19.20 17.55
N ASP D 280 5.55 18.77 18.67
CA ASP D 280 6.23 17.46 18.71
C ASP D 280 6.05 16.90 20.11
N SER D 281 4.82 16.48 20.39
CA SER D 281 4.41 16.20 21.77
C SER D 281 5.26 15.09 22.40
N PRO D 282 5.84 15.37 23.58
CA PRO D 282 6.70 14.43 24.32
C PRO D 282 6.01 13.14 24.72
N VAL D 283 4.75 13.22 25.17
CA VAL D 283 3.96 12.02 25.36
C VAL D 283 3.14 11.89 24.09
N SER D 284 3.53 10.93 23.25
CA SER D 284 2.98 10.76 21.91
C SER D 284 1.60 10.12 21.96
N GLN D 285 1.46 9.11 22.80
CA GLN D 285 0.17 8.44 23.01
C GLN D 285 -0.07 8.36 24.50
N ALA D 286 -1.28 8.74 24.92
CA ALA D 286 -1.65 8.64 26.32
C ALA D 286 -1.62 7.18 26.71
N PRO D 287 -1.32 6.92 27.98
CA PRO D 287 -1.47 5.55 28.51
C PRO D 287 -2.90 5.07 28.28
N ILE D 288 -3.02 3.77 28.03
CA ILE D 288 -4.24 3.11 27.62
C ILE D 288 -5.49 3.35 28.49
N ARG D 289 -6.64 3.42 27.80
CA ARG D 289 -7.95 3.47 28.44
C ARG D 289 -8.66 2.22 27.96
N PHE D 290 -9.73 1.84 28.64
CA PHE D 290 -10.45 0.61 28.36
C PHE D 290 -11.91 0.99 28.22
N THR D 291 -12.52 0.61 27.10
CA THR D 291 -13.96 0.89 26.90
C THR D 291 -14.80 0.07 27.83
N ALA D 292 -15.65 0.76 28.60
CA ALA D 292 -16.54 0.11 29.53
C ALA D 292 -17.85 -0.27 28.84
N GLU D 293 -18.15 0.41 27.74
CA GLU D 293 -19.39 0.24 26.96
C GLU D 293 -18.93 0.49 25.54
N ASP D 294 -19.77 0.19 24.54
CA ASP D 294 -19.46 0.51 23.14
C ASP D 294 -19.42 2.01 23.01
N VAL D 295 -18.42 2.53 22.30
CA VAL D 295 -18.33 3.97 22.09
C VAL D 295 -18.05 4.21 20.63
N THR D 296 -18.63 5.27 20.07
CA THR D 296 -18.42 5.66 18.66
C THR D 296 -17.62 6.93 18.48
N TYR D 297 -16.61 6.87 17.61
CA TYR D 297 -15.90 8.06 17.16
C TYR D 297 -15.84 8.06 15.65
N SER D 298 -16.19 9.18 15.03
CA SER D 298 -16.07 9.32 13.56
C SER D 298 -16.77 8.14 12.85
N GLY D 299 -17.92 7.73 13.38
CA GLY D 299 -18.75 6.65 12.84
C GLY D 299 -18.42 5.23 13.24
N VAL D 300 -17.20 5.06 13.77
CA VAL D 300 -16.62 3.76 14.07
C VAL D 300 -16.89 3.46 15.52
N THR D 301 -17.49 2.31 15.78
CA THR D 301 -17.85 1.90 17.11
C THR D 301 -16.77 0.98 17.64
N ILE D 302 -16.20 1.37 18.78
CA ILE D 302 -15.25 0.56 19.48
C ILE D 302 -16.04 -0.24 20.50
N PRO D 303 -16.00 -1.58 20.40
CA PRO D 303 -16.81 -2.37 21.32
C PRO D 303 -16.29 -2.23 22.74
N ALA D 304 -17.15 -2.51 23.71
CA ALA D 304 -16.78 -2.63 25.12
C ALA D 304 -15.66 -3.65 25.27
N GLY D 305 -14.80 -3.44 26.26
CA GLY D 305 -13.70 -4.36 26.51
C GLY D 305 -12.41 -4.17 25.73
N GLU D 306 -12.32 -3.09 24.95
CA GLU D 306 -11.19 -2.82 24.08
C GLU D 306 -10.17 -1.83 24.69
N MET D 307 -8.93 -1.89 24.22
CA MET D 307 -7.87 -1.00 24.71
C MET D 307 -7.73 0.12 23.73
N VAL D 308 -7.58 1.34 24.26
CA VAL D 308 -7.61 2.55 23.44
C VAL D 308 -6.49 3.53 23.83
N MET D 309 -5.64 3.85 22.85
CA MET D 309 -4.64 4.93 22.97
C MET D 309 -5.18 6.20 22.34
N LEU D 310 -5.04 7.29 23.08
CA LEU D 310 -5.38 8.60 22.57
C LEU D 310 -4.12 9.14 21.91
N GLY D 311 -4.21 9.46 20.62
CA GLY D 311 -3.02 9.91 19.90
C GLY D 311 -2.76 11.38 20.10
N LEU D 312 -1.90 11.75 21.05
CA LEU D 312 -1.75 13.16 21.44
C LEU D 312 -0.89 13.92 20.45
N ALA D 313 0.22 13.31 20.05
CA ALA D 313 1.06 13.90 18.98
C ALA D 313 0.29 14.12 17.68
N ALA D 314 -0.58 13.16 17.34
CA ALA D 314 -1.40 13.25 16.16
C ALA D 314 -2.46 14.35 16.27
N ALA D 315 -3.23 14.34 17.36
CA ALA D 315 -4.30 15.30 17.58
C ALA D 315 -3.78 16.73 17.63
N ASN D 316 -2.61 16.92 18.23
CA ASN D 316 -2.02 18.26 18.37
C ASN D 316 -1.61 18.87 17.02
N ARG D 317 -1.62 18.07 15.95
CA ARG D 317 -1.43 18.63 14.59
C ARG D 317 -2.67 18.50 13.70
N ASP D 318 -3.84 18.43 14.34
CA ASP D 318 -5.10 18.31 13.60
C ASP D 318 -5.45 19.66 13.02
N ALA D 319 -5.48 19.75 11.69
CA ALA D 319 -5.89 20.98 11.00
C ALA D 319 -7.34 21.41 11.30
N ASP D 320 -8.19 20.45 11.70
CA ASP D 320 -9.53 20.79 12.22
C ASP D 320 -9.47 21.60 13.51
N TRP D 321 -8.32 21.61 14.20
CA TRP D 321 -8.14 22.41 15.42
C TRP D 321 -7.20 23.59 15.26
N MET D 322 -6.02 23.33 14.73
CA MET D 322 -4.96 24.30 14.68
C MET D 322 -4.70 24.63 13.22
N PRO D 323 -4.89 25.91 12.82
CA PRO D 323 -4.55 26.37 11.45
C PRO D 323 -3.09 26.15 11.10
N GLU D 324 -2.83 25.62 9.90
CA GLU D 324 -1.46 25.28 9.49
C GLU D 324 -0.71 24.55 10.63
N PRO D 325 -1.19 23.34 10.99
CA PRO D 325 -0.69 22.62 12.15
C PRO D 325 0.77 22.12 11.98
N ASP D 326 1.22 21.94 10.73
CA ASP D 326 2.60 21.50 10.47
C ASP D 326 3.59 22.65 10.53
N ARG D 327 3.11 23.88 10.66
CA ARG D 327 4.02 25.01 10.78
C ARG D 327 4.34 25.31 12.24
N LEU D 328 5.63 25.39 12.54
CA LEU D 328 6.08 25.79 13.87
C LEU D 328 6.00 27.29 14.00
N ASP D 329 5.20 27.73 14.96
CA ASP D 329 5.03 29.17 15.20
C ASP D 329 4.95 29.44 16.69
N ILE D 330 6.06 29.90 17.24
CA ILE D 330 6.20 30.12 18.68
C ILE D 330 5.44 31.33 19.23
N THR D 331 4.72 32.03 18.35
CA THR D 331 3.99 33.24 18.74
C THR D 331 2.50 32.93 18.86
N ARG D 332 2.09 31.74 18.43
CA ARG D 332 0.68 31.31 18.48
C ARG D 332 0.09 31.60 19.85
N ASP D 333 -1.16 32.03 19.86
CA ASP D 333 -1.89 32.31 21.09
C ASP D 333 -2.83 31.13 21.34
N ALA D 334 -2.30 29.96 21.66
CA ALA D 334 -3.14 28.76 21.65
C ALA D 334 -4.02 28.55 22.89
N SER D 335 -5.09 27.81 22.70
CA SER D 335 -5.92 27.36 23.80
C SER D 335 -6.13 25.89 23.58
N GLY D 336 -6.23 25.12 24.64
CA GLY D 336 -6.56 23.73 24.48
C GLY D 336 -5.28 22.97 24.24
N GLY D 337 -5.33 21.99 23.36
CA GLY D 337 -4.25 21.02 23.24
C GLY D 337 -4.54 19.74 24.00
N VAL D 338 -3.78 18.69 23.72
CA VAL D 338 -3.92 17.44 24.48
C VAL D 338 -2.57 16.88 24.98
N PHE D 339 -1.52 17.70 24.89
CA PHE D 339 -0.16 17.27 25.27
C PHE D 339 -0.02 16.97 26.76
N PHE D 340 -0.80 17.62 27.62
CA PHE D 340 -0.89 17.24 29.05
C PHE D 340 -2.18 16.49 29.38
N GLY D 341 -2.87 15.95 28.36
CA GLY D 341 -4.16 15.32 28.61
C GLY D 341 -5.26 16.37 28.74
N HIS D 342 -6.34 16.01 29.42
CA HIS D 342 -7.56 16.81 29.48
C HIS D 342 -8.51 16.12 30.44
N GLY D 343 -9.10 16.86 31.35
CA GLY D 343 -10.04 16.24 32.27
C GLY D 343 -9.46 15.81 33.61
N ILE D 344 -10.03 14.76 34.23
CA ILE D 344 -9.67 14.47 35.64
C ILE D 344 -8.20 14.00 35.83
N HIS D 345 -7.59 13.48 34.77
CA HIS D 345 -6.22 12.96 34.87
C HIS D 345 -5.21 13.99 34.31
N PHE D 346 -5.67 15.22 34.08
CA PHE D 346 -4.83 16.24 33.43
C PHE D 346 -3.50 16.32 34.18
N CYS D 347 -2.41 16.30 33.43
CA CYS D 347 -1.06 16.19 34.00
C CYS D 347 -0.87 16.92 35.33
N LEU D 348 -0.55 16.17 36.38
CA LEU D 348 -0.28 16.74 37.71
C LEU D 348 0.95 17.67 37.67
N GLY D 349 1.88 17.38 36.79
CA GLY D 349 3.12 18.15 36.74
C GLY D 349 3.19 19.25 35.71
N ALA D 350 2.04 19.73 35.25
CA ALA D 350 2.00 20.58 34.05
C ALA D 350 2.78 21.88 34.26
N GLN D 351 2.58 22.52 35.40
CA GLN D 351 3.30 23.77 35.69
C GLN D 351 4.81 23.52 35.86
N LEU D 352 5.14 22.44 36.56
CA LEU D 352 6.52 21.98 36.72
C LEU D 352 7.20 21.77 35.38
N ALA D 353 6.55 21.01 34.49
CA ALA D 353 7.08 20.73 33.18
C ALA D 353 7.26 22.06 32.40
N ARG D 354 6.26 22.94 32.47
CA ARG D 354 6.31 24.23 31.75
C ARG D 354 7.50 25.06 32.22
N LEU D 355 7.63 25.19 33.53
CA LEU D 355 8.71 25.95 34.17
C LEU D 355 10.09 25.38 33.83
N GLU D 356 10.26 24.07 34.03
CA GLU D 356 11.46 23.35 33.64
C GLU D 356 11.81 23.57 32.17
N GLY D 357 10.80 23.53 31.29
CA GLY D 357 11.04 23.61 29.85
C GLY D 357 11.44 25.02 29.44
N ARG D 358 10.81 26.01 30.07
CA ARG D 358 11.10 27.40 29.76
C ARG D 358 12.51 27.75 30.23
N VAL D 359 12.85 27.35 31.45
CA VAL D 359 14.20 27.57 31.96
C VAL D 359 15.27 26.87 31.11
N ALA D 360 15.14 25.55 30.97
CA ALA D 360 16.13 24.75 30.25
C ALA D 360 16.37 25.30 28.83
N ILE D 361 15.30 25.51 28.08
CA ILE D 361 15.39 25.91 26.67
C ILE D 361 15.79 27.38 26.56
N GLY D 362 15.12 28.23 27.33
CA GLY D 362 15.39 29.68 27.31
C GLY D 362 16.84 29.98 27.66
N ARG D 363 17.30 29.40 28.76
CA ARG D 363 18.70 29.59 29.22
C ARG D 363 19.75 28.99 28.27
N LEU D 364 19.55 27.75 27.83
CA LEU D 364 20.43 27.14 26.81
C LEU D 364 20.74 28.06 25.59
N PHE D 365 19.71 28.56 24.92
CA PHE D 365 19.87 29.42 23.74
C PHE D 365 20.39 30.81 24.07
N ALA D 366 20.05 31.28 25.28
CA ALA D 366 20.63 32.51 25.81
C ALA D 366 22.15 32.37 25.91
N ASP D 367 22.60 31.30 26.56
CA ASP D 367 24.01 31.05 26.87
C ASP D 367 24.82 30.57 25.67
N ARG D 368 24.19 29.84 24.76
CA ARG D 368 24.89 29.20 23.66
C ARG D 368 24.26 29.50 22.30
N PRO D 369 24.44 30.75 21.81
CA PRO D 369 23.77 31.17 20.59
C PRO D 369 24.31 30.48 19.33
N GLU D 370 25.45 29.79 19.43
CA GLU D 370 25.96 29.05 18.28
C GLU D 370 25.65 27.54 18.34
N LEU D 371 24.78 27.14 19.28
CA LEU D 371 24.37 25.76 19.39
C LEU D 371 24.00 25.13 18.03
N ALA D 372 24.48 23.92 17.75
CA ALA D 372 24.13 23.22 16.51
C ALA D 372 24.18 21.73 16.71
N LEU D 373 23.48 21.00 15.86
CA LEU D 373 23.60 19.54 15.77
C LEU D 373 25.01 19.12 15.33
N ALA D 374 25.50 18.02 15.91
CA ALA D 374 26.80 17.47 15.56
C ALA D 374 26.67 16.17 14.74
N VAL D 375 25.46 15.91 14.26
CA VAL D 375 25.20 14.84 13.30
C VAL D 375 24.18 15.36 12.29
N GLY D 376 23.90 14.56 11.27
CA GLY D 376 22.80 14.86 10.34
C GLY D 376 21.44 14.60 10.96
N LEU D 377 20.49 15.47 10.68
CA LEU D 377 19.13 15.38 11.18
C LEU D 377 18.59 13.98 10.99
N ASP D 378 18.83 13.45 9.80
CA ASP D 378 18.35 12.13 9.39
C ASP D 378 19.10 11.01 10.10
N GLU D 379 20.12 11.34 10.89
CA GLU D 379 20.86 10.32 11.63
C GLU D 379 20.54 10.27 13.14
N LEU D 380 19.71 11.21 13.62
CA LEU D 380 19.28 11.20 15.02
C LEU D 380 18.51 9.93 15.32
N VAL D 381 18.76 9.38 16.51
CA VAL D 381 18.20 8.12 16.92
C VAL D 381 17.11 8.43 17.96
N TYR D 382 15.89 7.99 17.66
CA TYR D 382 14.76 8.07 18.59
C TYR D 382 14.54 6.79 19.36
N ARG D 383 13.95 6.92 20.55
CA ARG D 383 13.48 5.78 21.32
C ARG D 383 12.30 5.07 20.69
N ARG D 384 12.30 3.74 20.82
CA ARG D 384 11.16 2.94 20.40
C ARG D 384 10.24 2.84 21.61
N SER D 385 9.17 3.62 21.55
CA SER D 385 8.24 3.76 22.67
C SER D 385 6.89 4.16 22.14
N THR D 386 5.84 3.55 22.68
CA THR D 386 4.50 3.92 22.31
C THR D 386 3.93 4.96 23.27
N LEU D 387 4.78 5.45 24.16
CA LEU D 387 4.37 6.43 25.14
C LEU D 387 5.04 7.77 24.88
N VAL D 388 6.33 7.73 24.56
CA VAL D 388 7.10 8.98 24.38
C VAL D 388 7.71 9.12 22.98
N ARG D 389 7.75 10.36 22.51
CA ARG D 389 8.51 10.79 21.34
C ARG D 389 9.76 11.46 21.92
N GLY D 390 10.89 10.76 21.84
CA GLY D 390 12.08 11.24 22.52
C GLY D 390 13.35 10.72 21.88
N LEU D 391 14.38 11.57 21.92
CA LEU D 391 15.66 11.27 21.31
C LEU D 391 16.45 10.40 22.26
N SER D 392 17.12 9.40 21.68
CA SER D 392 18.01 8.55 22.46
C SER D 392 19.17 9.40 22.96
N ARG D 393 19.71 10.19 22.04
CA ARG D 393 20.87 11.05 22.26
C ARG D 393 20.71 12.23 21.31
N MET D 394 21.33 13.36 21.65
CA MET D 394 21.41 14.48 20.71
C MET D 394 22.83 15.06 20.65
N PRO D 395 23.66 14.57 19.69
CA PRO D 395 25.02 15.09 19.60
C PRO D 395 24.99 16.53 19.10
N VAL D 396 25.55 17.45 19.88
CA VAL D 396 25.56 18.86 19.55
C VAL D 396 26.96 19.46 19.70
N THR D 397 27.16 20.61 19.06
CA THR D 397 28.29 21.48 19.31
C THR D 397 27.73 22.68 20.06
N MET D 398 28.17 22.85 21.30
CA MET D 398 27.64 23.91 22.17
C MET D 398 27.97 25.31 21.66
N GLY D 399 29.19 25.47 21.15
CA GLY D 399 29.72 26.78 20.77
C GLY D 399 30.15 27.61 21.97
N PRO D 400 30.68 28.83 21.71
CA PRO D 400 31.15 29.71 22.79
C PRO D 400 30.02 30.20 23.68
N ARG D 401 30.32 30.38 24.97
CA ARG D 401 29.34 30.95 25.90
C ARG D 401 28.98 32.39 25.52
N SER D 402 27.95 32.91 26.18
CA SER D 402 27.49 34.27 25.92
C SER D 402 28.12 35.21 26.95
N ALA D 403 28.16 36.50 26.59
CA ALA D 403 28.70 37.54 27.49
C ALA D 403 27.81 37.74 28.72
N ALA E 2 46.04 -26.81 15.08
CA ALA E 2 45.32 -27.98 15.68
C ALA E 2 44.48 -27.62 16.91
N LEU E 3 43.89 -26.42 16.93
CA LEU E 3 42.94 -26.06 17.98
C LEU E 3 41.53 -26.34 17.49
N THR E 4 40.68 -26.79 18.41
CA THR E 4 39.31 -27.18 18.12
C THR E 4 38.49 -26.74 19.31
N THR E 5 37.20 -26.49 19.10
CA THR E 5 36.32 -26.12 20.22
C THR E 5 36.05 -27.34 21.10
N THR E 6 35.75 -27.07 22.38
CA THR E 6 35.52 -28.11 23.37
C THR E 6 34.02 -28.26 23.60
N GLY E 7 33.63 -29.41 24.14
CA GLY E 7 32.21 -29.70 24.36
C GLY E 7 31.64 -30.51 23.20
N THR E 8 30.34 -30.35 22.97
CA THR E 8 29.57 -31.24 22.09
C THR E 8 29.93 -31.14 20.61
N GLU E 9 30.21 -29.92 20.15
CA GLU E 9 30.61 -29.68 18.76
C GLU E 9 32.10 -29.38 18.70
N GLN E 10 32.78 -30.01 17.74
CA GLN E 10 34.23 -29.90 17.61
C GLN E 10 34.66 -29.18 16.33
N HIS E 11 34.74 -27.85 16.40
CA HIS E 11 35.12 -27.08 15.21
C HIS E 11 36.56 -26.58 15.26
N ASP E 12 37.21 -26.56 14.10
CA ASP E 12 38.54 -25.97 13.94
C ASP E 12 38.52 -24.52 14.40
N LEU E 13 39.60 -24.11 15.07
CA LEU E 13 39.79 -22.72 15.49
C LEU E 13 41.07 -22.18 14.91
N PHE E 14 40.95 -21.06 14.18
CA PHE E 14 42.11 -20.37 13.61
C PHE E 14 43.02 -21.30 12.80
N SER E 15 42.37 -22.29 12.18
CA SER E 15 43.00 -23.22 11.26
C SER E 15 41.89 -23.96 10.55
N GLY E 16 42.25 -24.70 9.51
CA GLY E 16 41.31 -25.62 8.86
C GLY E 16 40.08 -24.92 8.32
N THR E 17 38.92 -25.35 8.79
CA THR E 17 37.62 -24.90 8.29
C THR E 17 37.22 -23.52 8.84
N PHE E 18 37.94 -23.06 9.87
CA PHE E 18 37.64 -21.81 10.55
C PHE E 18 37.70 -20.65 9.59
N TRP E 19 38.67 -20.69 8.69
CA TRP E 19 38.90 -19.61 7.75
C TRP E 19 37.76 -19.43 6.73
N GLN E 20 37.19 -20.56 6.29
CA GLN E 20 36.07 -20.53 5.34
C GLN E 20 34.81 -20.00 6.00
N ASN E 21 34.55 -20.45 7.22
CA ASN E 21 33.36 -20.04 7.92
C ASN E 21 33.53 -20.21 9.42
N PRO E 22 33.83 -19.11 10.15
CA PRO E 22 34.06 -19.22 11.59
C PRO E 22 32.81 -19.28 12.44
N HIS E 23 31.63 -19.03 11.85
CA HIS E 23 30.43 -18.80 12.63
C HIS E 23 29.94 -19.99 13.49
N PRO E 24 29.97 -21.21 12.94
CA PRO E 24 29.61 -22.36 13.82
C PRO E 24 30.54 -22.53 15.03
N ALA E 25 31.85 -22.43 14.79
CA ALA E 25 32.85 -22.40 15.87
C ALA E 25 32.54 -21.30 16.88
N TYR E 26 32.31 -20.07 16.41
CA TYR E 26 31.88 -18.99 17.30
C TYR E 26 30.65 -19.31 18.14
N ALA E 27 29.65 -19.92 17.49
CA ALA E 27 28.42 -20.32 18.20
C ALA E 27 28.75 -21.37 19.26
N ALA E 28 29.66 -22.29 18.95
CA ALA E 28 30.09 -23.32 19.91
C ALA E 28 30.79 -22.68 21.12
N LEU E 29 31.78 -21.81 20.86
CA LEU E 29 32.36 -20.97 21.94
C LEU E 29 31.38 -20.23 22.85
N ARG E 30 30.48 -19.43 22.29
CA ARG E 30 29.49 -18.72 23.09
C ARG E 30 28.65 -19.65 23.98
N ALA E 31 28.30 -20.81 23.44
CA ALA E 31 27.46 -21.79 24.12
C ALA E 31 28.21 -22.52 25.25
N GLU E 32 29.33 -23.15 24.91
CA GLU E 32 30.03 -24.06 25.82
C GLU E 32 31.25 -23.44 26.49
N ASP E 33 31.91 -22.51 25.80
CA ASP E 33 33.24 -22.04 26.22
C ASP E 33 33.48 -20.54 25.93
N PRO E 34 32.72 -19.66 26.61
CA PRO E 34 32.66 -18.27 26.20
C PRO E 34 33.87 -17.42 26.62
N VAL E 35 34.76 -17.99 27.43
CA VAL E 35 36.05 -17.38 27.79
C VAL E 35 37.14 -18.45 27.57
N ARG E 36 37.62 -18.54 26.34
CA ARG E 36 38.46 -19.61 25.89
C ARG E 36 39.93 -19.22 25.78
N LYS E 37 40.79 -19.98 26.46
CA LYS E 37 42.22 -19.82 26.32
C LYS E 37 42.70 -20.58 25.09
N LEU E 38 43.26 -19.84 24.15
CA LEU E 38 43.68 -20.42 22.89
C LEU E 38 45.20 -20.60 22.91
N ALA E 39 45.62 -21.85 22.80
CA ALA E 39 47.03 -22.19 22.80
C ALA E 39 47.68 -21.87 21.46
N LEU E 40 47.76 -20.58 21.16
CA LEU E 40 48.40 -20.10 19.94
C LEU E 40 49.92 -20.16 20.06
N PRO E 41 50.63 -20.19 18.91
CA PRO E 41 52.04 -20.58 18.94
C PRO E 41 52.97 -19.48 19.46
N ASP E 42 52.53 -18.22 19.37
CA ASP E 42 53.28 -17.10 19.93
C ASP E 42 52.88 -16.79 21.38
N GLY E 43 52.11 -17.71 21.95
CA GLY E 43 51.65 -17.61 23.32
C GLY E 43 50.14 -17.64 23.42
N PRO E 44 49.61 -17.85 24.64
CA PRO E 44 48.17 -17.96 24.75
C PRO E 44 47.44 -16.65 24.69
N VAL E 45 46.24 -16.70 24.11
CA VAL E 45 45.37 -15.54 24.01
C VAL E 45 43.96 -16.01 24.38
N TRP E 46 43.29 -15.26 25.24
CA TRP E 46 41.92 -15.57 25.69
C TRP E 46 40.87 -14.95 24.78
N LEU E 47 39.84 -15.71 24.44
CA LEU E 47 38.79 -15.17 23.59
C LEU E 47 37.46 -15.08 24.31
N LEU E 48 36.93 -13.85 24.42
CA LEU E 48 35.58 -13.58 24.88
C LEU E 48 34.61 -13.50 23.69
N THR E 49 33.54 -14.29 23.74
CA THR E 49 32.63 -14.37 22.59
C THR E 49 31.16 -13.99 22.85
N ARG E 50 30.75 -13.90 24.12
CA ARG E 50 29.38 -13.46 24.44
C ARG E 50 29.26 -11.97 24.46
N TYR E 51 28.15 -11.47 23.91
CA TYR E 51 27.93 -10.03 23.75
C TYR E 51 28.06 -9.19 25.02
N ALA E 52 27.34 -9.60 26.09
CA ALA E 52 27.41 -8.83 27.36
C ALA E 52 28.82 -8.73 27.90
N ASP E 53 29.58 -9.82 27.80
CA ASP E 53 30.99 -9.88 28.26
C ASP E 53 31.91 -8.96 27.43
N VAL E 54 31.72 -8.99 26.12
CA VAL E 54 32.53 -8.19 25.21
C VAL E 54 32.30 -6.71 25.47
N ARG E 55 31.04 -6.35 25.65
CA ARG E 55 30.65 -4.96 25.81
C ARG E 55 31.16 -4.44 27.14
N GLU E 56 31.06 -5.27 28.18
CA GLU E 56 31.61 -4.94 29.50
C GLU E 56 33.14 -4.81 29.44
N ALA E 57 33.78 -5.78 28.80
CA ALA E 57 35.25 -5.78 28.62
C ALA E 57 35.76 -4.51 27.92
N PHE E 58 35.03 -4.02 26.92
CA PHE E 58 35.45 -2.81 26.20
C PHE E 58 35.58 -1.59 27.12
N VAL E 59 34.87 -1.61 28.25
CA VAL E 59 34.89 -0.45 29.18
C VAL E 59 35.48 -0.81 30.55
N ASP E 60 36.11 -1.97 30.61
CA ASP E 60 36.70 -2.49 31.83
C ASP E 60 38.10 -1.91 31.91
N PRO E 61 38.36 -1.04 32.93
CA PRO E 61 39.69 -0.41 33.01
C PRO E 61 40.81 -1.42 33.31
N ARG E 62 40.46 -2.60 33.85
CA ARG E 62 41.42 -3.69 34.09
C ARG E 62 41.92 -4.35 32.82
N LEU E 63 41.24 -4.09 31.71
CA LEU E 63 41.69 -4.57 30.39
C LEU E 63 42.32 -3.42 29.57
N SER E 64 43.65 -3.38 29.66
CA SER E 64 44.50 -2.32 29.19
C SER E 64 45.05 -2.62 27.79
N LYS E 65 45.52 -1.59 27.10
CA LYS E 65 46.24 -1.73 25.83
C LYS E 65 47.75 -1.76 26.01
N ASP E 66 48.19 -1.62 27.27
CA ASP E 66 49.63 -1.53 27.58
C ASP E 66 50.24 -2.92 27.65
N TRP E 67 51.00 -3.28 26.64
CA TRP E 67 51.62 -4.62 26.59
C TRP E 67 52.60 -4.94 27.76
N ARG E 68 53.01 -3.92 28.50
CA ARG E 68 53.92 -4.13 29.64
C ARG E 68 53.24 -4.89 30.78
N HIS E 69 51.91 -5.02 30.75
CA HIS E 69 51.20 -5.89 31.72
C HIS E 69 51.60 -7.36 31.63
N ARG E 70 52.20 -7.76 30.52
CA ARG E 70 52.68 -9.13 30.35
C ARG E 70 53.88 -9.39 31.26
N LEU E 71 54.56 -8.30 31.60
CA LEU E 71 55.78 -8.33 32.41
C LEU E 71 55.49 -8.19 33.90
N PRO E 72 56.34 -8.82 34.74
CA PRO E 72 56.19 -8.55 36.17
C PRO E 72 56.45 -7.04 36.37
N GLU E 73 55.75 -6.47 37.33
CA GLU E 73 55.83 -5.04 37.63
C GLU E 73 57.26 -4.47 37.64
N ASP E 74 58.21 -5.22 38.20
CA ASP E 74 59.60 -4.72 38.35
C ASP E 74 60.38 -4.63 37.03
N GLN E 75 59.85 -5.23 35.96
CA GLN E 75 60.46 -5.10 34.63
C GLN E 75 59.81 -4.03 33.71
N ARG E 76 58.78 -3.31 34.19
CA ARG E 76 57.98 -2.42 33.33
C ARG E 76 58.58 -1.02 33.09
N ALA E 77 59.15 -0.41 34.14
CA ALA E 77 59.60 1.00 34.08
C ALA E 77 60.50 1.31 32.88
N ASP E 78 61.37 0.38 32.51
CA ASP E 78 62.34 0.66 31.46
C ASP E 78 61.94 0.25 30.05
N MET E 79 60.71 -0.25 29.91
CA MET E 79 60.24 -0.76 28.63
C MET E 79 59.38 0.27 27.88
N PRO E 80 59.47 0.29 26.54
CA PRO E 80 58.60 1.19 25.77
C PRO E 80 57.13 0.82 25.97
N ALA E 81 56.26 1.82 25.95
CA ALA E 81 54.82 1.62 26.17
C ALA E 81 54.15 0.85 25.02
N THR E 82 54.81 0.81 23.85
CA THR E 82 54.23 0.21 22.65
C THR E 82 55.36 -0.31 21.74
N PRO E 83 55.04 -1.23 20.80
CA PRO E 83 55.97 -1.62 19.75
C PRO E 83 56.05 -0.55 18.66
N THR E 84 55.00 0.25 18.55
CA THR E 84 54.94 1.42 17.66
C THR E 84 53.93 2.39 18.30
N PRO E 85 54.29 3.69 18.42
CA PRO E 85 53.45 4.58 19.26
C PRO E 85 52.11 5.00 18.62
N MET E 86 51.31 3.99 18.26
CA MET E 86 49.93 4.18 17.76
C MET E 86 48.94 4.28 18.93
N MET E 87 47.92 5.13 18.81
CA MET E 87 46.99 5.35 19.92
C MET E 87 46.16 4.12 20.26
N ILE E 88 45.99 3.24 19.26
CA ILE E 88 45.23 2.03 19.42
C ILE E 88 45.95 1.06 20.36
N LEU E 89 47.24 1.32 20.60
CA LEU E 89 48.07 0.52 21.47
C LEU E 89 48.32 1.20 22.81
N MET E 90 47.55 2.24 23.11
CA MET E 90 47.76 3.05 24.30
C MET E 90 46.55 3.13 25.20
N ASP E 91 46.84 3.39 26.49
CA ASP E 91 45.89 3.80 27.49
C ASP E 91 45.96 5.33 27.66
N PRO E 92 44.92 5.92 28.28
CA PRO E 92 45.02 7.32 28.71
C PRO E 92 46.22 7.46 29.68
N PRO E 93 46.86 8.65 29.73
CA PRO E 93 46.59 9.89 29.02
C PRO E 93 47.07 10.01 27.57
N ASP E 94 48.07 9.24 27.15
CA ASP E 94 48.62 9.39 25.80
C ASP E 94 47.56 9.10 24.77
N HIS E 95 46.79 8.04 24.99
CA HIS E 95 45.68 7.77 24.07
C HIS E 95 44.78 9.01 23.87
N THR E 96 44.40 9.64 24.99
CA THR E 96 43.45 10.76 24.98
C THR E 96 43.98 11.89 24.16
N ARG E 97 45.25 12.22 24.39
CA ARG E 97 45.92 13.29 23.68
C ARG E 97 45.95 13.05 22.16
N LEU E 98 46.39 11.87 21.73
CA LEU E 98 46.52 11.56 20.30
C LEU E 98 45.18 11.39 19.58
N ARG E 99 44.23 10.74 20.25
CA ARG E 99 42.86 10.61 19.74
C ARG E 99 42.18 11.98 19.56
N LYS E 100 42.37 12.89 20.52
CA LYS E 100 41.80 14.26 20.44
C LYS E 100 42.33 15.02 19.25
N LEU E 101 43.62 14.87 19.01
CA LEU E 101 44.31 15.56 17.94
C LEU E 101 43.80 15.16 16.55
N VAL E 102 43.45 13.90 16.39
CA VAL E 102 42.97 13.43 15.09
C VAL E 102 41.43 13.40 15.02
N GLY E 103 40.77 13.38 16.18
CA GLY E 103 39.31 13.38 16.30
C GLY E 103 38.54 14.43 15.50
N ARG E 104 39.01 15.67 15.47
CA ARG E 104 38.27 16.70 14.74
C ARG E 104 38.16 16.46 13.24
N SER E 105 39.21 15.83 12.68
CA SER E 105 39.28 15.59 11.25
C SER E 105 38.33 14.49 10.86
N PHE E 106 37.84 13.75 11.85
CA PHE E 106 37.00 12.58 11.57
C PHE E 106 35.60 12.68 12.19
N THR E 107 35.17 13.91 12.49
CA THR E 107 33.82 14.13 12.97
C THR E 107 32.84 13.61 11.92
N VAL E 108 31.62 13.33 12.37
CA VAL E 108 30.61 12.81 11.48
C VAL E 108 30.26 13.85 10.40
N ARG E 109 30.24 15.14 10.78
CA ARG E 109 29.90 16.18 9.80
C ARG E 109 30.99 16.28 8.72
N ARG E 110 32.24 16.20 9.17
CA ARG E 110 33.39 16.16 8.27
C ARG E 110 33.40 14.98 7.29
N MET E 111 33.07 13.78 7.78
CA MET E 111 32.96 12.59 6.90
C MET E 111 31.80 12.69 5.91
N ASN E 112 30.64 13.14 6.38
CA ASN E 112 29.48 13.39 5.53
C ASN E 112 29.83 14.26 4.30
N GLU E 113 30.72 15.24 4.51
CA GLU E 113 31.16 16.15 3.45
C GLU E 113 31.92 15.44 2.35
N LEU E 114 32.40 14.23 2.66
CA LEU E 114 33.19 13.45 1.73
C LEU E 114 32.34 12.58 0.80
N GLU E 115 31.07 12.41 1.17
CA GLU E 115 30.14 11.55 0.42
C GLU E 115 30.11 11.85 -1.09
N PRO E 116 30.05 13.15 -1.49
CA PRO E 116 30.12 13.41 -2.94
C PRO E 116 31.37 12.84 -3.62
N ARG E 117 32.53 12.99 -2.99
CA ARG E 117 33.77 12.48 -3.58
C ARG E 117 33.82 10.94 -3.55
N ILE E 118 33.38 10.34 -2.45
CA ILE E 118 33.28 8.83 -2.33
C ILE E 118 32.38 8.28 -3.46
N THR E 119 31.23 8.93 -3.63
CA THR E 119 30.30 8.61 -4.74
C THR E 119 30.95 8.74 -6.12
N GLU E 120 31.70 9.81 -6.37
CA GLU E 120 32.39 9.98 -7.67
C GLU E 120 33.40 8.85 -7.91
N ILE E 121 34.06 8.43 -6.83
CA ILE E 121 35.05 7.38 -6.92
C ILE E 121 34.35 6.05 -7.25
N ALA E 122 33.25 5.77 -6.56
CA ALA E 122 32.50 4.53 -6.81
C ALA E 122 31.98 4.52 -8.24
N ASP E 123 31.30 5.60 -8.63
CA ASP E 123 30.77 5.76 -9.99
C ASP E 123 31.84 5.65 -11.07
N GLY E 124 33.02 6.21 -10.85
CA GLY E 124 34.13 6.08 -11.82
C GLY E 124 34.58 4.63 -12.01
N LEU E 125 34.67 3.89 -10.92
CA LEU E 125 35.03 2.48 -10.98
C LEU E 125 33.93 1.65 -11.64
N LEU E 126 32.68 1.91 -11.28
CA LEU E 126 31.56 1.21 -11.88
C LEU E 126 31.59 1.38 -13.41
N ALA E 127 31.79 2.62 -13.87
CA ALA E 127 31.87 2.97 -15.31
C ALA E 127 33.04 2.30 -16.03
N GLY E 128 34.10 2.01 -15.29
CA GLY E 128 35.28 1.36 -15.84
C GLY E 128 35.31 -0.16 -15.76
N LEU E 129 34.39 -0.75 -14.99
CA LEU E 129 34.30 -2.21 -14.87
C LEU E 129 33.61 -2.82 -16.11
N PRO E 130 34.21 -3.87 -16.72
CA PRO E 130 33.75 -4.41 -18.02
C PRO E 130 32.34 -5.01 -18.05
N THR E 131 31.80 -5.07 -19.27
CA THR E 131 30.41 -5.50 -19.52
C THR E 131 30.17 -6.95 -19.11
N ASP E 132 31.20 -7.76 -19.30
CA ASP E 132 31.13 -9.21 -19.18
C ASP E 132 32.53 -9.75 -18.91
N GLY E 133 32.63 -11.03 -18.57
CA GLY E 133 33.97 -11.63 -18.44
C GLY E 133 34.54 -11.54 -17.04
N PRO E 134 35.80 -12.03 -16.85
CA PRO E 134 36.40 -12.10 -15.50
C PRO E 134 36.55 -10.75 -14.78
N VAL E 135 35.87 -10.55 -13.64
CA VAL E 135 36.31 -9.52 -12.68
C VAL E 135 36.36 -9.97 -11.19
N ASP E 136 37.47 -9.67 -10.54
CA ASP E 136 37.61 -9.88 -9.09
C ASP E 136 37.09 -8.61 -8.42
N LEU E 137 35.91 -8.68 -7.80
CA LEU E 137 35.32 -7.49 -7.18
C LEU E 137 36.16 -6.95 -6.02
N MET E 138 37.00 -7.81 -5.42
CA MET E 138 37.79 -7.38 -4.26
C MET E 138 38.85 -6.42 -4.75
N ARG E 139 39.79 -6.90 -5.55
CA ARG E 139 40.81 -6.02 -6.12
C ARG E 139 40.25 -4.85 -6.94
N GLU E 140 39.19 -5.09 -7.70
CA GLU E 140 38.71 -4.08 -8.66
C GLU E 140 37.72 -3.04 -8.13
N TYR E 141 37.21 -3.23 -6.94
CA TYR E 141 36.15 -2.35 -6.49
C TYR E 141 36.14 -2.18 -4.96
N ALA E 142 36.04 -3.29 -4.23
CA ALA E 142 35.87 -3.21 -2.77
C ALA E 142 37.14 -2.65 -2.13
N PHE E 143 38.29 -3.06 -2.68
CA PHE E 143 39.61 -2.61 -2.21
C PHE E 143 39.89 -1.18 -2.67
N GLN E 144 39.51 -0.86 -3.90
CA GLN E 144 39.85 0.43 -4.52
C GLN E 144 39.18 1.67 -3.88
N ILE E 145 37.91 1.54 -3.50
CA ILE E 145 37.17 2.68 -2.92
C ILE E 145 37.84 3.20 -1.64
N PRO E 146 37.96 2.35 -0.59
CA PRO E 146 38.59 2.82 0.66
C PRO E 146 40.07 3.23 0.50
N VAL E 147 40.80 2.57 -0.39
CA VAL E 147 42.20 2.90 -0.61
C VAL E 147 42.35 4.27 -1.29
N GLN E 148 41.52 4.51 -2.30
CA GLN E 148 41.51 5.83 -2.95
C GLN E 148 41.12 6.96 -1.96
N VAL E 149 40.07 6.73 -1.17
CA VAL E 149 39.67 7.71 -0.16
C VAL E 149 40.84 7.99 0.82
N ILE E 150 41.46 6.93 1.37
CA ILE E 150 42.53 7.13 2.36
C ILE E 150 43.76 7.84 1.78
N CYS E 151 44.10 7.51 0.53
CA CYS E 151 45.25 8.14 -0.14
C CYS E 151 44.99 9.64 -0.28
N GLU E 152 43.75 10.00 -0.59
CA GLU E 152 43.42 11.39 -0.81
C GLU E 152 43.34 12.14 0.53
N LEU E 153 42.74 11.51 1.54
CA LEU E 153 42.59 12.12 2.87
C LEU E 153 43.99 12.39 3.48
N LEU E 154 44.87 11.40 3.38
CA LEU E 154 46.19 11.51 3.98
C LEU E 154 47.19 12.26 3.12
N GLY E 155 47.01 12.21 1.79
CA GLY E 155 48.04 12.68 0.86
C GLY E 155 49.12 11.63 0.56
N LEU E 156 48.71 10.41 0.26
CA LEU E 156 49.69 9.38 -0.12
C LEU E 156 49.87 9.32 -1.65
N PRO E 157 51.13 9.42 -2.14
CA PRO E 157 51.32 9.40 -3.61
C PRO E 157 50.78 8.14 -4.30
N ALA E 158 50.03 8.35 -5.38
CA ALA E 158 49.50 7.25 -6.20
C ALA E 158 50.55 6.21 -6.60
N GLU E 159 51.78 6.64 -6.89
CA GLU E 159 52.81 5.75 -7.41
C GLU E 159 53.41 4.76 -6.41
N ASP E 160 53.18 4.99 -5.12
CA ASP E 160 53.73 4.13 -4.07
C ASP E 160 52.69 3.15 -3.56
N ARG E 161 51.47 3.22 -4.13
CA ARG E 161 50.33 2.44 -3.62
C ARG E 161 50.60 0.94 -3.58
N ASP E 162 51.21 0.47 -4.65
CA ASP E 162 51.75 -0.87 -4.84
C ASP E 162 52.59 -1.33 -3.65
N ASP E 163 53.58 -0.51 -3.29
CA ASP E 163 54.48 -0.78 -2.18
C ASP E 163 53.75 -0.88 -0.84
N PHE E 164 53.04 0.18 -0.47
CA PHE E 164 52.47 0.22 0.87
C PHE E 164 51.24 -0.68 1.08
N SER E 165 50.46 -0.98 0.03
CA SER E 165 49.41 -1.99 0.21
C SER E 165 49.99 -3.39 0.55
N ALA E 166 51.18 -3.71 0.02
CA ALA E 166 51.84 -5.00 0.31
C ALA E 166 52.23 -5.08 1.77
N TRP E 167 52.81 -4.00 2.31
CA TRP E 167 53.23 -4.03 3.70
C TRP E 167 52.04 -4.06 4.64
N SER E 168 50.98 -3.34 4.28
CA SER E 168 49.81 -3.23 5.10
C SER E 168 49.15 -4.62 5.25
N SER E 169 49.00 -5.38 4.15
CA SER E 169 48.37 -6.70 4.25
C SER E 169 49.18 -7.72 5.06
N VAL E 170 50.51 -7.64 5.02
CA VAL E 170 51.37 -8.49 5.84
C VAL E 170 51.09 -8.27 7.32
N LEU E 171 50.90 -7.01 7.71
CA LEU E 171 50.72 -6.68 9.13
C LEU E 171 49.40 -7.17 9.70
N VAL E 172 48.42 -7.32 8.83
CA VAL E 172 47.08 -7.63 9.29
C VAL E 172 46.74 -9.14 9.12
N ASP E 173 47.37 -9.81 8.16
CA ASP E 173 47.21 -11.24 7.96
C ASP E 173 48.05 -11.96 9.00
N ASP E 174 47.92 -13.26 9.10
CA ASP E 174 48.70 -14.03 10.07
C ASP E 174 50.07 -14.41 9.53
N SER E 175 50.82 -13.41 9.09
CA SER E 175 52.18 -13.58 8.53
C SER E 175 53.14 -13.92 9.65
N PRO E 176 54.31 -14.54 9.31
CA PRO E 176 55.29 -14.83 10.37
C PRO E 176 55.79 -13.52 10.99
N ALA E 177 56.11 -13.55 12.28
CA ALA E 177 56.60 -12.37 13.01
C ALA E 177 57.76 -11.61 12.35
N ASP E 178 58.64 -12.34 11.68
CA ASP E 178 59.74 -11.73 10.94
C ASP E 178 59.26 -10.98 9.71
N ASP E 179 58.20 -11.49 9.09
CA ASP E 179 57.65 -10.82 7.93
C ASP E 179 56.98 -9.52 8.37
N LYS E 180 56.29 -9.56 9.51
CA LYS E 180 55.62 -8.38 10.06
C LYS E 180 56.63 -7.31 10.50
N ASN E 181 57.70 -7.74 11.17
CA ASN E 181 58.78 -6.83 11.54
C ASN E 181 59.43 -6.14 10.35
N ALA E 182 59.68 -6.90 9.29
CA ALA E 182 60.21 -6.33 8.08
C ALA E 182 59.22 -5.38 7.42
N ALA E 183 57.93 -5.76 7.44
CA ALA E 183 56.84 -4.95 6.88
C ALA E 183 56.74 -3.63 7.61
N MET E 184 56.69 -3.68 8.95
CA MET E 184 56.62 -2.46 9.78
C MET E 184 57.84 -1.54 9.54
N GLY E 185 59.04 -2.12 9.46
CA GLY E 185 60.27 -1.36 9.18
C GLY E 185 60.25 -0.66 7.84
N LYS E 186 59.73 -1.34 6.81
CA LYS E 186 59.58 -0.74 5.48
C LYS E 186 58.49 0.36 5.44
N LEU E 187 57.38 0.12 6.15
CA LEU E 187 56.28 1.08 6.19
C LEU E 187 56.72 2.35 6.95
N HIS E 188 57.36 2.14 8.10
CA HIS E 188 57.92 3.25 8.91
C HIS E 188 58.93 4.09 8.11
N GLY E 189 59.85 3.40 7.42
CA GLY E 189 60.87 4.07 6.59
C GLY E 189 60.25 4.89 5.47
N TYR E 190 59.34 4.29 4.73
CA TYR E 190 58.65 4.96 3.67
C TYR E 190 57.90 6.22 4.16
N LEU E 191 57.18 6.06 5.27
CA LEU E 191 56.40 7.18 5.81
C LEU E 191 57.29 8.26 6.43
N SER E 192 58.37 7.91 7.12
CA SER E 192 59.33 8.94 7.58
C SER E 192 59.86 9.79 6.43
N ASP E 193 60.31 9.11 5.37
CA ASP E 193 60.80 9.75 4.14
C ASP E 193 59.73 10.60 3.46
N LEU E 194 58.52 10.07 3.33
CA LEU E 194 57.37 10.84 2.81
C LEU E 194 57.16 12.15 3.60
N LEU E 195 57.21 12.06 4.93
CA LEU E 195 57.03 13.25 5.79
C LEU E 195 58.17 14.24 5.59
N GLU E 196 59.38 13.73 5.38
CA GLU E 196 60.50 14.63 5.08
C GLU E 196 60.29 15.38 3.77
N ARG E 197 59.67 14.75 2.78
CA ARG E 197 59.36 15.40 1.51
C ARG E 197 58.19 16.37 1.64
N LYS E 198 57.21 16.00 2.46
CA LYS E 198 56.08 16.91 2.70
C LYS E 198 56.50 18.19 3.40
N ARG E 199 57.50 18.12 4.28
CA ARG E 199 58.02 19.34 4.95
C ARG E 199 58.51 20.38 3.95
N THR E 200 59.25 19.89 2.94
CA THR E 200 59.79 20.70 1.85
C THR E 200 58.68 21.22 0.95
N GLU E 201 57.73 20.33 0.63
CA GLU E 201 56.61 20.63 -0.24
C GLU E 201 55.29 20.21 0.41
N PRO E 202 54.74 21.06 1.31
CA PRO E 202 53.50 20.78 2.01
C PRO E 202 52.26 20.80 1.15
N ASP E 203 51.26 20.06 1.56
CA ASP E 203 49.98 20.14 0.87
C ASP E 203 48.87 20.35 1.91
N ASP E 204 47.63 20.20 1.50
CA ASP E 204 46.51 20.49 2.37
C ASP E 204 45.85 19.24 2.96
N ALA E 205 46.48 18.08 2.77
CA ALA E 205 45.92 16.84 3.29
C ALA E 205 46.46 16.57 4.69
N LEU E 206 45.97 15.49 5.30
CA LEU E 206 46.07 15.33 6.75
C LEU E 206 47.50 15.14 7.26
N LEU E 207 48.32 14.40 6.52
CA LEU E 207 49.70 14.19 6.94
C LEU E 207 50.48 15.51 7.00
N SER E 208 50.39 16.35 5.97
CA SER E 208 50.98 17.69 6.02
C SER E 208 50.45 18.48 7.21
N SER E 209 49.14 18.47 7.45
CA SER E 209 48.58 19.21 8.60
C SER E 209 49.20 18.77 9.92
N LEU E 210 49.19 17.47 10.16
CA LEU E 210 49.75 16.87 11.37
C LEU E 210 51.25 17.10 11.48
N LEU E 211 51.96 17.13 10.37
CA LEU E 211 53.40 17.47 10.34
C LEU E 211 53.65 18.87 10.89
N ALA E 212 52.86 19.84 10.40
CA ALA E 212 52.91 21.21 10.95
C ALA E 212 52.64 21.21 12.45
N VAL E 213 51.61 20.48 12.89
CA VAL E 213 51.29 20.43 14.32
C VAL E 213 52.48 19.93 15.12
N SER E 214 53.09 18.85 14.64
CA SER E 214 54.23 18.23 15.27
C SER E 214 55.44 19.18 15.26
N ASP E 215 55.63 19.91 14.17
CA ASP E 215 56.74 20.87 14.09
C ASP E 215 56.52 22.04 15.06
N MET E 216 55.27 22.45 15.21
CA MET E 216 54.95 23.61 16.04
C MET E 216 54.95 23.22 17.51
N ASP E 217 54.51 21.99 17.79
CA ASP E 217 54.25 21.59 19.15
C ASP E 217 54.59 20.11 19.42
N GLY E 218 55.88 19.80 19.51
CA GLY E 218 56.43 18.44 19.68
C GLY E 218 55.88 17.62 20.85
N ASP E 219 55.44 18.32 21.88
CA ASP E 219 54.91 17.63 23.07
C ASP E 219 53.48 17.18 22.83
N ARG E 220 52.75 17.87 21.97
CA ARG E 220 51.42 17.37 21.62
C ARG E 220 51.48 16.20 20.62
N LEU E 221 52.46 16.20 19.73
CA LEU E 221 52.64 15.14 18.71
C LEU E 221 54.09 15.05 18.34
N SER E 222 54.77 14.02 18.83
CA SER E 222 56.16 13.79 18.43
C SER E 222 56.29 13.31 16.96
N GLN E 223 57.49 13.37 16.42
CA GLN E 223 57.76 12.85 15.07
C GLN E 223 57.43 11.36 14.98
N GLU E 224 57.76 10.61 16.02
CA GLU E 224 57.50 9.18 16.00
C GLU E 224 56.01 8.85 16.14
N GLU E 225 55.28 9.64 16.94
CA GLU E 225 53.85 9.46 17.07
C GLU E 225 53.19 9.82 15.75
N LEU E 226 53.73 10.85 15.09
CA LEU E 226 53.28 11.21 13.75
C LEU E 226 53.41 10.05 12.75
N VAL E 227 54.59 9.43 12.68
CA VAL E 227 54.81 8.31 11.76
C VAL E 227 53.84 7.17 12.09
N ALA E 228 53.63 6.93 13.38
CA ALA E 228 52.77 5.80 13.80
C ALA E 228 51.29 6.10 13.55
N MET E 229 50.89 7.36 13.66
CA MET E 229 49.50 7.75 13.35
C MET E 229 49.31 7.54 11.85
N ALA E 230 50.27 7.99 11.06
CA ALA E 230 50.20 7.80 9.62
C ALA E 230 50.06 6.31 9.25
N MET E 231 50.84 5.44 9.91
CA MET E 231 50.82 3.99 9.64
C MET E 231 49.46 3.39 9.99
N LEU E 232 48.93 3.76 11.16
CA LEU E 232 47.66 3.26 11.63
C LEU E 232 46.50 3.58 10.68
N LEU E 233 46.41 4.86 10.28
CA LEU E 233 45.33 5.35 9.40
C LEU E 233 45.51 4.77 8.00
N LEU E 234 46.74 4.68 7.51
CA LEU E 234 47.03 3.98 6.23
C LEU E 234 46.47 2.55 6.27
N ILE E 235 46.84 1.79 7.31
CA ILE E 235 46.45 0.38 7.40
C ILE E 235 44.92 0.26 7.55
N ALA E 236 44.31 1.09 8.38
CA ALA E 236 42.83 1.10 8.53
C ALA E 236 42.13 1.36 7.17
N GLY E 237 42.76 2.20 6.36
CA GLY E 237 42.26 2.56 5.02
C GLY E 237 42.37 1.43 4.01
N HIS E 238 43.21 0.44 4.29
CA HIS E 238 43.47 -0.65 3.34
C HIS E 238 42.80 -1.95 3.76
N GLU E 239 42.57 -2.13 5.06
CA GLU E 239 42.27 -3.47 5.59
C GLU E 239 40.96 -3.66 6.36
N THR E 240 40.04 -2.70 6.27
CA THR E 240 38.79 -2.77 7.06
C THR E 240 37.54 -2.68 6.15
N THR E 241 37.23 -1.48 5.65
CA THR E 241 36.06 -1.23 4.81
C THR E 241 35.96 -2.16 3.61
N VAL E 242 37.10 -2.47 3.03
CA VAL E 242 37.22 -3.42 1.94
C VAL E 242 36.41 -4.68 2.25
N ASN E 243 36.43 -5.09 3.51
CA ASN E 243 35.73 -6.31 3.90
C ASN E 243 34.29 -6.10 4.30
N LEU E 244 33.93 -4.87 4.66
CA LEU E 244 32.51 -4.55 4.82
C LEU E 244 31.85 -4.66 3.46
N ILE E 245 32.51 -4.07 2.48
CA ILE E 245 32.07 -4.17 1.08
C ILE E 245 31.99 -5.61 0.61
N GLY E 246 33.10 -6.37 0.71
CA GLY E 246 33.14 -7.75 0.25
C GLY E 246 32.15 -8.65 0.95
N ASN E 247 32.12 -8.60 2.28
CA ASN E 247 31.19 -9.38 3.10
C ASN E 247 29.72 -8.97 2.91
N GLY E 248 29.47 -7.66 2.80
CA GLY E 248 28.12 -7.12 2.59
C GLY E 248 27.57 -7.55 1.24
N VAL E 249 28.38 -7.38 0.19
CA VAL E 249 28.04 -7.81 -1.16
C VAL E 249 27.74 -9.31 -1.17
N LEU E 250 28.64 -10.10 -0.55
CA LEU E 250 28.45 -11.53 -0.51
C LEU E 250 27.16 -11.95 0.20
N ALA E 251 26.81 -11.23 1.25
CA ALA E 251 25.63 -11.56 2.03
C ALA E 251 24.35 -11.31 1.20
N LEU E 252 24.40 -10.29 0.34
CA LEU E 252 23.32 -10.01 -0.63
C LEU E 252 23.26 -11.09 -1.72
N LEU E 253 24.42 -11.48 -2.24
CA LEU E 253 24.48 -12.44 -3.33
C LEU E 253 23.92 -13.80 -2.89
N THR E 254 24.20 -14.15 -1.63
CA THR E 254 23.79 -15.43 -1.04
C THR E 254 22.42 -15.39 -0.37
N HIS E 255 21.81 -14.21 -0.29
CA HIS E 255 20.45 -14.04 0.27
C HIS E 255 19.48 -13.29 -0.69
N PRO E 256 18.98 -14.01 -1.75
CA PRO E 256 18.06 -13.40 -2.75
C PRO E 256 16.92 -12.60 -2.16
N ASP E 257 16.36 -13.09 -1.05
CA ASP E 257 15.26 -12.40 -0.35
C ASP E 257 15.64 -11.01 0.15
N GLN E 258 16.85 -10.90 0.69
CA GLN E 258 17.35 -9.62 1.18
C GLN E 258 17.74 -8.70 0.04
N ARG E 259 18.36 -9.29 -0.97
CA ARG E 259 18.72 -8.57 -2.17
C ARG E 259 17.47 -7.94 -2.83
N LYS E 260 16.31 -8.61 -2.67
CA LYS E 260 15.04 -8.18 -3.26
C LYS E 260 14.51 -6.99 -2.48
N LEU E 261 14.55 -7.08 -1.15
CA LEU E 261 14.15 -5.95 -0.30
C LEU E 261 14.94 -4.68 -0.62
N LEU E 262 16.25 -4.80 -0.86
CA LEU E 262 17.06 -3.64 -1.23
C LEU E 262 16.75 -3.11 -2.63
N ALA E 263 16.61 -4.02 -3.58
CA ALA E 263 16.22 -3.63 -4.95
C ALA E 263 14.90 -2.84 -4.99
N GLU E 264 13.97 -3.16 -4.09
CA GLU E 264 12.62 -2.58 -4.05
C GLU E 264 12.52 -1.35 -3.13
N ASP E 265 13.53 -1.17 -2.27
CA ASP E 265 13.63 -0.01 -1.41
C ASP E 265 15.10 0.31 -1.14
N PRO E 266 15.75 0.98 -2.12
CA PRO E 266 17.16 1.34 -1.98
C PRO E 266 17.49 2.19 -0.75
N SER E 267 16.49 2.86 -0.17
CA SER E 267 16.72 3.63 1.05
C SER E 267 17.03 2.71 2.25
N LEU E 268 16.87 1.40 2.04
CA LEU E 268 17.27 0.42 3.05
C LEU E 268 18.81 0.23 3.17
N ILE E 269 19.57 0.93 2.35
CA ILE E 269 21.03 0.76 2.36
C ILE E 269 21.72 1.01 3.72
N SER E 270 21.29 2.07 4.42
CA SER E 270 21.85 2.41 5.74
C SER E 270 21.64 1.30 6.75
N SER E 271 20.39 0.87 6.86
CA SER E 271 20.00 -0.23 7.72
C SER E 271 20.75 -1.52 7.33
N ALA E 272 20.91 -1.74 6.02
CA ALA E 272 21.53 -2.92 5.47
C ALA E 272 23.00 -3.00 5.88
N VAL E 273 23.72 -1.89 5.67
CA VAL E 273 25.11 -1.78 6.10
C VAL E 273 25.25 -2.11 7.57
N GLU E 274 24.38 -1.58 8.44
CA GLU E 274 24.44 -1.97 9.85
C GLU E 274 24.29 -3.48 10.04
N GLU E 275 23.36 -4.09 9.29
CA GLU E 275 23.18 -5.56 9.37
C GLU E 275 24.38 -6.34 8.83
N PHE E 276 25.03 -5.87 7.77
CA PHE E 276 26.20 -6.58 7.21
C PHE E 276 27.38 -6.56 8.21
N LEU E 277 27.56 -5.41 8.86
CA LEU E 277 28.59 -5.21 9.88
C LEU E 277 28.37 -6.18 11.03
N ARG E 278 27.10 -6.39 11.39
CA ARG E 278 26.71 -7.32 12.46
C ARG E 278 26.86 -8.81 12.03
N PHE E 279 26.39 -9.09 10.82
CA PHE E 279 26.23 -10.44 10.29
C PHE E 279 27.55 -11.14 9.96
N ASP E 280 28.53 -10.38 9.48
CA ASP E 280 29.80 -11.01 9.07
C ASP E 280 30.88 -9.95 9.35
N SER E 281 31.11 -9.68 10.63
CA SER E 281 31.85 -8.49 11.04
C SER E 281 33.25 -8.50 10.40
N PRO E 282 33.65 -7.38 9.74
CA PRO E 282 34.92 -7.30 9.02
C PRO E 282 36.14 -7.40 9.95
N VAL E 283 36.03 -6.83 11.14
CA VAL E 283 37.08 -6.99 12.15
C VAL E 283 36.51 -8.03 13.05
N SER E 284 37.00 -9.27 12.87
CA SER E 284 36.47 -10.43 13.56
C SER E 284 36.79 -10.45 15.07
N GLN E 285 38.04 -10.07 15.42
CA GLN E 285 38.47 -10.01 16.80
C GLN E 285 39.18 -8.67 16.98
N ALA E 286 38.83 -7.94 18.03
CA ALA E 286 39.48 -6.69 18.37
C ALA E 286 40.96 -7.02 18.60
N PRO E 287 41.83 -6.08 18.26
CA PRO E 287 43.20 -6.27 18.69
C PRO E 287 43.32 -6.42 20.20
N ILE E 288 44.38 -7.11 20.59
CA ILE E 288 44.59 -7.59 21.95
C ILE E 288 44.54 -6.52 23.04
N ARG E 289 43.95 -6.93 24.17
CA ARG E 289 44.01 -6.22 25.43
C ARG E 289 44.81 -7.09 26.41
N PHE E 290 45.24 -6.49 27.50
CA PHE E 290 46.08 -7.15 28.48
C PHE E 290 45.44 -6.96 29.84
N THR E 291 45.42 -8.02 30.63
CA THR E 291 44.82 -7.92 31.96
C THR E 291 45.80 -7.27 32.93
N ALA E 292 45.39 -6.11 33.44
CA ALA E 292 46.15 -5.37 34.46
C ALA E 292 46.02 -6.05 35.83
N GLU E 293 44.89 -6.70 36.05
CA GLU E 293 44.69 -7.52 37.24
C GLU E 293 43.77 -8.68 36.85
N ASP E 294 43.56 -9.63 37.78
CA ASP E 294 42.65 -10.74 37.55
C ASP E 294 41.26 -10.20 37.17
N VAL E 295 40.66 -10.77 36.13
CA VAL E 295 39.27 -10.44 35.77
C VAL E 295 38.42 -11.73 35.69
N THR E 296 37.14 -11.62 36.01
CA THR E 296 36.21 -12.76 35.87
C THR E 296 35.06 -12.43 34.90
N TYR E 297 34.87 -13.31 33.92
CA TYR E 297 33.79 -13.19 32.94
C TYR E 297 33.18 -14.58 32.80
N SER E 298 31.85 -14.64 32.94
CA SER E 298 31.11 -15.91 32.83
C SER E 298 31.68 -17.02 33.72
N GLY E 299 32.10 -16.68 34.94
CA GLY E 299 32.66 -17.64 35.89
C GLY E 299 34.06 -18.11 35.59
N VAL E 300 34.72 -17.46 34.64
CA VAL E 300 36.08 -17.82 34.29
C VAL E 300 36.99 -16.64 34.67
N THR E 301 38.00 -16.93 35.50
CA THR E 301 38.95 -15.92 35.91
C THR E 301 40.13 -15.93 34.93
N ILE E 302 40.36 -14.77 34.32
CA ILE E 302 41.61 -14.57 33.59
C ILE E 302 42.63 -13.88 34.51
N PRO E 303 43.74 -14.59 34.79
CA PRO E 303 44.81 -14.03 35.62
C PRO E 303 45.36 -12.72 35.04
N ALA E 304 45.84 -11.84 35.91
CA ALA E 304 46.70 -10.70 35.53
C ALA E 304 47.82 -11.10 34.58
N GLY E 305 48.10 -10.25 33.58
CA GLY E 305 49.21 -10.49 32.67
C GLY E 305 48.94 -11.27 31.39
N GLU E 306 47.66 -11.48 31.07
CA GLU E 306 47.25 -12.27 29.90
C GLU E 306 46.77 -11.42 28.71
N MET E 307 46.88 -11.98 27.51
CA MET E 307 46.39 -11.31 26.29
C MET E 307 44.94 -11.74 26.08
N VAL E 308 44.11 -10.79 25.68
CA VAL E 308 42.68 -11.03 25.56
C VAL E 308 42.15 -10.41 24.28
N MET E 309 41.51 -11.25 23.44
CA MET E 309 40.84 -10.79 22.21
C MET E 309 39.33 -10.70 22.46
N LEU E 310 38.70 -9.62 21.98
CA LEU E 310 37.24 -9.51 22.08
C LEU E 310 36.66 -9.98 20.74
N GLY E 311 35.82 -11.01 20.81
CA GLY E 311 35.34 -11.69 19.59
C GLY E 311 34.14 -10.95 19.08
N LEU E 312 34.37 -10.02 18.15
CA LEU E 312 33.28 -9.13 17.70
C LEU E 312 32.31 -9.86 16.77
N ALA E 313 32.85 -10.60 15.81
CA ALA E 313 32.03 -11.40 14.87
C ALA E 313 31.18 -12.42 15.66
N ALA E 314 31.74 -12.97 16.75
CA ALA E 314 31.00 -13.89 17.62
C ALA E 314 29.91 -13.20 18.43
N ALA E 315 30.24 -12.07 19.05
CA ALA E 315 29.30 -11.36 19.91
C ALA E 315 28.10 -10.85 19.14
N ASN E 316 28.36 -10.50 17.87
CA ASN E 316 27.36 -9.86 17.00
C ASN E 316 26.33 -10.85 16.46
N ARG E 317 26.56 -12.14 16.68
CA ARG E 317 25.53 -13.16 16.47
C ARG E 317 25.05 -13.84 17.77
N ASP E 318 25.15 -13.14 18.89
CA ASP E 318 24.75 -13.68 20.18
C ASP E 318 23.25 -13.45 20.37
N ALA E 319 22.50 -14.56 20.43
CA ALA E 319 21.03 -14.53 20.55
C ALA E 319 20.54 -13.87 21.85
N ASP E 320 21.40 -13.77 22.85
CA ASP E 320 21.03 -13.08 24.08
C ASP E 320 20.92 -11.59 23.84
N TRP E 321 21.54 -11.13 22.76
CA TRP E 321 21.46 -9.73 22.36
C TRP E 321 20.47 -9.57 21.20
N MET E 322 20.60 -10.46 20.21
CA MET E 322 19.94 -10.30 18.92
C MET E 322 19.06 -11.52 18.59
N PRO E 323 17.73 -11.32 18.50
CA PRO E 323 16.77 -12.39 18.13
C PRO E 323 17.05 -12.93 16.73
N GLU E 324 17.07 -14.26 16.58
CA GLU E 324 17.39 -14.90 15.29
C GLU E 324 18.69 -14.38 14.64
N PRO E 325 19.82 -14.44 15.37
CA PRO E 325 21.05 -13.74 14.95
C PRO E 325 21.71 -14.33 13.70
N ASP E 326 21.37 -15.58 13.34
CA ASP E 326 21.92 -16.19 12.12
C ASP E 326 21.16 -15.80 10.84
N ARG E 327 20.01 -15.14 11.04
CA ARG E 327 19.17 -14.62 9.96
C ARG E 327 19.75 -13.28 9.48
N LEU E 328 20.02 -13.15 8.19
CA LEU E 328 20.26 -11.83 7.57
C LEU E 328 18.93 -11.09 7.45
N ASP E 329 18.81 -9.97 8.16
CA ASP E 329 17.61 -9.15 8.02
C ASP E 329 17.99 -7.68 7.88
N ILE E 330 18.10 -7.23 6.63
CA ILE E 330 18.50 -5.84 6.35
C ILE E 330 17.52 -4.75 6.87
N THR E 331 16.36 -5.17 7.40
CA THR E 331 15.39 -4.20 7.90
C THR E 331 15.47 -4.04 9.42
N ARG E 332 16.34 -4.80 10.08
CA ARG E 332 16.44 -4.73 11.55
C ARG E 332 16.56 -3.30 12.10
N ASP E 333 15.76 -3.04 13.14
CA ASP E 333 15.93 -1.84 13.94
C ASP E 333 16.88 -2.24 15.03
N ALA E 334 18.17 -2.06 14.78
CA ALA E 334 19.20 -2.57 15.68
C ALA E 334 20.01 -1.43 16.26
N SER E 335 20.49 -1.67 17.48
CA SER E 335 21.38 -0.75 18.16
C SER E 335 22.34 -1.58 18.98
N GLY E 336 23.57 -1.10 19.06
CA GLY E 336 24.51 -1.65 20.04
C GLY E 336 25.47 -2.72 19.55
N GLY E 337 25.57 -2.92 18.24
CA GLY E 337 26.55 -3.86 17.71
C GLY E 337 27.96 -3.43 18.15
N VAL E 338 28.86 -4.41 18.31
CA VAL E 338 30.26 -4.17 18.73
C VAL E 338 31.29 -4.24 17.58
N PHE E 339 30.83 -4.19 16.34
CA PHE E 339 31.69 -4.30 15.18
C PHE E 339 32.69 -3.14 15.02
N PHE E 340 32.41 -2.00 15.66
CA PHE E 340 33.31 -0.83 15.65
C PHE E 340 33.91 -0.62 17.04
N GLY E 341 33.73 -1.59 17.94
CA GLY E 341 34.19 -1.45 19.30
C GLY E 341 33.17 -0.72 20.16
N HIS E 342 33.68 -0.14 21.24
CA HIS E 342 32.83 0.45 22.27
C HIS E 342 33.76 1.09 23.29
N GLY E 343 33.46 2.34 23.64
CA GLY E 343 34.23 3.05 24.64
C GLY E 343 35.29 3.96 24.04
N ILE E 344 36.40 4.13 24.76
CA ILE E 344 37.39 5.17 24.42
C ILE E 344 38.10 4.91 23.06
N HIS E 345 38.23 3.64 22.67
CA HIS E 345 38.89 3.25 21.40
C HIS E 345 37.89 3.03 20.27
N PHE E 346 36.62 3.40 20.51
CA PHE E 346 35.59 3.24 19.49
C PHE E 346 36.08 3.76 18.14
N CYS E 347 35.90 2.95 17.09
CA CYS E 347 36.44 3.24 15.77
C CYS E 347 36.39 4.73 15.35
N LEU E 348 37.58 5.30 15.12
CA LEU E 348 37.69 6.65 14.60
C LEU E 348 37.05 6.81 13.22
N GLY E 349 37.10 5.74 12.41
CA GLY E 349 36.61 5.78 11.03
C GLY E 349 35.17 5.31 10.87
N ALA E 350 34.43 5.19 11.96
CA ALA E 350 33.05 4.64 11.94
C ALA E 350 32.15 5.27 10.89
N GLN E 351 32.04 6.61 10.87
CA GLN E 351 31.19 7.27 9.88
C GLN E 351 31.74 7.12 8.47
N LEU E 352 33.06 7.23 8.31
CA LEU E 352 33.70 7.06 7.00
C LEU E 352 33.47 5.66 6.42
N ALA E 353 33.64 4.62 7.26
CA ALA E 353 33.38 3.24 6.82
C ALA E 353 31.90 3.08 6.40
N ARG E 354 30.97 3.55 7.24
CA ARG E 354 29.52 3.43 6.95
C ARG E 354 29.22 4.12 5.60
N LEU E 355 29.76 5.33 5.40
CA LEU E 355 29.53 6.07 4.16
C LEU E 355 30.09 5.36 2.95
N GLU E 356 31.35 4.94 3.03
CA GLU E 356 32.00 4.14 1.99
C GLU E 356 31.26 2.82 1.68
N GLY E 357 30.76 2.13 2.71
CA GLY E 357 30.01 0.87 2.49
C GLY E 357 28.64 1.12 1.87
N ARG E 358 27.90 2.09 2.41
CA ARG E 358 26.58 2.43 1.84
C ARG E 358 26.69 2.85 0.37
N VAL E 359 27.63 3.74 0.07
CA VAL E 359 27.86 4.15 -1.32
C VAL E 359 28.29 2.98 -2.21
N ALA E 360 29.33 2.26 -1.78
CA ALA E 360 29.93 1.19 -2.58
C ALA E 360 28.92 0.07 -2.86
N ILE E 361 28.23 -0.39 -1.80
CA ILE E 361 27.28 -1.51 -1.95
C ILE E 361 26.03 -1.03 -2.70
N GLY E 362 25.46 0.09 -2.23
CA GLY E 362 24.25 0.66 -2.83
C GLY E 362 24.40 0.90 -4.33
N ARG E 363 25.48 1.61 -4.71
CA ARG E 363 25.66 2.00 -6.11
C ARG E 363 25.99 0.81 -7.00
N LEU E 364 26.66 -0.18 -6.42
CA LEU E 364 27.01 -1.40 -7.15
C LEU E 364 25.75 -2.16 -7.57
N PHE E 365 24.86 -2.41 -6.63
CA PHE E 365 23.64 -3.17 -6.94
C PHE E 365 22.63 -2.41 -7.82
N ALA E 366 22.54 -1.09 -7.63
CA ALA E 366 21.73 -0.25 -8.53
C ALA E 366 22.31 -0.29 -9.94
N ASP E 367 23.63 -0.31 -10.06
CA ASP E 367 24.25 -0.21 -11.38
C ASP E 367 24.38 -1.55 -12.12
N ARG E 368 24.52 -2.64 -11.38
CA ARG E 368 24.65 -3.97 -11.97
C ARG E 368 23.62 -4.87 -11.30
N PRO E 369 22.35 -4.77 -11.74
CA PRO E 369 21.27 -5.55 -11.12
C PRO E 369 21.45 -7.06 -11.27
N GLU E 370 22.22 -7.49 -12.27
CA GLU E 370 22.42 -8.92 -12.51
C GLU E 370 23.76 -9.48 -11.99
N LEU E 371 24.43 -8.70 -11.15
CA LEU E 371 25.64 -9.15 -10.47
C LEU E 371 25.43 -10.53 -9.83
N ALA E 372 26.36 -11.44 -10.12
CA ALA E 372 26.34 -12.79 -9.58
C ALA E 372 27.77 -13.28 -9.33
N LEU E 373 27.95 -14.21 -8.38
CA LEU E 373 29.25 -14.87 -8.22
C LEU E 373 29.63 -15.62 -9.48
N ALA E 374 30.91 -15.65 -9.81
CA ALA E 374 31.39 -16.35 -11.02
C ALA E 374 32.00 -17.71 -10.72
N VAL E 375 32.04 -18.08 -9.43
CA VAL E 375 32.49 -19.39 -8.96
C VAL E 375 31.47 -19.87 -7.95
N GLY E 376 31.55 -21.13 -7.51
CA GLY E 376 30.72 -21.62 -6.40
C GLY E 376 31.15 -21.02 -5.05
N LEU E 377 30.19 -20.84 -4.13
CA LEU E 377 30.47 -20.35 -2.76
C LEU E 377 31.67 -21.02 -2.07
N ASP E 378 31.71 -22.35 -2.17
CA ASP E 378 32.76 -23.15 -1.56
C ASP E 378 34.15 -22.92 -2.17
N GLU E 379 34.20 -22.28 -3.34
CA GLU E 379 35.48 -22.01 -4.01
C GLU E 379 36.12 -20.69 -3.58
N LEU E 380 35.38 -19.91 -2.79
CA LEU E 380 35.90 -18.64 -2.30
C LEU E 380 37.01 -18.84 -1.26
N VAL E 381 38.11 -18.10 -1.46
CA VAL E 381 39.32 -18.14 -0.62
C VAL E 381 39.33 -16.95 0.36
N TYR E 382 39.33 -17.25 1.65
CA TYR E 382 39.44 -16.23 2.70
C TYR E 382 40.86 -16.04 3.17
N ARG E 383 41.14 -14.82 3.63
CA ARG E 383 42.43 -14.47 4.20
C ARG E 383 42.61 -15.15 5.54
N ARG E 384 43.84 -15.52 5.87
CA ARG E 384 44.08 -16.07 7.22
C ARG E 384 44.55 -14.93 8.13
N SER E 385 43.68 -14.54 9.03
CA SER E 385 43.93 -13.40 9.91
C SER E 385 43.11 -13.52 11.17
N THR E 386 43.75 -13.26 12.30
CA THR E 386 43.02 -13.21 13.57
C THR E 386 42.40 -11.84 13.81
N LEU E 387 42.59 -10.95 12.84
CA LEU E 387 42.07 -9.60 12.99
C LEU E 387 40.87 -9.33 12.08
N VAL E 388 40.96 -9.78 10.83
CA VAL E 388 39.93 -9.51 9.85
C VAL E 388 39.28 -10.79 9.31
N ARG E 389 38.01 -10.67 8.95
CA ARG E 389 37.26 -11.70 8.24
C ARG E 389 37.06 -11.12 6.83
N GLY E 390 37.80 -11.65 5.85
CA GLY E 390 37.81 -11.09 4.48
C GLY E 390 38.27 -12.02 3.36
N LEU E 391 37.61 -11.88 2.21
CA LEU E 391 37.94 -12.60 0.98
C LEU E 391 39.24 -12.15 0.38
N SER E 392 40.03 -13.09 -0.13
CA SER E 392 41.22 -12.73 -0.88
C SER E 392 40.81 -12.15 -2.21
N ARG E 393 39.80 -12.77 -2.81
CA ARG E 393 39.33 -12.43 -4.16
C ARG E 393 37.87 -12.78 -4.18
N MET E 394 37.13 -12.16 -5.11
CA MET E 394 35.73 -12.52 -5.31
C MET E 394 35.43 -12.49 -6.80
N PRO E 395 35.56 -13.66 -7.46
CA PRO E 395 35.23 -13.72 -8.89
C PRO E 395 33.74 -13.49 -9.09
N VAL E 396 33.43 -12.47 -9.89
CA VAL E 396 32.04 -12.17 -10.21
C VAL E 396 31.82 -11.99 -11.72
N THR E 397 30.56 -12.13 -12.09
CA THR E 397 30.06 -11.68 -13.38
C THR E 397 29.21 -10.44 -13.14
N MET E 398 29.70 -9.36 -13.72
CA MET E 398 29.22 -8.02 -13.51
C MET E 398 27.78 -7.91 -14.05
N GLY E 399 27.60 -8.38 -15.28
CA GLY E 399 26.31 -8.31 -15.94
C GLY E 399 26.10 -6.92 -16.51
N PRO E 400 24.98 -6.71 -17.22
CA PRO E 400 24.76 -5.45 -17.93
C PRO E 400 24.49 -4.29 -16.98
N ARG E 401 24.95 -3.10 -17.41
CA ARG E 401 24.73 -1.83 -16.73
C ARG E 401 23.25 -1.54 -16.75
N SER E 402 22.74 -0.76 -15.81
CA SER E 402 21.36 -0.33 -15.89
C SER E 402 21.20 1.19 -16.09
CHA HEM F . -33.31 11.09 24.25
CHB HEM F . -34.07 14.09 20.47
CHC HEM F . -37.60 11.08 18.81
CHD HEM F . -37.32 8.56 22.95
C1A HEM F . -33.15 12.10 23.33
C2A HEM F . -32.15 13.16 23.39
C3A HEM F . -32.36 14.00 22.36
C4A HEM F . -33.51 13.53 21.62
CMA HEM F . -31.54 15.25 21.99
CAA HEM F . -31.05 13.23 24.47
CBA HEM F . -31.48 14.25 25.50
CGA HEM F . -30.40 14.56 26.51
O1A HEM F . -29.33 13.93 26.48
O2A HEM F . -30.64 15.41 27.39
C1B HEM F . -35.04 13.51 19.65
C2B HEM F . -35.43 13.94 18.33
C3B HEM F . -36.38 13.12 17.86
C4B HEM F . -36.67 12.13 18.88
CMB HEM F . -34.86 15.12 17.51
CAB HEM F . -36.96 13.36 16.44
CBB HEM F . -38.18 12.95 16.21
C1C HEM F . -37.86 10.14 19.78
C2C HEM F . -38.82 9.05 19.70
C3C HEM F . -38.75 8.34 20.83
C4C HEM F . -37.73 8.98 21.69
CMC HEM F . -39.74 8.79 18.47
CAC HEM F . -39.64 7.12 21.19
CBC HEM F . -39.12 5.98 21.63
C1D HEM F . -36.25 9.01 23.68
C2D HEM F . -35.91 8.54 24.99
C3D HEM F . -34.68 9.30 25.41
C4D HEM F . -34.39 10.21 24.33
CMD HEM F . -36.69 7.45 25.82
CAD HEM F . -33.93 9.13 26.75
CBD HEM F . -32.77 8.15 26.45
CGD HEM F . -31.88 7.93 27.66
O1D HEM F . -31.94 8.73 28.63
O2D HEM F . -31.13 6.93 27.69
NA HEM F . -33.96 12.35 22.24
NB HEM F . -35.84 12.41 19.94
NC HEM F . -37.20 10.03 20.97
ND HEM F . -35.34 9.99 23.33
FE HEM F . -35.48 11.08 21.52
O1 VDY G . -36.89 12.50 22.85
O2 VDY G . -41.67 18.69 37.13
C1 VDY G . -37.14 15.43 23.48
C2 VDY G . -36.03 14.53 24.04
C3 VDY G . -36.51 13.05 24.13
C4 VDY G . -37.67 12.80 25.10
C5 VDY G . -38.57 14.00 25.07
C6 VDY G . -39.53 14.28 25.93
C7 VDY G . -40.07 13.84 27.18
C8 VDY G . -39.48 14.55 28.17
C9 VDY G . -38.34 15.50 27.85
C10 VDY G . -38.49 15.07 24.08
C11 VDY G . -37.34 15.64 29.01
C12 VDY G . -37.96 15.81 30.40
C13 VDY G . -39.49 15.70 30.41
C14 VDY G . -39.84 14.42 29.61
C15 VDY G . -41.35 14.25 29.86
C16 VDY G . -41.57 14.85 31.26
C17 VDY G . -40.19 15.36 31.72
C18 VDY G . -40.10 17.01 29.85
C19 VDY G . -39.60 15.76 23.79
C20 VDY G . -40.33 16.43 32.84
C21 VDY G . -38.99 17.01 33.30
C22 VDY G . -41.09 15.83 34.03
C23 VDY G . -41.26 16.79 35.21
C24 VDY G . -42.26 17.89 34.89
C25 VDY G . -42.65 18.78 36.06
C26 VDY G . -42.70 20.23 35.61
C27 VDY G . -44.01 18.33 36.61
CA CA H . -48.43 -12.14 24.54
CA CA I . -60.57 14.33 4.84
CA CA J . -13.16 22.70 12.75
C1 GOL K . -14.52 21.46 25.21
O1 GOL K . -13.72 22.16 26.13
C2 GOL K . -13.66 21.05 23.99
O2 GOL K . -12.68 20.10 24.37
C3 GOL K . -13.05 22.26 23.28
O3 GOL K . -12.34 21.78 22.13
C ACT L . -23.65 8.75 20.05
O ACT L . -23.61 9.97 19.75
OXT ACT L . -23.27 8.45 21.22
CH3 ACT L . -24.12 7.72 19.05
C1 GOL M . -45.56 -10.69 22.50
O1 GOL M . -44.34 -10.38 21.89
C2 GOL M . -45.29 -11.41 23.81
O2 GOL M . -46.31 -10.95 24.67
C3 GOL M . -45.33 -12.92 23.62
O3 GOL M . -46.66 -13.34 23.31
CHA HEM N . -17.55 -8.92 -22.49
CHB HEM N . -20.94 -8.86 -19.03
CHC HEM N . -17.46 -7.75 -15.81
CHD HEM N . -14.20 -7.17 -19.37
C1A HEM N . -18.77 -9.03 -21.84
C2A HEM N . -20.04 -9.42 -22.45
C3A HEM N . -20.97 -9.40 -21.48
C4A HEM N . -20.32 -9.00 -20.25
CMA HEM N . -22.47 -9.71 -21.54
CAA HEM N . -20.20 -9.78 -23.95
CBA HEM N . -20.77 -8.60 -24.72
CGA HEM N . -21.14 -9.02 -26.12
O1A HEM N . -20.84 -10.17 -26.50
O2A HEM N . -21.74 -8.21 -26.85
C1B HEM N . -20.31 -8.61 -17.84
C2B HEM N . -20.90 -8.67 -16.52
C3B HEM N . -19.94 -8.36 -15.65
C4B HEM N . -18.70 -8.10 -16.36
CMB HEM N . -22.37 -9.04 -16.15
CAB HEM N . -20.17 -8.34 -14.12
CBB HEM N . -19.17 -7.94 -13.37
C1C HEM N . -16.25 -7.51 -16.45
C2C HEM N . -14.97 -7.17 -15.83
C3C HEM N . -14.08 -7.00 -16.82
C4C HEM N . -14.74 -7.24 -18.09
CMC HEM N . -14.72 -7.04 -14.30
CAC HEM N . -12.58 -6.63 -16.63
CBC HEM N . -11.65 -7.12 -17.44
C1D HEM N . -14.80 -7.55 -20.56
C2D HEM N . -14.17 -7.51 -21.88
C3D HEM N . -15.21 -8.05 -22.85
C4D HEM N . -16.37 -8.39 -22.03
CMD HEM N . -12.74 -7.03 -22.20
CAD HEM N . -15.07 -8.24 -24.38
CBD HEM N . -14.58 -9.67 -24.60
CGD HEM N . -14.39 -9.88 -26.09
O1D HEM N . -14.93 -9.11 -26.90
O2D HEM N . -13.69 -10.83 -26.46
NA HEM N . -18.99 -8.80 -20.52
NB HEM N . -18.98 -8.24 -17.70
NC HEM N . -16.06 -7.51 -17.82
ND HEM N . -16.07 -8.07 -20.70
FE HEM N . -17.46 -8.31 -19.14
O1 VDY O . -18.19 -6.08 -19.70
O2 VDY O . -18.51 6.51 -30.22
C1 VDY O . -20.49 -4.46 -20.28
C2 VDY O . -19.88 -5.39 -21.32
C3 VDY O . -18.38 -5.58 -21.03
C4 VDY O . -17.56 -4.30 -21.23
C5 VDY O . -18.41 -3.11 -20.91
C6 VDY O . -18.20 -1.85 -21.27
C7 VDY O . -17.30 -1.04 -22.07
C8 VDY O . -17.90 -0.87 -23.27
C9 VDY O . -19.21 -1.58 -23.56
C10 VDY O . -19.67 -3.20 -20.16
C11 VDY O . -19.39 -1.86 -25.06
C12 VDY O . -19.03 -0.70 -26.00
C13 VDY O . -18.47 0.51 -25.26
C14 VDY O . -17.33 -0.02 -24.37
C15 VDY O . -16.57 1.22 -23.93
C16 VDY O . -16.79 2.24 -25.06
C17 VDY O . -17.71 1.56 -26.07
C18 VDY O . -19.60 1.19 -24.47
C19 VDY O . -20.10 -2.15 -19.45
C20 VDY O . -18.49 2.61 -26.90
C21 VDY O . -19.55 2.02 -27.84
C22 VDY O . -17.48 3.46 -27.68
C23 VDY O . -18.12 4.46 -28.65
C24 VDY O . -18.62 5.71 -27.93
C25 VDY O . -18.95 6.84 -28.90
C26 VDY O . -20.46 7.12 -28.95
C27 VDY O . -18.17 8.07 -28.46
C ACT P . -36.45 -6.25 -9.46
O ACT P . -36.77 -7.50 -9.46
OXT ACT P . -35.24 -5.90 -9.70
CH3 ACT P . -37.47 -5.18 -9.17
CHA HEM Q . 16.66 -12.53 -41.71
CHB HEM Q . 14.67 -16.77 -40.34
CHC HEM Q . 11.50 -16.48 -44.01
CHD HEM Q . 13.86 -12.58 -45.72
C1A HEM Q . 16.34 -13.68 -41.01
C2A HEM Q . 16.96 -14.10 -39.80
C3A HEM Q . 16.42 -15.26 -39.41
C4A HEM Q . 15.43 -15.63 -40.38
CMA HEM Q . 16.82 -16.07 -38.16
CAA HEM Q . 18.06 -13.35 -39.00
CBA HEM Q . 19.42 -13.90 -39.41
CGA HEM Q . 20.52 -13.25 -38.60
O1A HEM Q . 20.27 -12.31 -37.79
O2A HEM Q . 21.69 -13.65 -38.76
C1B HEM Q . 13.64 -17.04 -41.19
C2B HEM Q . 12.74 -18.17 -41.07
C3B HEM Q . 11.86 -18.11 -42.09
C4B HEM Q . 12.17 -16.93 -42.88
CMB HEM Q . 12.79 -19.23 -39.96
CAB HEM Q . 10.74 -19.17 -42.27
CBB HEM Q . 9.59 -18.90 -42.83
C1C HEM Q . 11.86 -15.40 -44.79
C2C HEM Q . 11.21 -14.97 -46.01
C3C HEM Q . 11.87 -13.89 -46.48
C4C HEM Q . 12.95 -13.61 -45.56
CMC HEM Q . 9.96 -15.64 -46.63
CAC HEM Q . 11.62 -13.09 -47.76
CBC HEM Q . 10.60 -12.25 -47.92
C1D HEM Q . 14.87 -12.23 -44.82
C2D HEM Q . 15.80 -11.16 -45.04
C3D HEM Q . 16.67 -11.12 -43.82
C4D HEM Q . 16.16 -12.17 -42.95
CMD HEM Q . 15.90 -10.27 -46.30
CAD HEM Q . 17.84 -10.15 -43.56
CBD HEM Q . 17.21 -9.05 -42.72
CGD HEM Q . 18.26 -8.03 -42.42
O1D HEM Q . 19.43 -8.40 -42.50
O2D HEM Q . 17.91 -6.88 -42.09
NA HEM Q . 15.39 -14.64 -41.36
NB HEM Q . 13.28 -16.33 -42.32
NC HEM Q . 12.92 -14.55 -44.53
ND HEM Q . 15.11 -12.81 -43.59
FE HEM Q . 14.08 -14.49 -42.90
O1 VDY R . 15.85 -15.95 -44.29
O2 VDY R . 30.82 -17.01 -50.82
C1 VDY R . 17.64 -17.95 -43.59
C2 VDY R . 17.85 -16.54 -43.04
C3 VDY R . 17.19 -15.53 -44.01
C4 VDY R . 17.92 -15.41 -45.35
C5 VDY R . 18.37 -16.78 -45.77
C6 VDY R . 19.15 -17.11 -46.78
C7 VDY R . 20.01 -16.53 -47.79
C8 VDY R . 21.22 -16.27 -47.24
C9 VDY R . 21.45 -16.46 -45.74
C10 VDY R . 17.96 -18.00 -45.08
C11 VDY R . 22.68 -15.72 -45.22
C12 VDY R . 23.90 -15.69 -46.16
C13 VDY R . 23.67 -16.32 -47.53
C14 VDY R . 22.35 -15.77 -48.07
C15 VDY R . 22.34 -16.25 -49.52
C16 VDY R . 23.81 -16.28 -49.92
C17 VDY R . 24.62 -15.90 -48.66
C18 VDY R . 23.69 -17.88 -47.40
C19 VDY R . 17.94 -19.16 -45.76
C20 VDY R . 26.09 -16.38 -48.72
C21 VDY R . 26.87 -16.18 -47.40
C22 VDY R . 26.78 -15.68 -49.91
C23 VDY R . 28.22 -16.08 -50.25
C24 VDY R . 28.42 -17.58 -50.43
C25 VDY R . 29.79 -17.98 -51.03
C26 VDY R . 30.26 -19.25 -50.33
C27 VDY R . 29.66 -18.19 -52.53
CA CA S . 4.39 0.55 -63.34
C ACT T . 4.04 1.16 -60.46
O ACT T . 5.13 0.70 -60.92
OXT ACT T . 3.40 1.97 -61.22
CH3 ACT T . 3.54 0.71 -59.12
C ACT U . 12.70 -8.46 -32.43
O ACT U . 13.74 -7.82 -32.77
OXT ACT U . 12.90 -9.40 -31.63
CH3 ACT U . 11.33 -8.11 -32.95
CHA HEM V . -0.66 12.74 33.72
CHB HEM V . 1.98 14.41 29.97
CHC HEM V . 5.42 16.00 33.05
CHD HEM V . 3.10 13.78 36.70
C1A HEM V . -0.26 13.08 32.45
C2A HEM V . -1.06 12.92 31.25
C3A HEM V . -0.31 13.36 30.21
C4A HEM V . 0.96 13.85 30.72
CMA HEM V . -0.68 13.38 28.73
CAA HEM V . -2.47 12.31 31.20
CBA HEM V . -2.36 10.82 30.82
CGA HEM V . -3.73 10.22 30.62
O1A HEM V . -4.78 10.85 30.90
O2A HEM V . -3.74 9.05 30.21
C1B HEM V . 3.12 15.01 30.48
C2B HEM V . 4.10 15.75 29.74
C3B HEM V . 5.03 16.24 30.59
C4B HEM V . 4.70 15.77 31.90
CMB HEM V . 3.99 15.98 28.22
CAB HEM V . 6.31 17.06 30.28
CBB HEM V . 6.47 17.83 29.19
C1C HEM V . 5.11 15.56 34.32
C2C HEM V . 5.86 15.76 35.53
C3C HEM V . 5.22 15.13 36.52
C4C HEM V . 4.02 14.53 35.98
CMC HEM V . 7.19 16.54 35.66
CAC HEM V . 5.66 15.07 37.99
CBC HEM V . 4.90 15.66 38.89
C1D HEM V . 1.90 13.27 36.23
C2D HEM V . 0.99 12.50 37.04
C3D HEM V . -0.18 12.20 36.13
C4D HEM V . 0.15 12.80 34.83
CMD HEM V . 1.12 12.08 38.53
CAD HEM V . -1.41 11.39 36.50
CBD HEM V . -2.51 12.40 36.88
CGD HEM V . -3.77 11.70 37.26
O1D HEM V . -3.92 10.49 36.92
O2D HEM V . -4.60 12.36 37.94
NA HEM V . 0.95 13.66 32.09
NB HEM V . 3.51 15.03 31.80
NC HEM V . 3.99 14.81 34.65
ND HEM V . 1.38 13.42 34.93
FE HEM V . 2.35 14.40 33.42
O1 VDY W . 3.17 12.00 32.97
O2 VDY W . 3.09 -4.12 33.81
C1 VDY W . 3.49 10.26 30.71
C2 VDY W . 2.17 10.38 31.47
C3 VDY W . 2.40 10.79 32.92
C4 VDY W . 3.12 9.73 33.74
C5 VDY W . 4.13 9.04 32.87
C6 VDY W . 4.74 7.89 33.13
C7 VDY W . 4.69 6.86 34.15
C8 VDY W . 3.78 5.92 33.83
C9 VDY W . 2.92 6.15 32.60
C10 VDY W . 4.54 9.56 31.57
C11 VDY W . 1.59 5.42 32.72
C12 VDY W . 1.71 3.94 33.12
C13 VDY W . 3.08 3.56 33.66
C14 VDY W . 3.53 4.67 34.63
C15 VDY W . 4.71 4.03 35.37
C16 VDY W . 4.48 2.50 35.31
C17 VDY W . 3.14 2.33 34.58
C18 VDY W . 4.10 3.40 32.49
C19 VDY W . 5.77 9.33 31.13
C20 VDY W . 2.92 0.92 33.99
C21 VDY W . 1.73 0.80 33.06
C22 VDY W . 2.76 -0.10 35.11
C23 VDY W . 2.81 -1.54 34.59
C24 VDY W . 4.24 -2.07 34.48
C25 VDY W . 4.32 -3.60 34.34
C26 VDY W . 5.43 -3.95 33.37
C27 VDY W . 4.57 -4.30 35.68
CA CA X . 9.37 17.98 58.80
C ACT Y . -7.82 20.57 31.18
O ACT Y . -8.41 19.66 31.80
OXT ACT Y . -7.82 20.49 29.93
CH3 ACT Y . -7.13 21.73 31.85
CHA HEM Z . 39.48 1.39 16.11
CHB HEM Z . 36.72 -1.63 13.41
CHC HEM Z . 37.19 1.28 9.58
CHD HEM Z . 40.45 3.95 12.02
C1A HEM Z . 38.63 0.35 15.74
C2A HEM Z . 38.12 -0.70 16.60
C3A HEM Z . 37.35 -1.50 15.85
C4A HEM Z . 37.38 -1.03 14.49
CMA HEM Z . 36.60 -2.77 16.31
CAA HEM Z . 38.43 -0.83 18.12
CBA HEM Z . 39.64 -1.72 18.36
CGA HEM Z . 39.78 -2.03 19.84
O1A HEM Z . 39.09 -1.35 20.65
O2A HEM Z . 40.57 -2.94 20.25
C1B HEM Z . 36.58 -1.12 12.16
C2B HEM Z . 35.73 -1.61 11.11
C3B HEM Z . 35.88 -0.85 10.06
C4B HEM Z . 36.78 0.23 10.38
CMB HEM Z . 34.81 -2.84 11.15
CAB HEM Z . 35.07 -1.11 8.76
CBB HEM Z . 35.43 -0.52 7.65
C1C HEM Z . 38.11 2.26 9.90
C2C HEM Z . 38.59 3.29 9.01
C3C HEM Z . 39.48 4.02 9.67
C4C HEM Z . 39.61 3.49 11.01
CMC HEM Z . 38.15 3.56 7.54
CAC HEM Z . 40.22 5.23 9.04
CBC HEM Z . 40.14 6.40 9.64
C1D HEM Z . 40.51 3.48 13.32
C2D HEM Z . 41.40 4.01 14.32
C3D HEM Z . 41.12 3.23 15.59
C4D HEM Z . 40.06 2.29 15.26
CMD HEM Z . 42.45 5.14 14.07
CAD HEM Z . 41.79 3.41 16.94
CBD HEM Z . 40.89 4.34 17.77
CGD HEM Z . 41.45 4.56 19.15
O1D HEM Z . 42.26 3.73 19.63
O2D HEM Z . 41.07 5.57 19.80
NA HEM Z . 38.17 0.10 14.46
NB HEM Z . 37.22 0.00 11.67
NC HEM Z . 38.76 2.41 11.12
ND HEM Z . 39.73 2.50 13.92
FE HEM Z . 38.34 1.39 12.78
O1 VDY AA . 40.22 -0.10 12.38
O2 VDY AA . 54.93 -5.92 16.45
C1 VDY AA . 41.00 -2.87 12.64
C2 VDY AA . 40.98 -1.91 13.81
C3 VDY AA . 41.22 -0.46 13.36
C4 VDY AA . 42.62 -0.22 12.78
C5 VDY AA . 43.12 -1.50 12.17
C6 VDY AA . 44.37 -1.87 11.94
C7 VDY AA . 45.73 -1.43 12.14
C8 VDY AA . 46.23 -2.00 13.26
C9 VDY AA . 45.31 -2.86 14.11
C10 VDY AA . 42.23 -2.59 11.79
C11 VDY AA . 45.77 -3.06 15.57
C12 VDY AA . 47.29 -3.16 15.77
C13 VDY AA . 48.09 -3.07 14.47
C14 VDY AA . 47.65 -1.82 13.71
C15 VDY AA . 48.70 -1.64 12.62
C16 VDY AA . 49.95 -2.35 13.16
C17 VDY AA . 49.59 -2.76 14.59
C18 VDY AA . 47.91 -4.37 13.63
C19 VDY AA . 42.58 -3.36 10.75
C20 VDY AA . 50.54 -3.82 15.18
C21 VDY AA . 50.05 -4.42 16.51
C22 VDY AA . 51.93 -3.21 15.27
C23 VDY AA . 52.99 -4.20 15.75
C24 VDY AA . 53.70 -4.88 14.58
C25 VDY AA . 54.81 -5.85 15.01
C26 VDY AA . 54.46 -7.25 14.53
C27 VDY AA . 56.15 -5.41 14.45
CA CA BA . 48.88 24.91 3.15
C ACT CA . 46.30 24.66 5.01
O ACT CA . 47.26 23.88 5.30
OXT ACT CA . 46.59 25.86 4.69
CH3 ACT CA . 44.89 24.12 4.99
C ACT DA . 30.35 3.68 21.65
O ACT DA . 31.29 3.99 22.43
OXT ACT DA . 29.82 2.57 21.85
CH3 ACT DA . 29.86 4.61 20.57
#